data_6VZ9
#
_entry.id   6VZ9
#
_cell.length_a   100.961
_cell.length_b   102.104
_cell.length_c   126.379
_cell.angle_alpha   90.000
_cell.angle_beta   106.350
_cell.angle_gamma   90.000
#
_symmetry.space_group_name_H-M   'P 1 21 1'
#
loop_
_entity.id
_entity.type
_entity.pdbx_description
1 polymer 'Bifunctional protein PutA'
2 non-polymer 'FLAVIN-ADENINE DINUCLEOTIDE'
3 non-polymer NICOTINAMIDE-ADENINE-DINUCLEOTIDE
4 non-polymer 'MAGNESIUM ION'
5 non-polymer '(2S)-1,3-thiazolidine-2-carboxylic acid'
6 non-polymer DI(HYDROXYETHYL)ETHER
7 non-polymer 'SULFATE ION'
8 non-polymer 'TRIETHYLENE GLYCOL'
9 water water
#
_entity_poly.entity_id   1
_entity_poly.type   'polypeptide(L)'
_entity_poly.pdbx_seq_one_letter_code
;SMMSPNPLQKPAIDAAPAPFADFAPPVRPQSTLRRAITAAYRRPETECLPPLVEAATQSKEIRDAAASTARKLIEALRGK
HSGSGVEGLVQEYSLSSQEGVALMCLAEALLRIPDTATRDALIRDKIADGNWKSHLGGSRSLFVNAATWGLVVTGKLTST
VNDRSLAAALTRLISRCGEPVIRRGVDMAMRMMGEQFVTGETIREALKRSKELEEKGFSYSYDMLGEAATTAADAERYYR
DYESAIHAIGKASAGRGIYEGPGISIKLSALHPRYSRAQAARVMGELLPRVKALALLAKNYDIGLNIDAEEADRLELSLD
LLEVLCLDGDLSGWNGMGFVVQAYGKRCPFVLDFIIDLARRSGRRIMVRLVKGAYWDAEIKRAQLDGLADFPVFTRKIHT
DVSYIACAAKLLAATDVVFPQFATHNAQTLAAIYHMAGKDFHVGKYEFQCLHGMGEPLYEEVVGRGKLDRPCRIYAPVGT
HETLLAYLVRRLLENGANSSFVHRINDPKVSIDELIADPVEVVRAMPVVGAKHDRIALPAELFGDARTNSAGLDLSNEET
LASLTEALRESAAMKWTALPQLATGPAAGETRTVLNPGDHRDVVGSVTETSEEDARRAVRLAADAAPDWAAVPPSERAAC
LDRAAELMQARMPTLLGLIIREAGKSALNAIAEVREAIDFLRYYAEQTRRTLGPGHGPLGPIVCISPWNFPLAIFTGQIA
AALVAGNPVLAKPAEETPLIAAEGVRILREAGIPASALQLLPGDGRVGAALVAAAETAGVMFTGSTEVARLIQAQLADRL
SPAGRPIPLIAETGGQNAMIVDSSALAEQVVGDVITSAFDSAGQRCSALRVLCLQEDVADRILTMLKGALHELHIGRTDR
LSVDVGPVITSEAKDNIEKHIERMRGLGRKVEQIGLASETGVGTFVPPTIIELEKLSDLQREVFGPVLHVIRYRRDDLDR
LVDDVNATGYGLTFGLHTRLDETIAHVTSRIKAGNLYINRNIIGAVVGVQPFGGRGLSGTGPKAGGPLYLGRLVTTAPVP
PQHSSVHTDPVLLDFAKWLDGKGARAEAEAARNAGSSSALGLDLELPGPVGERNLYTLHARGRILLVPATESGLYHQLAA
ALATGNSVAIDAASGLQASLKNLPQTVGLRVSWSKDWAADGPFAGALVEGDAERIRAVNKAIAALPGPLLLVQAASSGEI
ARNPDAYCLNWLVEEVSASINTAAAGGNASLMAIG
;
_entity_poly.pdbx_strand_id   A,B
#
loop_
_chem_comp.id
_chem_comp.type
_chem_comp.name
_chem_comp.formula
FAD non-polymer 'FLAVIN-ADENINE DINUCLEOTIDE' 'C27 H33 N9 O15 P2'
MG non-polymer 'MAGNESIUM ION' 'Mg 2'
NAD non-polymer NICOTINAMIDE-ADENINE-DINUCLEOTIDE 'C21 H27 N7 O14 P2'
PEG non-polymer DI(HYDROXYETHYL)ETHER 'C4 H10 O3'
PGE non-polymer 'TRIETHYLENE GLYCOL' 'C6 H14 O4'
SO4 non-polymer 'SULFATE ION' 'O4 S -2'
T2C non-polymer '(2S)-1,3-thiazolidine-2-carboxylic acid' 'C4 H7 N O2 S'
#
# COMPACT_ATOMS: atom_id res chain seq x y z
N ALA A 16 -21.49 -5.81 -56.68
CA ALA A 16 -21.10 -6.02 -55.28
C ALA A 16 -19.58 -6.13 -55.15
N PRO A 17 -18.99 -5.30 -54.31
CA PRO A 17 -17.53 -5.35 -54.13
C PRO A 17 -17.09 -6.69 -53.57
N ALA A 18 -16.00 -7.22 -54.12
CA ALA A 18 -15.43 -8.46 -53.63
C ALA A 18 -14.97 -8.26 -52.17
N PRO A 19 -15.19 -9.24 -51.30
CA PRO A 19 -14.84 -9.06 -49.89
C PRO A 19 -13.36 -8.85 -49.71
N PHE A 20 -13.01 -7.82 -48.95
CA PHE A 20 -11.65 -7.49 -48.55
C PHE A 20 -10.79 -7.07 -49.74
N ALA A 21 -11.41 -6.83 -50.91
CA ALA A 21 -10.65 -6.39 -52.06
C ALA A 21 -9.99 -5.03 -51.85
N ASP A 22 -10.48 -4.24 -50.90
CA ASP A 22 -9.93 -2.91 -50.64
C ASP A 22 -9.67 -2.73 -49.14
N PHE A 23 -9.22 -3.80 -48.49
CA PHE A 23 -9.17 -3.80 -47.04
C PHE A 23 -8.25 -2.71 -46.51
N ALA A 24 -6.98 -2.72 -46.92
CA ALA A 24 -6.02 -1.75 -46.38
C ALA A 24 -4.86 -1.52 -47.33
N PRO A 25 -5.11 -1.12 -48.57
CA PRO A 25 -4.02 -0.90 -49.51
C PRO A 25 -3.11 0.20 -49.00
N PRO A 26 -1.80 0.01 -49.10
CA PRO A 26 -0.88 1.07 -48.67
C PRO A 26 -1.00 2.31 -49.54
N VAL A 27 -0.62 3.45 -48.95
CA VAL A 27 -0.59 4.72 -49.68
C VAL A 27 0.18 4.59 -50.97
N ARG A 28 1.31 3.90 -50.93
CA ARG A 28 2.18 3.72 -52.08
C ARG A 28 2.84 2.35 -51.96
N PRO A 29 3.30 1.78 -53.06
CA PRO A 29 4.08 0.54 -52.95
C PRO A 29 5.29 0.77 -52.05
N GLN A 30 5.58 -0.21 -51.20
CA GLN A 30 6.63 -0.07 -50.21
C GLN A 30 7.99 -0.33 -50.87
N SER A 31 8.82 0.70 -50.93
CA SER A 31 10.18 0.58 -51.44
C SER A 31 11.01 -0.35 -50.55
N THR A 32 12.17 -0.77 -51.07
CA THR A 32 13.11 -1.54 -50.26
C THR A 32 13.43 -0.80 -48.96
N LEU A 33 13.64 0.50 -49.03
CA LEU A 33 13.98 1.26 -47.83
C LEU A 33 12.80 1.33 -46.87
N ARG A 34 11.58 1.53 -47.40
CA ARG A 34 10.41 1.51 -46.52
C ARG A 34 10.22 0.14 -45.88
N ARG A 35 10.45 -0.93 -46.64
CA ARG A 35 10.24 -2.26 -46.09
C ARG A 35 11.22 -2.58 -44.97
N ALA A 36 12.45 -2.07 -45.08
CA ALA A 36 13.42 -2.26 -44.01
C ALA A 36 12.99 -1.55 -42.74
N ILE A 37 12.31 -0.40 -42.88
CA ILE A 37 11.74 0.24 -41.70
C ILE A 37 10.71 -0.66 -41.06
N THR A 38 9.73 -1.11 -41.84
CA THR A 38 8.66 -1.93 -41.29
C THR A 38 9.21 -3.19 -40.65
N ALA A 39 10.25 -3.78 -41.27
CA ALA A 39 10.80 -5.02 -40.74
C ALA A 39 11.35 -4.85 -39.32
N ALA A 40 11.77 -3.63 -38.96
CA ALA A 40 12.38 -3.37 -37.66
C ALA A 40 11.37 -2.98 -36.59
N TYR A 41 10.09 -2.91 -36.93
CA TYR A 41 9.08 -2.29 -36.07
C TYR A 41 9.16 -2.83 -34.63
N ARG A 42 9.16 -4.14 -34.48
CA ARG A 42 9.17 -4.74 -33.15
C ARG A 42 10.29 -5.76 -33.03
N ARG A 43 11.42 -5.47 -33.67
CA ARG A 43 12.58 -6.35 -33.65
C ARG A 43 13.06 -6.58 -32.22
N PRO A 44 13.40 -7.81 -31.84
CA PRO A 44 13.91 -8.06 -30.49
C PRO A 44 15.05 -7.11 -30.13
N GLU A 45 15.00 -6.61 -28.89
CA GLU A 45 15.97 -5.63 -28.42
C GLU A 45 17.41 -6.15 -28.56
N THR A 46 17.63 -7.43 -28.28
CA THR A 46 18.97 -8.01 -28.43
C THR A 46 19.48 -7.95 -29.87
N GLU A 47 18.58 -7.92 -30.85
CA GLU A 47 19.01 -7.83 -32.25
C GLU A 47 19.27 -6.39 -32.69
N CYS A 48 18.59 -5.43 -32.07
CA CYS A 48 18.75 -4.03 -32.47
C CYS A 48 20.09 -3.46 -32.03
N LEU A 49 20.58 -3.86 -30.86
CA LEU A 49 21.69 -3.12 -30.26
C LEU A 49 23.05 -3.35 -30.91
N PRO A 50 23.44 -4.57 -31.27
CA PRO A 50 24.81 -4.79 -31.80
C PRO A 50 25.15 -3.86 -32.95
N PRO A 51 24.28 -3.68 -33.96
CA PRO A 51 24.63 -2.72 -35.02
C PRO A 51 24.77 -1.29 -34.51
N LEU A 52 23.94 -0.91 -33.53
CA LEU A 52 24.03 0.45 -33.00
C LEU A 52 25.33 0.65 -32.24
N VAL A 53 25.74 -0.35 -31.44
CA VAL A 53 27.03 -0.28 -30.75
C VAL A 53 28.17 -0.11 -31.75
N GLU A 54 28.12 -0.86 -32.85
CA GLU A 54 29.17 -0.72 -33.87
C GLU A 54 29.18 0.68 -34.47
N ALA A 55 28.00 1.20 -34.83
CA ALA A 55 27.92 2.52 -35.46
C ALA A 55 28.36 3.63 -34.51
N ALA A 56 28.14 3.45 -33.21
CA ALA A 56 28.38 4.51 -32.24
C ALA A 56 29.79 4.49 -31.67
N THR A 57 30.63 3.55 -32.09
CA THR A 57 31.96 3.42 -31.55
C THR A 57 32.84 4.59 -31.98
N GLN A 58 33.65 5.12 -31.05
CA GLN A 58 34.59 6.17 -31.37
C GLN A 58 35.95 5.83 -30.78
N SER A 59 37.00 6.48 -31.28
CA SER A 59 38.36 6.20 -30.84
C SER A 59 38.51 6.50 -29.36
N LYS A 60 39.48 5.81 -28.73
CA LYS A 60 39.75 6.07 -27.31
C LYS A 60 40.06 7.53 -27.08
N GLU A 61 40.82 8.15 -27.99
CA GLU A 61 41.12 9.57 -27.89
C GLU A 61 39.85 10.41 -27.86
N ILE A 62 38.89 10.09 -28.74
CA ILE A 62 37.65 10.86 -28.78
C ILE A 62 36.81 10.62 -27.54
N ARG A 63 36.74 9.37 -27.08
CA ARG A 63 35.96 9.08 -25.87
C ARG A 63 36.54 9.81 -24.66
N ASP A 64 37.87 9.86 -24.55
CA ASP A 64 38.48 10.63 -23.48
C ASP A 64 38.20 12.12 -23.64
N ALA A 65 38.34 12.65 -24.86
CA ALA A 65 38.05 14.07 -25.07
C ALA A 65 36.57 14.37 -24.81
N ALA A 66 35.68 13.44 -25.19
CA ALA A 66 34.27 13.66 -24.94
C ALA A 66 33.97 13.68 -23.45
N ALA A 67 34.53 12.71 -22.72
CA ALA A 67 34.31 12.66 -21.27
C ALA A 67 34.79 13.94 -20.60
N SER A 68 35.91 14.48 -21.06
CA SER A 68 36.42 15.73 -20.49
C SER A 68 35.47 16.88 -20.79
N THR A 69 35.01 16.99 -22.04
CA THR A 69 34.02 18.01 -22.38
C THR A 69 32.75 17.85 -21.56
N ALA A 70 32.26 16.62 -21.44
CA ALA A 70 31.03 16.38 -20.68
C ALA A 70 31.23 16.74 -19.21
N ARG A 71 32.38 16.38 -18.63
CA ARG A 71 32.65 16.76 -17.25
C ARG A 71 32.64 18.28 -17.08
N LYS A 72 33.28 18.99 -18.02
CA LYS A 72 33.33 20.44 -17.94
C LYS A 72 31.94 21.06 -18.05
N LEU A 73 31.10 20.56 -18.96
CA LEU A 73 29.73 21.03 -19.05
C LEU A 73 28.96 20.76 -17.76
N ILE A 74 29.13 19.57 -17.19
CA ILE A 74 28.36 19.19 -16.02
C ILE A 74 28.84 19.98 -14.80
N GLU A 75 30.15 20.21 -14.69
CA GLU A 75 30.65 21.03 -13.59
C GLU A 75 30.09 22.45 -13.66
N ALA A 76 30.05 23.03 -14.85
CA ALA A 76 29.45 24.36 -14.98
C ALA A 76 27.96 24.33 -14.67
N LEU A 77 27.25 23.29 -15.13
CA LEU A 77 25.83 23.18 -14.85
C LEU A 77 25.58 23.13 -13.34
N ARG A 78 26.34 22.31 -12.63
CA ARG A 78 26.13 22.16 -11.20
C ARG A 78 26.63 23.36 -10.41
N GLY A 79 27.56 24.13 -10.97
CA GLY A 79 28.12 25.27 -10.30
C GLY A 79 27.18 26.45 -10.23
N LYS A 80 26.43 26.69 -11.30
CA LYS A 80 25.44 27.76 -11.34
C LYS A 80 24.05 27.29 -10.95
N HIS A 81 23.90 26.00 -10.61
CA HIS A 81 22.61 25.42 -10.26
C HIS A 81 22.07 26.03 -8.98
N SER A 82 21.24 27.06 -9.11
CA SER A 82 20.59 27.68 -7.96
C SER A 82 19.25 26.99 -7.68
N GLY A 83 18.68 27.29 -6.52
CA GLY A 83 17.39 26.74 -6.18
C GLY A 83 16.27 27.33 -7.00
N SER A 84 15.26 26.52 -7.28
CA SER A 84 14.14 26.98 -8.08
C SER A 84 13.32 28.02 -7.31
N GLY A 85 12.51 28.77 -8.04
CA GLY A 85 11.64 29.74 -7.40
C GLY A 85 10.61 29.09 -6.50
N VAL A 86 10.03 27.99 -6.95
CA VAL A 86 9.05 27.28 -6.12
C VAL A 86 9.71 26.72 -4.88
N GLU A 87 10.91 26.14 -5.03
CA GLU A 87 11.63 25.62 -3.86
C GLU A 87 11.93 26.72 -2.86
N GLY A 88 12.30 27.91 -3.34
CA GLY A 88 12.54 29.02 -2.44
C GLY A 88 11.26 29.52 -1.78
N LEU A 89 10.13 29.43 -2.48
CA LEU A 89 8.85 29.82 -1.90
C LEU A 89 8.45 28.85 -0.80
N VAL A 90 8.53 27.55 -1.08
CA VAL A 90 8.29 26.51 -0.08
C VAL A 90 9.17 26.75 1.14
N GLN A 91 10.45 27.07 0.93
CA GLN A 91 11.36 27.29 2.05
C GLN A 91 10.95 28.51 2.87
N GLU A 92 10.66 29.62 2.18
CA GLU A 92 10.42 30.88 2.89
C GLU A 92 9.21 30.78 3.81
N TYR A 93 8.16 30.10 3.36
CA TYR A 93 6.93 30.00 4.14
C TYR A 93 6.76 28.64 4.80
N SER A 94 7.80 27.83 4.82
CA SER A 94 7.80 26.52 5.48
C SER A 94 6.63 25.66 5.02
N LEU A 95 6.37 25.66 3.72
CA LEU A 95 5.23 24.96 3.17
C LEU A 95 5.52 23.46 3.10
N SER A 96 4.51 22.67 3.44
CA SER A 96 4.53 21.27 3.08
C SER A 96 4.36 21.12 1.57
N SER A 97 4.55 19.91 1.08
CA SER A 97 4.37 19.66 -0.36
C SER A 97 2.93 19.93 -0.77
N GLN A 98 1.97 19.46 0.01
CA GLN A 98 0.57 19.69 -0.35
C GLN A 98 0.24 21.17 -0.31
N GLU A 99 0.80 21.91 0.67
CA GLU A 99 0.59 23.35 0.69
C GLU A 99 1.19 24.01 -0.54
N GLY A 100 2.39 23.63 -0.93
CA GLY A 100 2.98 24.18 -2.14
C GLY A 100 2.12 23.92 -3.35
N VAL A 101 1.64 22.68 -3.50
CA VAL A 101 0.76 22.34 -4.62
C VAL A 101 -0.52 23.15 -4.54
N ALA A 102 -1.14 23.20 -3.37
CA ALA A 102 -2.41 23.92 -3.23
C ALA A 102 -2.22 25.40 -3.56
N LEU A 103 -1.11 25.97 -3.09
CA LEU A 103 -0.80 27.37 -3.39
C LEU A 103 -0.69 27.59 -4.89
N MET A 104 0.00 26.70 -5.59
CA MET A 104 0.15 26.92 -7.03
C MET A 104 -1.18 26.75 -7.75
N CYS A 105 -2.03 25.85 -7.27
CA CYS A 105 -3.37 25.73 -7.84
C CYS A 105 -4.18 27.01 -7.62
N LEU A 106 -4.10 27.58 -6.41
CA LEU A 106 -4.78 28.84 -6.15
C LEU A 106 -4.25 29.94 -7.05
N ALA A 107 -2.93 30.01 -7.21
CA ALA A 107 -2.33 31.05 -8.04
C ALA A 107 -2.79 30.89 -9.48
N GLU A 108 -2.79 29.65 -9.99
CA GLU A 108 -3.34 29.37 -11.31
C GLU A 108 -4.74 29.96 -11.48
N ALA A 109 -5.61 29.72 -10.48
CA ALA A 109 -6.99 30.19 -10.56
C ALA A 109 -7.08 31.70 -10.50
N LEU A 110 -6.28 32.32 -9.63
CA LEU A 110 -6.25 33.78 -9.56
C LEU A 110 -5.79 34.39 -10.88
N LEU A 111 -4.86 33.73 -11.58
CA LEU A 111 -4.42 34.22 -12.88
C LEU A 111 -5.45 34.02 -13.98
N ARG A 112 -6.49 33.20 -13.75
CA ARG A 112 -7.61 33.17 -14.67
C ARG A 112 -8.47 34.43 -14.58
N ILE A 113 -8.26 35.26 -13.57
CA ILE A 113 -8.89 36.57 -13.48
C ILE A 113 -8.07 37.54 -14.31
N PRO A 114 -8.61 38.04 -15.43
CA PRO A 114 -7.75 38.82 -16.35
C PRO A 114 -7.28 40.15 -15.79
N ASP A 115 -8.17 40.91 -15.15
CA ASP A 115 -7.78 42.24 -14.69
C ASP A 115 -6.88 42.14 -13.47
N THR A 116 -5.74 42.83 -13.53
CA THR A 116 -4.78 42.78 -12.42
C THR A 116 -5.34 43.44 -11.17
N ALA A 117 -5.97 44.61 -11.31
CA ALA A 117 -6.54 45.28 -10.15
C ALA A 117 -7.68 44.47 -9.54
N THR A 118 -8.48 43.81 -10.38
CA THR A 118 -9.56 42.99 -9.87
C THR A 118 -9.03 41.80 -9.09
N ARG A 119 -7.99 41.15 -9.63
CA ARG A 119 -7.38 40.02 -8.95
C ARG A 119 -6.83 40.43 -7.58
N ASP A 120 -6.15 41.58 -7.52
CA ASP A 120 -5.52 42.01 -6.29
C ASP A 120 -6.54 42.37 -5.22
N ALA A 121 -7.69 42.92 -5.63
CA ALA A 121 -8.76 43.18 -4.66
C ALA A 121 -9.34 41.88 -4.12
N LEU A 122 -9.54 40.89 -4.99
CA LEU A 122 -10.03 39.60 -4.53
C LEU A 122 -9.05 38.98 -3.53
N ILE A 123 -7.74 39.05 -3.83
CA ILE A 123 -6.74 38.52 -2.91
C ILE A 123 -6.77 39.28 -1.59
N ARG A 124 -6.72 40.61 -1.65
CA ARG A 124 -6.59 41.41 -0.43
C ARG A 124 -7.86 41.35 0.42
N ASP A 125 -9.03 41.39 -0.20
CA ASP A 125 -10.28 41.55 0.55
C ASP A 125 -11.05 40.26 0.77
N LYS A 126 -10.76 39.21 0.00
CA LYS A 126 -11.57 38.01 0.08
C LYS A 126 -10.73 36.75 0.35
N ILE A 127 -9.72 36.51 -0.48
CA ILE A 127 -8.93 35.29 -0.35
C ILE A 127 -8.14 35.29 0.95
N ALA A 128 -7.38 36.37 1.19
CA ALA A 128 -6.53 36.42 2.36
C ALA A 128 -7.33 36.34 3.66
N ASP A 129 -8.58 36.82 3.63
CA ASP A 129 -9.45 36.80 4.80
C ASP A 129 -10.23 35.49 4.89
N GLY A 130 -9.46 34.40 4.89
CA GLY A 130 -10.03 33.08 5.13
C GLY A 130 -10.70 32.45 3.94
N ASN A 131 -12.03 32.56 3.89
CA ASN A 131 -12.87 31.79 2.96
C ASN A 131 -12.46 31.99 1.50
N TRP A 132 -11.52 31.16 1.03
CA TRP A 132 -11.19 31.11 -0.39
C TRP A 132 -12.21 30.30 -1.17
N LYS A 133 -12.84 29.32 -0.52
CA LYS A 133 -13.79 28.46 -1.21
C LYS A 133 -14.99 29.25 -1.72
N SER A 134 -15.40 30.28 -0.97
CA SER A 134 -16.52 31.11 -1.40
C SER A 134 -16.25 31.75 -2.76
N HIS A 135 -14.99 32.08 -3.05
CA HIS A 135 -14.64 32.75 -4.28
C HIS A 135 -13.83 31.81 -5.18
N SER A 139 -17.81 25.70 -9.71
CA SER A 139 -18.10 24.87 -10.88
C SER A 139 -16.91 24.01 -11.29
N ARG A 140 -15.71 24.40 -10.84
CA ARG A 140 -14.47 23.76 -11.25
C ARG A 140 -13.53 23.77 -10.06
N SER A 141 -13.14 22.58 -9.59
CA SER A 141 -12.21 22.49 -8.48
C SER A 141 -10.98 23.35 -8.73
N LEU A 142 -10.55 24.05 -7.68
CA LEU A 142 -9.29 24.77 -7.74
C LEU A 142 -8.13 23.86 -8.14
N PHE A 143 -8.27 22.56 -7.87
CA PHE A 143 -7.17 21.63 -7.90
C PHE A 143 -7.20 20.73 -9.13
N VAL A 144 -7.91 21.13 -10.19
CA VAL A 144 -8.05 20.30 -11.39
C VAL A 144 -6.69 19.92 -11.96
N ASN A 145 -5.73 20.86 -11.94
CA ASN A 145 -4.40 20.58 -12.49
C ASN A 145 -3.37 20.29 -11.42
N ALA A 146 -3.80 19.78 -10.26
CA ALA A 146 -2.85 19.59 -9.17
C ALA A 146 -1.79 18.53 -9.48
N ALA A 147 -2.11 17.55 -10.35
CA ALA A 147 -1.10 16.56 -10.70
C ALA A 147 0.09 17.22 -11.37
N THR A 148 -0.19 18.22 -12.21
CA THR A 148 0.89 18.96 -12.86
C THR A 148 1.69 19.76 -11.84
N TRP A 149 1.00 20.55 -11.00
CA TRP A 149 1.72 21.31 -9.99
C TRP A 149 2.41 20.39 -9.00
N GLY A 150 1.84 19.20 -8.76
CA GLY A 150 2.55 18.22 -7.96
C GLY A 150 3.89 17.84 -8.55
N LEU A 151 3.95 17.69 -9.89
CA LEU A 151 5.23 17.43 -10.52
C LEU A 151 6.19 18.59 -10.30
N VAL A 152 5.70 19.82 -10.41
CA VAL A 152 6.55 21.00 -10.22
C VAL A 152 7.08 21.04 -8.79
N VAL A 153 6.22 20.79 -7.81
CA VAL A 153 6.61 20.97 -6.41
C VAL A 153 7.44 19.80 -5.90
N THR A 154 7.03 18.57 -6.23
CA THR A 154 7.64 17.38 -5.65
C THR A 154 8.51 16.59 -6.62
N GLY A 155 8.42 16.85 -7.92
CA GLY A 155 9.10 16.01 -8.89
C GLY A 155 8.44 14.68 -9.15
N LYS A 156 7.35 14.37 -8.44
CA LYS A 156 6.66 13.09 -8.55
C LYS A 156 5.26 13.30 -9.11
N LEU A 157 4.80 12.32 -9.89
CA LEU A 157 3.48 12.35 -10.50
C LEU A 157 2.52 11.52 -9.65
N THR A 158 1.46 12.16 -9.16
CA THR A 158 0.34 11.48 -8.54
C THR A 158 -0.83 11.56 -9.52
N SER A 159 -1.37 10.38 -9.91
CA SER A 159 -2.26 10.32 -11.06
C SER A 159 -3.59 11.05 -10.81
N THR A 160 -4.12 10.98 -9.59
CA THR A 160 -5.32 11.72 -9.24
C THR A 160 -5.02 12.68 -8.11
N VAL A 161 -5.96 13.58 -7.85
CA VAL A 161 -5.78 14.73 -6.99
C VAL A 161 -6.48 14.45 -5.66
N ASN A 162 -5.75 14.53 -4.55
CA ASN A 162 -6.42 14.43 -3.26
C ASN A 162 -6.92 15.83 -2.94
N ASP A 163 -8.10 16.14 -3.46
CA ASP A 163 -8.60 17.51 -3.37
C ASP A 163 -9.00 17.88 -1.94
N ARG A 164 -9.35 16.89 -1.10
CA ARG A 164 -9.64 17.24 0.29
C ARG A 164 -8.36 17.57 1.05
N SER A 165 -7.27 16.86 0.74
CA SER A 165 -5.97 17.19 1.33
C SER A 165 -5.50 18.57 0.89
N LEU A 166 -5.66 18.88 -0.41
CA LEU A 166 -5.27 20.19 -0.92
C LEU A 166 -6.15 21.30 -0.36
N ALA A 167 -7.46 21.07 -0.24
CA ALA A 167 -8.30 22.10 0.36
C ALA A 167 -7.88 22.36 1.80
N ALA A 168 -7.57 21.30 2.56
CA ALA A 168 -7.13 21.51 3.93
C ALA A 168 -5.82 22.28 3.98
N ALA A 169 -4.88 21.92 3.11
CA ALA A 169 -3.59 22.58 3.06
C ALA A 169 -3.72 24.05 2.68
N LEU A 170 -4.60 24.36 1.73
CA LEU A 170 -4.78 25.74 1.32
C LEU A 170 -5.39 26.59 2.43
N THR A 171 -6.42 26.07 3.10
CA THR A 171 -6.96 26.76 4.26
C THR A 171 -5.88 27.00 5.29
N ARG A 172 -5.07 25.96 5.55
CA ARG A 172 -4.04 26.07 6.59
C ARG A 172 -3.00 27.11 6.22
N LEU A 173 -2.50 27.09 4.98
CA LEU A 173 -1.43 28.00 4.64
C LEU A 173 -1.93 29.44 4.56
N ILE A 174 -3.16 29.64 4.12
CA ILE A 174 -3.69 31.01 4.07
C ILE A 174 -3.94 31.52 5.49
N SER A 175 -4.52 30.69 6.35
CA SER A 175 -4.78 31.14 7.72
C SER A 175 -3.48 31.38 8.47
N ARG A 176 -2.40 30.69 8.08
CA ARG A 176 -1.12 30.85 8.74
C ARG A 176 -0.37 32.06 8.21
N CYS A 177 -0.29 32.21 6.88
CA CYS A 177 0.62 33.16 6.27
C CYS A 177 -0.06 34.31 5.52
N GLY A 178 -1.34 34.18 5.20
CA GLY A 178 -2.08 35.34 4.74
C GLY A 178 -1.72 35.81 3.34
N GLU A 179 -2.02 37.09 3.11
CA GLU A 179 -1.83 37.66 1.79
C GLU A 179 -0.40 37.56 1.26
N PRO A 180 0.65 37.76 2.07
CA PRO A 180 2.01 37.66 1.51
C PRO A 180 2.30 36.35 0.79
N VAL A 181 1.83 35.21 1.31
CA VAL A 181 2.15 33.96 0.63
C VAL A 181 1.32 33.83 -0.64
N ILE A 182 0.09 34.36 -0.66
CA ILE A 182 -0.71 34.33 -1.87
C ILE A 182 -0.06 35.18 -2.94
N ARG A 183 0.37 36.38 -2.57
CA ARG A 183 1.08 37.28 -3.47
C ARG A 183 2.28 36.57 -4.11
N ARG A 184 3.11 35.94 -3.28
CA ARG A 184 4.30 35.28 -3.79
C ARG A 184 3.94 34.11 -4.67
N GLY A 185 2.89 33.36 -4.31
CA GLY A 185 2.46 32.27 -5.17
C GLY A 185 2.01 32.75 -6.54
N VAL A 186 1.22 33.82 -6.56
CA VAL A 186 0.72 34.36 -7.83
C VAL A 186 1.88 34.82 -8.70
N ASP A 187 2.81 35.57 -8.11
CA ASP A 187 3.95 36.05 -8.88
C ASP A 187 4.81 34.89 -9.39
N MET A 188 4.96 33.85 -8.58
CA MET A 188 5.65 32.64 -9.03
C MET A 188 4.92 31.99 -10.20
N ALA A 189 3.62 31.72 -10.02
CA ALA A 189 2.86 31.06 -11.09
C ALA A 189 2.86 31.91 -12.35
N MET A 190 2.78 33.23 -12.21
CA MET A 190 2.78 34.12 -13.36
C MET A 190 4.10 34.01 -14.13
N ARG A 191 5.22 33.99 -13.41
CA ARG A 191 6.52 33.83 -14.06
C ARG A 191 6.60 32.50 -14.81
N MET A 192 6.25 31.39 -14.14
CA MET A 192 6.42 30.08 -14.75
C MET A 192 5.50 29.89 -15.95
N MET A 193 4.22 30.24 -15.80
CA MET A 193 3.26 30.00 -16.86
C MET A 193 3.40 30.98 -18.02
N GLY A 194 4.06 32.10 -17.81
CA GLY A 194 4.22 33.08 -18.87
C GLY A 194 5.60 33.13 -19.47
N GLU A 195 6.61 32.64 -18.75
CA GLU A 195 8.00 32.78 -19.16
C GLU A 195 8.82 31.50 -19.11
N GLN A 196 8.41 30.49 -18.37
CA GLN A 196 9.20 29.28 -18.18
C GLN A 196 8.62 28.07 -18.89
N PHE A 197 7.31 27.85 -18.78
CA PHE A 197 6.69 26.77 -19.51
C PHE A 197 6.44 27.14 -20.96
N VAL A 198 6.34 28.43 -21.26
CA VAL A 198 6.16 28.92 -22.61
C VAL A 198 7.15 30.05 -22.83
N THR A 199 7.53 30.23 -24.09
CA THR A 199 8.34 31.40 -24.43
C THR A 199 7.47 32.65 -24.46
N GLY A 200 6.19 32.50 -24.79
CA GLY A 200 5.25 33.61 -24.69
C GLY A 200 3.84 33.10 -24.84
N GLU A 201 2.89 33.95 -24.47
CA GLU A 201 1.49 33.58 -24.60
C GLU A 201 1.04 33.59 -26.06
N THR A 202 1.58 34.51 -26.84
CA THR A 202 1.27 34.69 -28.25
C THR A 202 2.56 34.67 -29.03
N ILE A 203 2.46 34.45 -30.34
CA ILE A 203 3.68 34.40 -31.14
C ILE A 203 4.40 35.73 -31.12
N ARG A 204 3.64 36.84 -31.09
CA ARG A 204 4.28 38.16 -31.02
C ARG A 204 5.08 38.31 -29.73
N GLU A 205 4.50 37.90 -28.61
CA GLU A 205 5.23 37.96 -27.35
C GLU A 205 6.45 37.05 -27.37
N ALA A 206 6.30 35.83 -27.90
CA ALA A 206 7.42 34.92 -27.97
C ALA A 206 8.54 35.46 -28.84
N LEU A 207 8.19 36.06 -29.99
CA LEU A 207 9.21 36.65 -30.87
C LEU A 207 9.95 37.78 -30.19
N LYS A 208 9.22 38.62 -29.43
CA LYS A 208 9.88 39.70 -28.70
C LYS A 208 10.88 39.15 -27.69
N ARG A 209 10.50 38.09 -26.98
CA ARG A 209 11.39 37.52 -25.97
C ARG A 209 12.55 36.74 -26.57
N SER A 210 12.53 36.47 -27.86
CA SER A 210 13.59 35.67 -28.47
C SER A 210 14.83 36.49 -28.85
N LYS A 211 14.73 37.82 -28.87
CA LYS A 211 15.85 38.63 -29.34
C LYS A 211 17.10 38.43 -28.49
N GLU A 212 16.92 38.31 -27.17
CA GLU A 212 18.06 38.24 -26.27
C GLU A 212 18.97 37.07 -26.60
N LEU A 213 18.39 35.86 -26.74
CA LEU A 213 19.25 34.70 -26.98
C LEU A 213 19.65 34.59 -28.45
N GLU A 214 18.84 35.11 -29.38
CA GLU A 214 19.29 35.11 -30.77
C GLU A 214 20.58 35.91 -30.93
N GLU A 215 20.69 37.05 -30.24
CA GLU A 215 21.91 37.84 -30.33
C GLU A 215 23.11 37.11 -29.78
N LYS A 216 22.90 36.10 -28.92
CA LYS A 216 23.98 35.29 -28.38
C LYS A 216 24.32 34.09 -29.25
N GLY A 217 23.60 33.87 -30.34
CA GLY A 217 23.86 32.77 -31.25
C GLY A 217 22.84 31.66 -31.22
N PHE A 218 21.78 31.77 -30.41
CA PHE A 218 20.72 30.78 -30.44
C PHE A 218 19.77 31.06 -31.61
N SER A 219 18.98 30.05 -31.94
CA SER A 219 17.87 30.22 -32.85
C SER A 219 16.63 29.62 -32.20
N TYR A 220 15.50 29.71 -32.91
CA TYR A 220 14.22 29.30 -32.35
C TYR A 220 13.42 28.46 -33.33
N SER A 221 12.64 27.54 -32.76
CA SER A 221 11.59 26.84 -33.50
C SER A 221 10.33 26.91 -32.64
N TYR A 222 9.33 27.64 -33.11
CA TYR A 222 8.16 27.91 -32.28
C TYR A 222 7.14 26.79 -32.41
N ASP A 223 6.59 26.40 -31.26
CA ASP A 223 5.62 25.33 -31.13
C ASP A 223 4.32 25.95 -30.63
N MET A 224 3.31 26.02 -31.50
CA MET A 224 2.01 26.61 -31.13
C MET A 224 1.14 25.69 -30.28
N LEU A 225 1.65 24.53 -29.88
CA LEU A 225 1.11 23.69 -28.82
C LEU A 225 -0.16 22.94 -29.21
N GLY A 226 -0.57 22.99 -30.47
CA GLY A 226 -1.69 22.18 -30.91
C GLY A 226 -1.29 20.72 -31.05
N GLU A 227 -2.23 19.83 -30.72
CA GLU A 227 -2.05 18.41 -31.00
C GLU A 227 -3.36 17.69 -30.76
N ALA A 228 -3.49 16.54 -31.41
CA ALA A 228 -4.64 15.66 -31.20
C ALA A 228 -5.96 16.42 -31.40
N ALA A 229 -6.14 16.96 -32.60
CA ALA A 229 -7.44 17.47 -32.98
C ALA A 229 -8.49 16.38 -32.80
N THR A 230 -9.62 16.75 -32.20
CA THR A 230 -10.74 15.84 -32.01
C THR A 230 -11.84 16.07 -33.03
N THR A 231 -11.94 17.29 -33.56
CA THR A 231 -12.98 17.65 -34.52
C THR A 231 -12.34 18.35 -35.71
N ALA A 232 -13.12 18.41 -36.78
CA ALA A 232 -12.75 19.25 -37.94
C ALA A 232 -12.49 20.69 -37.51
N ALA A 233 -13.34 21.24 -36.65
CA ALA A 233 -13.14 22.63 -36.21
C ALA A 233 -11.83 22.79 -35.45
N ASP A 234 -11.47 21.80 -34.63
CA ASP A 234 -10.18 21.81 -33.93
C ASP A 234 -9.04 21.89 -34.92
N ALA A 235 -9.08 21.03 -35.94
CA ALA A 235 -7.99 20.98 -36.90
C ALA A 235 -7.89 22.28 -37.67
N GLU A 236 -9.04 22.88 -38.00
CA GLU A 236 -9.05 24.18 -38.66
C GLU A 236 -8.43 25.25 -37.77
N ARG A 237 -8.79 25.23 -36.48
CA ARG A 237 -8.22 26.19 -35.53
C ARG A 237 -6.71 26.04 -35.44
N TYR A 238 -6.24 24.80 -35.33
CA TYR A 238 -4.80 24.60 -35.25
C TYR A 238 -4.14 25.02 -36.57
N TYR A 239 -4.80 24.76 -37.69
CA TYR A 239 -4.26 25.19 -38.97
C TYR A 239 -4.09 26.71 -39.01
N ARG A 240 -5.15 27.46 -38.68
CA ARG A 240 -4.99 28.90 -38.81
C ARG A 240 -4.05 29.45 -37.74
N ASP A 241 -3.88 28.76 -36.61
CA ASP A 241 -2.84 29.14 -35.66
C ASP A 241 -1.45 28.97 -36.27
N TYR A 242 -1.19 27.85 -36.94
CA TYR A 242 0.12 27.67 -37.58
C TYR A 242 0.35 28.70 -38.67
N GLU A 243 -0.67 28.92 -39.51
CA GLU A 243 -0.56 29.87 -40.60
C GLU A 243 -0.25 31.26 -40.07
N SER A 244 -0.99 31.70 -39.05
CA SER A 244 -0.73 33.04 -38.50
C SER A 244 0.65 33.10 -37.85
N ALA A 245 1.08 32.02 -37.19
CA ALA A 245 2.44 32.02 -36.63
C ALA A 245 3.50 32.08 -37.72
N ILE A 246 3.32 31.35 -38.81
CA ILE A 246 4.33 31.39 -39.88
C ILE A 246 4.48 32.82 -40.40
N HIS A 247 3.37 33.54 -40.55
CA HIS A 247 3.50 34.93 -40.99
C HIS A 247 4.33 35.74 -40.00
N ALA A 248 4.02 35.62 -38.70
CA ALA A 248 4.74 36.42 -37.73
C ALA A 248 6.22 36.03 -37.68
N ILE A 249 6.51 34.73 -37.71
CA ILE A 249 7.89 34.27 -37.67
C ILE A 249 8.61 34.68 -38.95
N GLY A 250 7.94 34.56 -40.10
CA GLY A 250 8.57 34.92 -41.35
C GLY A 250 8.82 36.41 -41.46
N LYS A 251 7.88 37.23 -40.98
CA LYS A 251 8.13 38.67 -40.93
C LYS A 251 9.32 38.98 -40.05
N ALA A 252 9.42 38.29 -38.90
CA ALA A 252 10.51 38.52 -37.97
C ALA A 252 11.82 37.98 -38.52
N SER A 253 11.77 36.83 -39.19
CA SER A 253 12.98 36.27 -39.76
C SER A 253 13.65 37.26 -40.70
N ALA A 254 12.86 37.95 -41.51
CA ALA A 254 13.33 39.04 -42.37
C ALA A 254 14.55 38.63 -43.19
N GLY A 255 14.45 37.46 -43.82
CA GLY A 255 15.50 37.05 -44.73
C GLY A 255 16.70 36.38 -44.10
N ARG A 256 16.66 36.05 -42.81
CA ARG A 256 17.82 35.41 -42.17
C ARG A 256 18.02 33.97 -42.66
N GLY A 257 17.00 33.36 -43.25
CA GLY A 257 17.15 32.02 -43.78
C GLY A 257 16.83 30.96 -42.73
N ILE A 258 16.98 29.70 -43.16
CA ILE A 258 16.43 28.60 -42.35
C ILE A 258 17.36 28.17 -41.25
N TYR A 259 18.64 28.57 -41.28
CA TYR A 259 19.58 28.16 -40.23
C TYR A 259 19.77 29.25 -39.17
N GLU A 260 20.02 30.50 -39.59
CA GLU A 260 20.16 31.57 -38.63
C GLU A 260 18.82 32.04 -38.11
N GLY A 261 17.78 31.97 -38.95
CA GLY A 261 16.50 32.54 -38.60
C GLY A 261 15.58 31.53 -37.98
N PRO A 262 14.48 32.03 -37.41
CA PRO A 262 13.55 31.16 -36.70
C PRO A 262 12.71 30.32 -37.64
N GLY A 263 12.17 29.25 -37.09
CA GLY A 263 11.26 28.41 -37.84
C GLY A 263 10.09 28.00 -36.98
N ILE A 264 9.29 27.06 -37.49
CA ILE A 264 8.11 26.59 -36.77
C ILE A 264 8.16 25.07 -36.70
N SER A 265 7.52 24.52 -35.68
CA SER A 265 7.30 23.08 -35.58
C SER A 265 5.79 22.83 -35.56
N ILE A 266 5.36 21.75 -36.21
CA ILE A 266 3.96 21.39 -36.27
C ILE A 266 3.81 19.93 -35.86
N LYS A 267 2.60 19.57 -35.43
CA LYS A 267 2.25 18.17 -35.18
C LYS A 267 1.14 17.79 -36.14
N LEU A 268 1.35 16.69 -36.87
CA LEU A 268 0.34 16.29 -37.83
C LEU A 268 -0.97 15.95 -37.15
N SER A 269 -0.92 15.45 -35.91
CA SER A 269 -2.15 15.14 -35.20
C SER A 269 -2.99 16.37 -34.92
N ALA A 270 -2.39 17.57 -34.93
CA ALA A 270 -3.18 18.79 -34.77
C ALA A 270 -3.97 19.17 -36.01
N LEU A 271 -3.60 18.63 -37.17
CA LEU A 271 -4.12 19.11 -38.43
C LEU A 271 -5.19 18.20 -39.02
N HIS A 272 -5.52 17.09 -38.35
CA HIS A 272 -6.63 16.30 -38.85
C HIS A 272 -7.17 15.49 -37.69
N PRO A 273 -8.49 15.40 -37.50
CA PRO A 273 -9.03 14.62 -36.37
C PRO A 273 -8.89 13.11 -36.53
N ARG A 274 -8.60 12.61 -37.73
CA ARG A 274 -8.43 11.17 -37.91
C ARG A 274 -7.05 10.86 -38.50
N TYR A 275 -6.00 11.35 -37.85
CA TYR A 275 -4.63 11.12 -38.29
C TYR A 275 -4.22 9.73 -37.81
N SER A 276 -4.40 8.74 -38.68
CA SER A 276 -4.09 7.36 -38.34
C SER A 276 -3.94 6.56 -39.62
N ARG A 277 -3.19 5.46 -39.51
CA ARG A 277 -3.04 4.56 -40.64
C ARG A 277 -4.39 4.03 -41.10
N ALA A 278 -5.33 3.81 -40.18
CA ALA A 278 -6.62 3.28 -40.58
C ALA A 278 -7.34 4.23 -41.51
N GLN A 279 -7.04 5.52 -41.42
CA GLN A 279 -7.67 6.55 -42.24
C GLN A 279 -6.65 7.16 -43.20
N ALA A 280 -5.73 6.34 -43.71
CA ALA A 280 -4.62 6.88 -44.49
C ALA A 280 -5.11 7.63 -45.72
N ALA A 281 -6.18 7.14 -46.36
CA ALA A 281 -6.68 7.82 -47.54
C ALA A 281 -7.15 9.23 -47.19
N ARG A 282 -7.88 9.37 -46.08
CA ARG A 282 -8.29 10.71 -45.65
C ARG A 282 -7.08 11.56 -45.31
N VAL A 283 -6.06 10.95 -44.69
CA VAL A 283 -4.86 11.70 -44.34
C VAL A 283 -4.17 12.25 -45.58
N MET A 284 -4.01 11.40 -46.60
CA MET A 284 -3.34 11.89 -47.81
C MET A 284 -4.22 12.86 -48.58
N GLY A 285 -5.54 12.69 -48.52
CA GLY A 285 -6.41 13.56 -49.29
C GLY A 285 -6.70 14.88 -48.61
N GLU A 286 -6.70 14.90 -47.29
CA GLU A 286 -7.17 16.06 -46.53
C GLU A 286 -6.09 16.70 -45.68
N LEU A 287 -5.25 15.91 -45.02
CA LEU A 287 -4.19 16.46 -44.20
C LEU A 287 -3.05 16.98 -45.05
N LEU A 288 -2.55 16.16 -45.98
CA LEU A 288 -1.41 16.56 -46.82
C LEU A 288 -1.58 17.93 -47.47
N PRO A 289 -2.71 18.27 -48.11
CA PRO A 289 -2.82 19.62 -48.70
C PRO A 289 -2.65 20.72 -47.69
N ARG A 290 -3.06 20.50 -46.44
CA ARG A 290 -2.90 21.52 -45.42
C ARG A 290 -1.45 21.71 -45.06
N VAL A 291 -0.71 20.61 -44.90
CA VAL A 291 0.72 20.74 -44.64
C VAL A 291 1.40 21.41 -45.82
N LYS A 292 0.98 21.08 -47.04
CA LYS A 292 1.60 21.71 -48.20
C LYS A 292 1.37 23.20 -48.20
N ALA A 293 0.15 23.64 -47.86
CA ALA A 293 -0.13 25.06 -47.83
C ALA A 293 0.74 25.77 -46.80
N LEU A 294 0.92 25.16 -45.62
CA LEU A 294 1.80 25.77 -44.63
C LEU A 294 3.24 25.76 -45.09
N ALA A 295 3.65 24.68 -45.76
CA ALA A 295 5.03 24.62 -46.25
C ALA A 295 5.27 25.64 -47.35
N LEU A 296 4.28 25.88 -48.21
CA LEU A 296 4.43 26.90 -49.24
C LEU A 296 4.66 28.28 -48.61
N LEU A 297 3.96 28.57 -47.51
CA LEU A 297 4.15 29.85 -46.84
C LEU A 297 5.51 29.90 -46.16
N ALA A 298 5.93 28.80 -45.53
CA ALA A 298 7.28 28.76 -44.97
C ALA A 298 8.34 28.95 -46.04
N LYS A 299 8.13 28.35 -47.21
CA LYS A 299 9.03 28.55 -48.34
C LYS A 299 9.11 30.02 -48.72
N ASN A 300 7.97 30.72 -48.79
CA ASN A 300 8.04 32.11 -49.25
C ASN A 300 8.81 32.99 -48.28
N TYR A 301 8.67 32.74 -46.97
CA TYR A 301 9.47 33.46 -45.99
C TYR A 301 10.85 32.86 -45.79
N ASP A 302 11.09 31.67 -46.34
CA ASP A 302 12.35 30.93 -46.18
C ASP A 302 12.66 30.70 -44.70
N ILE A 303 11.72 30.03 -44.04
CA ILE A 303 11.89 29.61 -42.65
C ILE A 303 11.77 28.08 -42.57
N GLY A 304 12.28 27.53 -41.48
CA GLY A 304 12.14 26.09 -41.27
C GLY A 304 10.72 25.73 -40.89
N LEU A 305 10.27 24.56 -41.36
CA LEU A 305 9.00 23.98 -40.93
C LEU A 305 9.25 22.52 -40.58
N ASN A 306 9.16 22.18 -39.29
CA ASN A 306 9.50 20.87 -38.77
C ASN A 306 8.24 20.08 -38.45
N ILE A 307 8.20 18.82 -38.89
CA ILE A 307 7.14 17.89 -38.49
C ILE A 307 7.60 17.15 -37.24
N ASP A 308 6.94 17.42 -36.10
CA ASP A 308 7.26 16.74 -34.87
C ASP A 308 6.91 15.26 -34.96
N ALA A 309 7.66 14.43 -34.22
CA ALA A 309 7.36 12.99 -34.18
C ALA A 309 6.48 12.68 -32.98
N GLU A 310 5.50 11.82 -33.21
CA GLU A 310 4.49 11.53 -32.19
C GLU A 310 4.49 10.03 -31.89
N GLU A 311 3.33 9.41 -31.84
CA GLU A 311 3.24 8.01 -31.43
C GLU A 311 3.87 7.08 -32.47
N ALA A 312 4.30 5.91 -32.01
CA ALA A 312 4.98 4.97 -32.90
C ALA A 312 4.10 4.53 -34.06
N ASP A 313 2.80 4.42 -33.87
CA ASP A 313 1.95 3.97 -34.96
C ASP A 313 1.64 5.08 -35.95
N ARG A 314 2.23 6.26 -35.79
CA ARG A 314 2.13 7.32 -36.76
C ARG A 314 3.43 7.55 -37.53
N LEU A 315 4.52 6.90 -37.14
CA LEU A 315 5.81 7.14 -37.78
C LEU A 315 5.73 6.88 -39.28
N GLU A 316 5.38 5.67 -39.67
CA GLU A 316 5.49 5.34 -41.09
C GLU A 316 4.47 6.11 -41.92
N LEU A 317 3.27 6.31 -41.38
CA LEU A 317 2.29 7.16 -42.08
C LEU A 317 2.86 8.54 -42.38
N SER A 318 3.56 9.14 -41.40
CA SER A 318 4.11 10.48 -41.62
C SER A 318 5.15 10.48 -42.73
N LEU A 319 5.82 9.36 -42.95
CA LEU A 319 6.81 9.27 -44.04
C LEU A 319 6.15 9.46 -45.39
N ASP A 320 4.90 9.04 -45.54
CA ASP A 320 4.24 9.23 -46.83
C ASP A 320 3.96 10.70 -47.09
N LEU A 321 3.65 11.47 -46.04
CA LEU A 321 3.53 12.91 -46.23
C LEU A 321 4.89 13.54 -46.53
N LEU A 322 5.92 13.14 -45.79
CA LEU A 322 7.25 13.70 -46.03
C LEU A 322 7.69 13.43 -47.47
N GLU A 323 7.45 12.22 -47.96
CA GLU A 323 7.83 11.88 -49.33
C GLU A 323 7.12 12.78 -50.33
N VAL A 324 5.79 12.85 -50.25
CA VAL A 324 5.04 13.64 -51.23
C VAL A 324 5.49 15.09 -51.20
N LEU A 325 5.66 15.65 -49.99
CA LEU A 325 6.07 17.05 -49.89
C LEU A 325 7.44 17.29 -50.49
N CYS A 326 8.41 16.40 -50.21
CA CYS A 326 9.75 16.60 -50.75
C CYS A 326 9.84 16.38 -52.26
N LEU A 327 8.87 15.66 -52.85
CA LEU A 327 8.85 15.45 -54.29
C LEU A 327 7.97 16.46 -55.02
N ASP A 328 7.26 17.31 -54.28
CA ASP A 328 6.33 18.28 -54.86
C ASP A 328 7.10 19.47 -55.41
N GLY A 329 7.09 19.63 -56.73
CA GLY A 329 7.85 20.72 -57.35
C GLY A 329 7.45 22.10 -56.88
N ASP A 330 6.22 22.27 -56.39
CA ASP A 330 5.81 23.59 -55.91
C ASP A 330 6.63 24.04 -54.72
N LEU A 331 7.29 23.12 -54.02
CA LEU A 331 8.10 23.46 -52.86
C LEU A 331 9.59 23.52 -53.18
N SER A 332 9.96 23.38 -54.45
CA SER A 332 11.37 23.34 -54.79
C SER A 332 12.02 24.70 -54.53
N GLY A 333 13.32 24.65 -54.25
CA GLY A 333 14.06 25.84 -53.91
C GLY A 333 14.18 26.11 -52.44
N TRP A 334 13.46 25.36 -51.61
CA TRP A 334 13.38 25.61 -50.18
C TRP A 334 13.90 24.37 -49.44
N ASN A 335 14.84 24.58 -48.53
CA ASN A 335 15.43 23.50 -47.75
C ASN A 335 14.94 23.48 -46.31
N GLY A 336 13.83 24.18 -46.04
CA GLY A 336 13.34 24.32 -44.68
C GLY A 336 12.46 23.19 -44.17
N MET A 337 12.06 22.24 -45.02
CA MET A 337 11.27 21.11 -44.52
C MET A 337 12.09 20.29 -43.53
N GLY A 338 11.52 20.07 -42.34
CA GLY A 338 12.20 19.34 -41.30
C GLY A 338 11.33 18.21 -40.78
N PHE A 339 11.99 17.26 -40.10
CA PHE A 339 11.34 16.03 -39.71
C PHE A 339 12.08 15.43 -38.53
N VAL A 340 11.33 15.05 -37.48
CA VAL A 340 11.89 14.47 -36.27
C VAL A 340 11.95 12.95 -36.41
N VAL A 341 13.04 12.34 -35.92
CA VAL A 341 13.10 10.90 -35.75
CA VAL A 341 13.10 10.90 -35.75
C VAL A 341 13.51 10.61 -34.31
N GLN A 342 12.93 9.56 -33.74
CA GLN A 342 13.02 9.25 -32.32
C GLN A 342 13.97 8.08 -32.12
N ALA A 343 15.11 8.35 -31.47
CA ALA A 343 16.12 7.32 -31.26
C ALA A 343 15.67 6.23 -30.30
N TYR A 344 14.63 6.46 -29.50
CA TYR A 344 14.18 5.33 -28.70
C TYR A 344 13.42 4.31 -29.52
N GLY A 345 13.16 4.59 -30.79
CA GLY A 345 12.45 3.66 -31.65
C GLY A 345 13.41 2.73 -32.38
N LYS A 346 13.01 1.47 -32.47
CA LYS A 346 13.81 0.44 -33.12
C LYS A 346 13.98 0.68 -34.62
N ARG A 347 13.08 1.46 -35.23
CA ARG A 347 13.17 1.73 -36.65
C ARG A 347 14.06 2.93 -36.98
N CYS A 348 14.54 3.66 -35.97
CA CYS A 348 15.20 4.95 -36.20
C CYS A 348 16.30 4.93 -37.24
N PRO A 349 17.29 4.05 -37.20
CA PRO A 349 18.35 4.11 -38.23
C PRO A 349 17.81 3.82 -39.61
N PHE A 350 16.81 2.96 -39.72
CA PHE A 350 16.24 2.64 -41.03
C PHE A 350 15.37 3.78 -41.54
N VAL A 351 14.70 4.48 -40.63
CA VAL A 351 14.00 5.70 -41.00
C VAL A 351 14.99 6.74 -41.51
N LEU A 352 16.14 6.87 -40.84
CA LEU A 352 17.16 7.80 -41.31
C LEU A 352 17.67 7.41 -42.68
N ASP A 353 17.88 6.11 -42.92
CA ASP A 353 18.30 5.68 -44.26
C ASP A 353 17.29 6.12 -45.30
N PHE A 354 15.99 5.97 -44.98
CA PHE A 354 14.95 6.39 -45.91
C PHE A 354 15.00 7.89 -46.15
N ILE A 355 15.12 8.67 -45.07
CA ILE A 355 15.09 10.12 -45.20
C ILE A 355 16.30 10.62 -45.97
N ILE A 356 17.48 10.08 -45.66
CA ILE A 356 18.70 10.49 -46.35
C ILE A 356 18.57 10.19 -47.84
N ASP A 357 18.05 9.01 -48.17
CA ASP A 357 17.84 8.69 -49.57
C ASP A 357 16.80 9.62 -50.20
N LEU A 358 15.72 9.93 -49.47
CA LEU A 358 14.73 10.86 -50.01
C LEU A 358 15.35 12.23 -50.24
N ALA A 359 16.19 12.69 -49.32
CA ALA A 359 16.89 13.95 -49.50
C ALA A 359 17.76 13.91 -50.76
N ARG A 360 18.43 12.78 -51.00
CA ARG A 360 19.24 12.65 -52.21
C ARG A 360 18.38 12.69 -53.47
N ARG A 361 17.26 11.96 -53.48
CA ARG A 361 16.39 11.90 -54.66
C ARG A 361 15.76 13.25 -54.95
N SER A 362 15.26 13.91 -53.92
CA SER A 362 14.56 15.18 -54.07
C SER A 362 15.50 16.35 -54.20
N GLY A 363 16.76 16.18 -53.78
CA GLY A 363 17.65 17.32 -53.72
C GLY A 363 17.30 18.32 -52.64
N ARG A 364 16.44 17.95 -51.70
CA ARG A 364 16.09 18.80 -50.57
C ARG A 364 16.98 18.43 -49.40
N ARG A 365 17.63 19.42 -48.80
CA ARG A 365 18.48 19.18 -47.64
C ARG A 365 17.56 19.11 -46.41
N ILE A 366 17.03 17.92 -46.15
CA ILE A 366 16.01 17.77 -45.12
C ILE A 366 16.61 18.06 -43.76
N MET A 367 15.92 18.87 -42.96
CA MET A 367 16.36 19.16 -41.61
C MET A 367 15.88 18.01 -40.73
N VAL A 368 16.80 17.28 -40.13
CA VAL A 368 16.44 16.08 -39.39
C VAL A 368 16.71 16.36 -37.92
N ARG A 369 15.65 16.44 -37.12
CA ARG A 369 15.79 16.60 -35.68
C ARG A 369 15.84 15.22 -35.06
N LEU A 370 17.00 14.85 -34.52
CA LEU A 370 17.16 13.61 -33.79
C LEU A 370 16.81 13.87 -32.32
N VAL A 371 15.77 13.19 -31.83
CA VAL A 371 15.39 13.26 -30.42
C VAL A 371 15.47 11.85 -29.87
N LYS A 372 15.34 11.73 -28.54
CA LYS A 372 15.25 10.38 -28.00
C LYS A 372 13.83 9.84 -28.08
N GLY A 373 12.84 10.60 -27.59
CA GLY A 373 11.44 10.24 -27.77
C GLY A 373 10.58 10.59 -26.57
N ALA A 374 9.39 11.15 -26.80
CA ALA A 374 8.64 11.76 -25.70
C ALA A 374 7.51 10.90 -25.16
N TYR A 375 7.23 9.73 -25.75
CA TYR A 375 6.01 8.99 -25.44
C TYR A 375 6.29 7.60 -24.89
N TRP A 376 7.42 7.43 -24.18
CA TRP A 376 7.90 6.09 -23.85
C TRP A 376 6.87 5.30 -23.02
N ASP A 377 6.40 5.86 -21.89
CA ASP A 377 5.45 5.15 -21.03
CA ASP A 377 5.51 5.05 -21.08
C ASP A 377 4.24 4.69 -21.83
N ALA A 378 3.74 5.58 -22.69
CA ALA A 378 2.54 5.27 -23.45
C ALA A 378 2.80 4.17 -24.46
N GLU A 379 4.02 4.10 -25.02
CA GLU A 379 4.31 3.03 -25.96
C GLU A 379 4.36 1.69 -25.25
N ILE A 380 4.85 1.67 -24.01
CA ILE A 380 4.90 0.40 -23.27
C ILE A 380 3.49 -0.09 -22.99
N LYS A 381 2.63 0.80 -22.49
CA LYS A 381 1.26 0.42 -22.18
C LYS A 381 0.53 -0.06 -23.43
N ARG A 382 0.67 0.68 -24.53
CA ARG A 382 -0.10 0.35 -25.73
C ARG A 382 0.28 -1.02 -26.26
N ALA A 383 1.57 -1.36 -26.29
CA ALA A 383 1.98 -2.68 -26.79
C ALA A 383 1.45 -3.78 -25.90
N GLN A 384 1.46 -3.55 -24.59
CA GLN A 384 0.91 -4.54 -23.67
C GLN A 384 -0.58 -4.71 -23.89
N LEU A 385 -1.31 -3.58 -23.94
CA LEU A 385 -2.74 -3.64 -24.17
C LEU A 385 -3.08 -4.41 -25.43
N ASP A 386 -2.32 -4.19 -26.49
CA ASP A 386 -2.64 -4.77 -27.79
C ASP A 386 -2.07 -6.18 -27.97
N GLY A 387 -1.35 -6.70 -26.98
CA GLY A 387 -0.83 -8.05 -27.05
C GLY A 387 0.12 -8.27 -28.21
N LEU A 388 0.96 -7.29 -28.50
CA LEU A 388 1.81 -7.40 -29.68
C LEU A 388 3.12 -8.08 -29.31
N ALA A 389 3.91 -8.40 -30.35
CA ALA A 389 5.04 -9.30 -30.16
C ALA A 389 6.11 -8.67 -29.29
N ASP A 390 6.29 -7.36 -29.39
CA ASP A 390 7.38 -6.67 -28.70
C ASP A 390 7.05 -5.19 -28.70
N PHE A 391 7.95 -4.41 -28.11
CA PHE A 391 7.72 -2.97 -28.10
C PHE A 391 8.33 -2.33 -29.34
N PRO A 392 7.79 -1.18 -29.75
CA PRO A 392 8.41 -0.42 -30.84
C PRO A 392 9.48 0.56 -30.37
N VAL A 393 9.78 0.53 -29.08
CA VAL A 393 10.81 1.36 -28.46
C VAL A 393 11.69 0.46 -27.62
N PHE A 394 12.87 0.96 -27.30
CA PHE A 394 13.72 0.25 -26.37
C PHE A 394 13.12 0.30 -24.98
N THR A 395 13.57 -0.62 -24.11
CA THR A 395 13.08 -0.69 -22.74
C THR A 395 14.15 -0.35 -21.71
N ARG A 396 15.41 -0.27 -22.11
CA ARG A 396 16.47 0.24 -21.25
C ARG A 396 16.90 1.60 -21.77
N LYS A 397 16.97 2.58 -20.87
CA LYS A 397 17.28 3.94 -21.28
C LYS A 397 18.62 4.02 -21.97
N ILE A 398 19.60 3.23 -21.50
CA ILE A 398 20.92 3.29 -22.10
C ILE A 398 20.89 2.81 -23.55
N HIS A 399 19.93 1.95 -23.91
CA HIS A 399 19.79 1.52 -25.30
C HIS A 399 19.40 2.69 -26.19
N THR A 400 18.45 3.52 -25.73
CA THR A 400 18.11 4.74 -26.44
C THR A 400 19.33 5.64 -26.61
N ASP A 401 20.18 5.73 -25.58
CA ASP A 401 21.36 6.58 -25.69
C ASP A 401 22.31 6.05 -26.77
N VAL A 402 22.53 4.73 -26.81
CA VAL A 402 23.40 4.18 -27.85
C VAL A 402 22.77 4.38 -29.22
N SER A 403 21.48 4.10 -29.33
CA SER A 403 20.76 4.35 -30.58
C SER A 403 20.96 5.80 -31.01
N TYR A 404 20.80 6.75 -30.09
CA TYR A 404 20.97 8.15 -30.42
C TYR A 404 22.34 8.42 -31.01
N ILE A 405 23.39 7.91 -30.35
CA ILE A 405 24.74 8.19 -30.81
C ILE A 405 25.03 7.49 -32.13
N ALA A 406 24.52 6.26 -32.29
CA ALA A 406 24.66 5.55 -33.56
C ALA A 406 23.99 6.33 -34.69
N CYS A 407 22.80 6.87 -34.43
CA CYS A 407 22.10 7.61 -35.48
C CYS A 407 22.75 8.94 -35.75
N ALA A 408 23.37 9.55 -34.74
CA ALA A 408 24.10 10.78 -34.97
C ALA A 408 25.31 10.54 -35.87
N ALA A 409 25.96 9.38 -35.72
CA ALA A 409 27.06 9.06 -36.63
C ALA A 409 26.56 8.94 -38.06
N LYS A 410 25.39 8.32 -38.24
CA LYS A 410 24.83 8.19 -39.59
C LYS A 410 24.50 9.57 -40.16
N LEU A 411 23.92 10.44 -39.35
CA LEU A 411 23.58 11.78 -39.81
C LEU A 411 24.84 12.60 -40.13
N LEU A 412 25.88 12.49 -39.29
CA LEU A 412 27.07 13.31 -39.51
C LEU A 412 27.85 12.87 -40.75
N ALA A 413 27.63 11.65 -41.24
CA ALA A 413 28.22 11.23 -42.51
C ALA A 413 27.43 11.72 -43.71
N ALA A 414 26.29 12.40 -43.51
CA ALA A 414 25.42 12.80 -44.61
C ALA A 414 25.07 14.29 -44.55
N THR A 415 25.97 15.11 -43.98
CA THR A 415 25.64 16.52 -43.85
C THR A 415 25.59 17.24 -45.19
N ASP A 416 26.14 16.66 -46.26
CA ASP A 416 25.94 17.30 -47.55
C ASP A 416 24.49 17.21 -48.02
N VAL A 417 23.74 16.21 -47.55
CA VAL A 417 22.39 16.00 -48.05
C VAL A 417 21.30 16.21 -47.01
N VAL A 418 21.61 16.16 -45.72
CA VAL A 418 20.64 16.52 -44.68
C VAL A 418 21.30 17.47 -43.70
N PHE A 419 20.47 18.12 -42.90
CA PHE A 419 20.92 19.06 -41.89
C PHE A 419 20.61 18.44 -40.54
N PRO A 420 21.58 17.85 -39.85
CA PRO A 420 21.29 17.19 -38.57
C PRO A 420 21.06 18.22 -37.47
N GLN A 421 20.11 17.90 -36.60
CA GLN A 421 19.72 18.77 -35.50
C GLN A 421 19.64 17.90 -34.27
N PHE A 422 20.61 18.02 -33.38
CA PHE A 422 20.76 17.09 -32.26
C PHE A 422 20.07 17.68 -31.04
N ALA A 423 18.82 17.27 -30.86
CA ALA A 423 17.98 17.77 -29.78
C ALA A 423 18.21 16.90 -28.55
N THR A 424 18.90 17.44 -27.56
CA THR A 424 19.13 16.71 -26.32
C THR A 424 19.58 17.69 -25.24
N HIS A 425 19.24 17.37 -23.99
CA HIS A 425 19.75 18.08 -22.83
C HIS A 425 20.82 17.31 -22.09
N ASN A 426 21.21 16.16 -22.62
CA ASN A 426 22.18 15.28 -21.96
C ASN A 426 23.59 15.72 -22.35
N ALA A 427 24.38 16.19 -21.37
CA ALA A 427 25.70 16.71 -21.67
C ALA A 427 26.64 15.63 -22.17
N GLN A 428 26.42 14.37 -21.76
CA GLN A 428 27.25 13.28 -22.25
C GLN A 428 26.95 13.00 -23.71
N THR A 429 25.66 12.92 -24.06
CA THR A 429 25.24 12.82 -25.45
C THR A 429 25.82 13.95 -26.27
N LEU A 430 25.66 15.19 -25.79
CA LEU A 430 26.14 16.35 -26.51
C LEU A 430 27.63 16.27 -26.77
N ALA A 431 28.41 15.99 -25.71
CA ALA A 431 29.87 15.95 -25.84
C ALA A 431 30.30 14.89 -26.84
N ALA A 432 29.64 13.73 -26.79
CA ALA A 432 29.99 12.64 -27.70
C ALA A 432 29.83 13.05 -29.14
N ILE A 433 28.76 13.79 -29.45
CA ILE A 433 28.49 14.21 -30.80
C ILE A 433 29.36 15.39 -31.21
N TYR A 434 29.61 16.31 -30.28
CA TYR A 434 30.50 17.44 -30.54
C TYR A 434 31.87 16.97 -31.02
N HIS A 435 32.43 15.95 -30.38
CA HIS A 435 33.72 15.43 -30.80
C HIS A 435 33.59 14.51 -32.00
N MET A 436 32.47 13.79 -32.11
CA MET A 436 32.23 12.99 -33.31
C MET A 436 32.21 13.85 -34.56
N ALA A 437 31.64 15.06 -34.48
CA ALA A 437 31.50 15.92 -35.64
C ALA A 437 32.83 16.51 -36.07
N GLY A 438 33.82 16.53 -35.19
CA GLY A 438 35.15 16.93 -35.59
C GLY A 438 35.33 18.43 -35.64
N LYS A 439 36.45 18.83 -36.22
CA LYS A 439 36.95 20.19 -36.14
C LYS A 439 36.34 21.14 -37.16
N ASP A 440 35.94 20.64 -38.33
CA ASP A 440 35.40 21.52 -39.36
C ASP A 440 33.95 21.82 -39.04
N PHE A 441 33.64 23.10 -38.83
CA PHE A 441 32.25 23.49 -38.62
C PHE A 441 31.96 24.79 -39.36
N HIS A 442 30.73 24.89 -39.85
CA HIS A 442 30.18 26.12 -40.38
C HIS A 442 28.70 26.10 -40.07
N VAL A 443 28.13 27.29 -39.81
CA VAL A 443 26.69 27.36 -39.57
C VAL A 443 25.97 26.82 -40.79
N GLY A 444 25.06 25.87 -40.56
CA GLY A 444 24.42 25.13 -41.62
C GLY A 444 24.90 23.71 -41.75
N LYS A 445 26.02 23.35 -41.14
CA LYS A 445 26.47 21.98 -41.21
C LYS A 445 25.61 21.08 -40.35
N TYR A 446 25.47 21.44 -39.08
CA TYR A 446 24.51 20.81 -38.18
C TYR A 446 24.25 21.81 -37.05
N GLU A 447 23.32 21.46 -36.16
CA GLU A 447 23.12 22.29 -34.98
C GLU A 447 22.70 21.38 -33.84
N PHE A 448 22.72 21.93 -32.64
CA PHE A 448 22.05 21.31 -31.50
C PHE A 448 20.68 21.94 -31.32
N GLN A 449 19.86 21.31 -30.48
CA GLN A 449 18.57 21.86 -30.14
C GLN A 449 18.23 21.57 -28.69
N CYS A 450 17.43 22.44 -28.10
CA CYS A 450 17.02 22.25 -26.72
C CYS A 450 15.60 22.80 -26.55
N LEU A 451 14.99 22.44 -25.44
CA LEU A 451 13.66 22.91 -25.11
C LEU A 451 13.77 24.21 -24.33
N HIS A 452 12.89 25.15 -24.63
CA HIS A 452 12.82 26.40 -23.89
C HIS A 452 12.71 26.13 -22.39
N GLY A 453 13.46 26.90 -21.62
CA GLY A 453 13.49 26.74 -20.16
C GLY A 453 14.39 25.63 -19.67
N MET A 454 14.29 24.44 -20.27
CA MET A 454 15.03 23.28 -19.83
C MET A 454 16.50 23.35 -20.24
N GLY A 455 16.79 23.83 -21.45
CA GLY A 455 18.12 23.62 -22.01
C GLY A 455 19.08 24.79 -22.02
N GLU A 456 18.61 26.00 -21.70
CA GLU A 456 19.48 27.16 -21.75
C GLU A 456 20.69 27.06 -20.83
N PRO A 457 20.58 26.54 -19.59
CA PRO A 457 21.81 26.42 -18.77
C PRO A 457 22.89 25.61 -19.44
N LEU A 458 22.54 24.47 -20.05
CA LEU A 458 23.55 23.67 -20.73
C LEU A 458 24.09 24.39 -21.96
N TYR A 459 23.21 24.92 -22.80
CA TYR A 459 23.68 25.44 -24.08
C TYR A 459 24.30 26.82 -23.99
N GLU A 460 24.13 27.53 -22.87
CA GLU A 460 24.97 28.70 -22.65
C GLU A 460 26.43 28.33 -22.41
N GLU A 461 26.71 27.05 -22.17
CA GLU A 461 28.08 26.53 -22.13
C GLU A 461 28.52 25.98 -23.48
N VAL A 462 27.66 26.06 -24.50
CA VAL A 462 27.93 25.50 -25.83
C VAL A 462 27.96 26.59 -26.89
N VAL A 463 26.89 27.39 -26.96
CA VAL A 463 26.79 28.44 -27.96
C VAL A 463 27.82 29.53 -27.70
N GLY A 464 28.41 30.04 -28.77
CA GLY A 464 29.30 31.19 -28.68
C GLY A 464 30.74 30.79 -28.85
N ARG A 465 31.52 31.69 -29.48
CA ARG A 465 32.93 31.41 -29.72
C ARG A 465 33.72 31.27 -28.43
N GLY A 466 33.21 31.81 -27.32
CA GLY A 466 33.83 31.60 -26.02
C GLY A 466 33.53 30.25 -25.37
N LYS A 467 32.61 29.49 -25.94
CA LYS A 467 32.32 28.16 -25.45
C LYS A 467 32.72 27.13 -26.51
N LEU A 468 31.78 26.31 -26.96
CA LEU A 468 32.05 25.33 -28.01
C LEU A 468 31.78 25.88 -29.41
N ASP A 469 31.19 27.07 -29.51
CA ASP A 469 30.93 27.72 -30.80
C ASP A 469 30.13 26.82 -31.73
N ARG A 470 29.08 26.21 -31.16
CA ARG A 470 28.09 25.44 -31.89
C ARG A 470 26.71 26.02 -31.64
N PRO A 471 25.90 26.17 -32.69
CA PRO A 471 24.57 26.78 -32.52
C PRO A 471 23.58 25.84 -31.87
N CYS A 472 22.58 26.43 -31.25
CA CYS A 472 21.49 25.70 -30.62
C CYS A 472 20.17 26.36 -30.98
N ARG A 473 19.22 25.56 -31.45
CA ARG A 473 17.87 26.04 -31.74
C ARG A 473 16.95 25.68 -30.59
N ILE A 474 16.23 26.67 -30.08
CA ILE A 474 15.37 26.48 -28.92
C ILE A 474 13.98 26.16 -29.40
N TYR A 475 13.44 25.02 -28.94
CA TYR A 475 12.06 24.64 -29.22
C TYR A 475 11.18 25.42 -28.24
N ALA A 476 10.39 26.35 -28.78
CA ALA A 476 9.78 27.41 -27.98
C ALA A 476 8.27 27.28 -27.98
N PRO A 477 7.68 26.72 -26.92
CA PRO A 477 6.22 26.63 -26.84
C PRO A 477 5.59 28.01 -26.73
N VAL A 478 4.44 28.15 -27.37
CA VAL A 478 3.73 29.41 -27.41
C VAL A 478 2.27 29.10 -27.14
N GLY A 479 1.69 29.72 -26.11
CA GLY A 479 0.28 29.52 -25.89
C GLY A 479 -0.15 30.02 -24.54
N THR A 480 -1.47 30.01 -24.35
CA THR A 480 -2.08 30.39 -23.08
C THR A 480 -1.85 29.32 -22.03
N HIS A 481 -2.19 29.67 -20.78
CA HIS A 481 -2.10 28.71 -19.69
C HIS A 481 -2.87 27.44 -20.02
N GLU A 482 -4.08 27.59 -20.56
CA GLU A 482 -4.92 26.43 -20.85
C GLU A 482 -4.24 25.47 -21.82
N THR A 483 -3.73 25.99 -22.93
CA THR A 483 -3.19 25.13 -23.98
C THR A 483 -1.89 24.46 -23.58
N LEU A 484 -1.25 24.94 -22.53
CA LEU A 484 0.08 24.50 -22.15
C LEU A 484 0.11 23.18 -21.36
N LEU A 485 -1.03 22.67 -20.92
CA LEU A 485 -1.04 21.62 -19.90
C LEU A 485 -0.42 20.30 -20.42
N ALA A 486 -0.96 19.77 -21.53
CA ALA A 486 -0.52 18.45 -22.00
C ALA A 486 0.99 18.41 -22.22
N TYR A 487 1.50 19.33 -23.05
CA TYR A 487 2.94 19.42 -23.25
C TYR A 487 3.70 19.54 -21.94
N LEU A 488 3.10 20.20 -20.95
CA LEU A 488 3.80 20.47 -19.69
C LEU A 488 4.01 19.19 -18.89
N VAL A 489 2.95 18.38 -18.74
CA VAL A 489 3.09 17.13 -18.00
C VAL A 489 4.05 16.20 -18.72
N ARG A 490 3.92 16.11 -20.04
CA ARG A 490 4.88 15.33 -20.81
C ARG A 490 6.29 15.82 -20.56
N ARG A 491 6.47 17.15 -20.40
CA ARG A 491 7.78 17.72 -20.08
C ARG A 491 8.20 17.41 -18.64
N LEU A 492 7.29 17.66 -17.70
CA LEU A 492 7.65 17.52 -16.29
C LEU A 492 7.90 16.07 -15.90
N LEU A 493 7.14 15.14 -16.49
CA LEU A 493 7.37 13.73 -16.23
C LEU A 493 8.75 13.32 -16.69
N GLU A 494 9.18 13.82 -17.85
CA GLU A 494 10.51 13.51 -18.36
C GLU A 494 11.58 13.88 -17.34
N ASN A 495 11.51 15.10 -16.80
CA ASN A 495 12.54 15.57 -15.87
C ASN A 495 12.48 14.90 -14.51
N GLY A 496 11.46 14.07 -14.25
CA GLY A 496 11.33 13.44 -12.95
C GLY A 496 11.71 11.98 -12.95
N ALA A 497 11.87 11.38 -14.12
CA ALA A 497 12.25 9.97 -14.19
C ALA A 497 13.66 9.77 -13.68
N ASN A 498 13.84 8.72 -12.87
CA ASN A 498 15.16 8.45 -12.30
C ASN A 498 16.24 8.36 -13.35
N SER A 499 15.91 7.85 -14.55
CA SER A 499 16.89 7.64 -15.60
C SER A 499 17.19 8.91 -16.40
N SER A 500 16.42 9.98 -16.21
CA SER A 500 16.60 11.19 -16.99
C SER A 500 17.86 11.94 -16.56
N PHE A 501 18.56 12.50 -17.55
CA PHE A 501 19.74 13.32 -17.26
C PHE A 501 19.43 14.46 -16.31
N VAL A 502 18.30 15.15 -16.53
CA VAL A 502 18.00 16.33 -15.71
C VAL A 502 17.76 15.91 -14.27
N HIS A 503 17.09 14.79 -14.06
CA HIS A 503 16.89 14.28 -12.70
C HIS A 503 18.21 13.88 -12.07
N ARG A 504 19.12 13.30 -12.85
CA ARG A 504 20.35 12.79 -12.27
C ARG A 504 21.34 13.92 -11.97
N ILE A 505 21.41 14.94 -12.83
CA ILE A 505 22.38 16.00 -12.59
C ILE A 505 21.99 16.81 -11.35
N ASN A 506 20.70 16.83 -11.01
CA ASN A 506 20.24 17.46 -9.79
C ASN A 506 20.34 16.55 -8.57
N ASP A 507 20.51 15.26 -8.78
CA ASP A 507 20.69 14.33 -7.67
C ASP A 507 22.11 14.47 -7.11
N PRO A 508 22.27 14.85 -5.84
CA PRO A 508 23.63 14.96 -5.28
C PRO A 508 24.33 13.61 -5.17
N LYS A 509 23.59 12.52 -5.01
CA LYS A 509 24.19 11.19 -4.91
C LYS A 509 24.69 10.66 -6.25
N VAL A 510 24.49 11.40 -7.34
CA VAL A 510 24.99 11.00 -8.65
C VAL A 510 26.26 11.78 -8.93
N SER A 511 27.39 11.07 -9.07
CA SER A 511 28.66 11.71 -9.33
C SER A 511 28.77 12.14 -10.79
N ILE A 512 29.71 13.05 -11.05
CA ILE A 512 29.98 13.46 -12.42
C ILE A 512 30.56 12.30 -13.22
N ASP A 513 31.35 11.44 -12.56
CA ASP A 513 31.85 10.24 -13.22
C ASP A 513 30.71 9.37 -13.72
N GLU A 514 29.66 9.19 -12.91
CA GLU A 514 28.51 8.42 -13.36
C GLU A 514 27.78 9.13 -14.50
N LEU A 515 27.77 10.46 -14.51
CA LEU A 515 27.07 11.20 -15.55
C LEU A 515 27.82 11.17 -16.88
N ILE A 516 29.15 11.12 -16.84
CA ILE A 516 29.93 11.10 -18.08
C ILE A 516 30.24 9.68 -18.53
N ALA A 517 29.71 8.67 -17.84
CA ALA A 517 29.89 7.29 -18.28
C ALA A 517 29.37 7.12 -19.70
N ASP A 518 30.14 6.39 -20.50
CA ASP A 518 29.86 6.20 -21.91
C ASP A 518 28.85 5.09 -22.12
N PRO A 519 27.62 5.41 -22.55
CA PRO A 519 26.61 4.35 -22.72
C PRO A 519 27.03 3.31 -23.75
N VAL A 520 27.80 3.69 -24.77
CA VAL A 520 28.22 2.75 -25.80
C VAL A 520 29.08 1.65 -25.17
N GLU A 521 30.06 2.04 -24.36
CA GLU A 521 30.94 1.05 -23.75
C GLU A 521 30.22 0.23 -22.68
N VAL A 522 29.32 0.86 -21.94
CA VAL A 522 28.57 0.12 -20.92
C VAL A 522 27.73 -0.97 -21.56
N VAL A 523 27.02 -0.63 -22.64
CA VAL A 523 26.23 -1.63 -23.34
C VAL A 523 27.15 -2.68 -23.95
N ARG A 524 28.28 -2.26 -24.53
CA ARG A 524 29.18 -3.21 -25.19
C ARG A 524 29.67 -4.30 -24.26
N ALA A 525 29.84 -3.99 -22.97
CA ALA A 525 30.38 -4.93 -22.00
C ALA A 525 29.31 -5.69 -21.23
N MET A 526 28.03 -5.47 -21.53
CA MET A 526 26.98 -6.24 -20.87
C MET A 526 27.12 -7.71 -21.24
N PRO A 527 26.75 -8.62 -20.32
CA PRO A 527 26.83 -10.05 -20.66
C PRO A 527 25.95 -10.41 -21.84
N VAL A 528 24.70 -9.96 -21.83
CA VAL A 528 23.79 -10.09 -22.95
C VAL A 528 23.57 -8.69 -23.51
N VAL A 529 24.10 -8.43 -24.70
CA VAL A 529 23.95 -7.11 -25.30
C VAL A 529 22.50 -6.89 -25.71
N GLY A 530 21.92 -5.79 -25.23
CA GLY A 530 20.59 -5.40 -25.65
C GLY A 530 19.45 -6.16 -25.02
N ALA A 531 19.66 -6.79 -23.86
CA ALA A 531 18.57 -7.48 -23.20
C ALA A 531 17.44 -6.51 -22.83
N LYS A 532 16.20 -6.99 -22.96
CA LYS A 532 15.02 -6.28 -22.49
C LYS A 532 15.18 -5.90 -21.02
N HIS A 533 14.53 -4.82 -20.61
CA HIS A 533 14.49 -4.47 -19.19
C HIS A 533 13.86 -5.61 -18.38
N ASP A 534 14.49 -5.94 -17.25
CA ASP A 534 14.02 -7.06 -16.45
C ASP A 534 12.66 -6.79 -15.82
N ARG A 535 12.28 -5.53 -15.63
CA ARG A 535 11.05 -5.21 -14.91
C ARG A 535 9.91 -4.76 -15.82
N ILE A 536 10.06 -4.91 -17.13
CA ILE A 536 8.99 -4.63 -18.07
C ILE A 536 8.63 -5.94 -18.77
N ALA A 537 7.37 -6.33 -18.66
CA ALA A 537 6.95 -7.61 -19.23
C ALA A 537 6.65 -7.43 -20.70
N LEU A 538 7.13 -8.35 -21.53
CA LEU A 538 6.61 -8.45 -22.88
C LEU A 538 5.10 -8.65 -22.80
N PRO A 539 4.34 -8.21 -23.81
CA PRO A 539 2.89 -8.39 -23.74
C PRO A 539 2.48 -9.83 -23.52
N ALA A 540 3.17 -10.79 -24.14
CA ALA A 540 2.82 -12.21 -23.95
C ALA A 540 2.97 -12.66 -22.50
N GLU A 541 3.75 -11.94 -21.70
CA GLU A 541 4.11 -12.40 -20.36
C GLU A 541 3.42 -11.59 -19.26
N LEU A 542 2.34 -10.87 -19.60
CA LEU A 542 1.65 -10.03 -18.61
C LEU A 542 1.23 -10.83 -17.39
N PHE A 543 0.87 -12.09 -17.57
CA PHE A 543 0.37 -12.90 -16.47
C PHE A 543 1.40 -13.88 -15.95
N GLY A 544 2.64 -13.79 -16.42
CA GLY A 544 3.71 -14.60 -15.85
C GLY A 544 3.43 -16.08 -16.01
N ASP A 545 3.69 -16.83 -14.93
CA ASP A 545 3.54 -18.28 -14.95
C ASP A 545 2.09 -18.74 -15.00
N ALA A 546 1.14 -17.85 -14.71
CA ALA A 546 -0.25 -18.28 -14.64
C ALA A 546 -0.76 -18.76 -16.00
N ARG A 547 -0.46 -18.00 -17.05
CA ARG A 547 -0.94 -18.35 -18.38
C ARG A 547 -0.31 -17.40 -19.39
N THR A 548 -0.42 -17.77 -20.65
CA THR A 548 0.14 -16.99 -21.73
C THR A 548 -0.91 -16.02 -22.25
N ASN A 549 -0.57 -14.74 -22.28
CA ASN A 549 -1.48 -13.75 -22.83
C ASN A 549 -1.75 -14.05 -24.29
N SER A 550 -2.99 -13.83 -24.72
CA SER A 550 -3.28 -13.88 -26.14
C SER A 550 -2.51 -12.80 -26.87
N ALA A 551 -2.25 -13.04 -28.16
CA ALA A 551 -1.55 -12.09 -29.01
C ALA A 551 -2.52 -11.42 -29.98
N GLY A 552 -2.32 -10.12 -30.20
CA GLY A 552 -3.10 -9.37 -31.16
C GLY A 552 -2.36 -9.23 -32.47
N LEU A 553 -2.77 -8.25 -33.26
CA LEU A 553 -2.15 -7.95 -34.53
C LEU A 553 -2.01 -6.44 -34.66
N ASP A 554 -0.92 -6.01 -35.27
CA ASP A 554 -0.62 -4.58 -35.38
C ASP A 554 -1.17 -4.08 -36.71
N LEU A 555 -2.30 -3.37 -36.67
CA LEU A 555 -2.92 -2.90 -37.90
C LEU A 555 -2.27 -1.62 -38.42
N SER A 556 -1.16 -1.19 -37.81
CA SER A 556 -0.32 -0.15 -38.36
C SER A 556 0.90 -0.71 -39.08
N ASN A 557 1.06 -2.04 -39.10
CA ASN A 557 2.22 -2.69 -39.69
C ASN A 557 1.85 -3.12 -41.11
N GLU A 558 2.56 -2.60 -42.12
CA GLU A 558 2.21 -2.90 -43.50
C GLU A 558 2.34 -4.37 -43.82
N GLU A 559 3.35 -5.04 -43.27
CA GLU A 559 3.47 -6.49 -43.46
C GLU A 559 2.26 -7.21 -42.91
N THR A 560 1.83 -6.82 -41.71
CA THR A 560 0.64 -7.42 -41.11
C THR A 560 -0.58 -7.13 -41.97
N LEU A 561 -0.73 -5.89 -42.44
CA LEU A 561 -1.90 -5.57 -43.24
C LEU A 561 -1.87 -6.34 -44.55
N ALA A 562 -0.70 -6.51 -45.14
CA ALA A 562 -0.60 -7.26 -46.39
C ALA A 562 -0.95 -8.73 -46.17
N SER A 563 -0.40 -9.33 -45.13
CA SER A 563 -0.68 -10.75 -44.89
C SER A 563 -2.13 -10.94 -44.46
N LEU A 564 -2.65 -10.02 -43.65
CA LEU A 564 -4.04 -10.09 -43.23
C LEU A 564 -4.98 -9.93 -44.43
N THR A 565 -4.65 -9.03 -45.35
CA THR A 565 -5.48 -8.87 -46.55
C THR A 565 -5.66 -10.20 -47.26
N GLU A 566 -4.57 -10.95 -47.46
CA GLU A 566 -4.67 -12.21 -48.17
C GLU A 566 -5.44 -13.24 -47.35
N ALA A 567 -5.19 -13.30 -46.04
CA ALA A 567 -5.90 -14.28 -45.23
C ALA A 567 -7.39 -13.95 -45.15
N LEU A 568 -7.72 -12.66 -45.07
CA LEU A 568 -9.14 -12.28 -45.04
C LEU A 568 -9.84 -12.66 -46.33
N ARG A 569 -9.23 -12.31 -47.48
CA ARG A 569 -9.79 -12.71 -48.77
C ARG A 569 -9.97 -14.22 -48.85
N GLU A 570 -8.98 -14.98 -48.40
CA GLU A 570 -9.11 -16.43 -48.44
C GLU A 570 -10.23 -16.91 -47.54
N SER A 571 -10.43 -16.26 -46.39
CA SER A 571 -11.54 -16.62 -45.52
C SER A 571 -12.88 -16.42 -46.20
N ALA A 572 -12.97 -15.41 -47.08
CA ALA A 572 -14.23 -15.10 -47.76
C ALA A 572 -14.55 -16.09 -48.87
N ALA A 573 -13.55 -16.83 -49.35
CA ALA A 573 -13.78 -17.86 -50.35
C ALA A 573 -14.18 -19.20 -49.76
N MET A 574 -14.08 -19.34 -48.44
CA MET A 574 -14.40 -20.62 -47.81
C MET A 574 -15.90 -20.82 -47.73
N LYS A 575 -16.32 -22.09 -47.78
CA LYS A 575 -17.73 -22.45 -47.72
C LYS A 575 -18.05 -22.80 -46.26
N TRP A 576 -18.20 -21.75 -45.46
CA TRP A 576 -18.51 -21.91 -44.04
C TRP A 576 -19.88 -22.54 -43.88
N THR A 577 -19.98 -23.57 -43.04
CA THR A 577 -21.26 -24.14 -42.68
C THR A 577 -21.34 -24.33 -41.17
N ALA A 578 -22.57 -24.47 -40.71
CA ALA A 578 -22.89 -24.79 -39.33
C ALA A 578 -23.99 -25.84 -39.36
N LEU A 579 -23.77 -26.96 -38.68
CA LEU A 579 -24.68 -28.09 -38.70
C LEU A 579 -25.01 -28.50 -37.29
N PRO A 580 -26.14 -29.17 -37.08
CA PRO A 580 -26.38 -29.80 -35.77
C PRO A 580 -25.40 -30.94 -35.59
N GLN A 581 -24.40 -30.74 -34.75
CA GLN A 581 -23.33 -31.72 -34.57
C GLN A 581 -23.65 -32.52 -33.32
N LEU A 582 -24.45 -33.57 -33.49
CA LEU A 582 -24.80 -34.41 -32.36
C LEU A 582 -23.65 -35.36 -32.03
N ALA A 583 -23.77 -36.04 -30.89
CA ALA A 583 -22.71 -36.95 -30.46
C ALA A 583 -22.46 -38.03 -31.49
N THR A 584 -23.48 -38.40 -32.26
CA THR A 584 -23.42 -39.46 -33.24
C THR A 584 -22.95 -38.99 -34.61
N GLY A 585 -22.83 -37.68 -34.82
CA GLY A 585 -22.47 -37.15 -36.12
C GLY A 585 -23.43 -36.06 -36.54
N PRO A 586 -23.18 -35.44 -37.70
CA PRO A 586 -24.03 -34.33 -38.15
C PRO A 586 -25.46 -34.80 -38.38
N ALA A 587 -26.42 -33.94 -38.05
CA ALA A 587 -27.82 -34.25 -38.21
C ALA A 587 -28.42 -33.42 -39.33
N ALA A 588 -29.48 -33.95 -39.94
CA ALA A 588 -30.21 -33.21 -40.96
C ALA A 588 -31.13 -32.17 -40.32
N GLY A 589 -31.51 -31.17 -41.11
CA GLY A 589 -32.40 -30.15 -40.62
C GLY A 589 -32.68 -29.14 -41.71
N GLU A 590 -33.38 -28.07 -41.34
CA GLU A 590 -33.66 -26.99 -42.28
C GLU A 590 -32.40 -26.15 -42.48
N THR A 591 -32.07 -25.90 -43.74
CA THR A 591 -30.85 -25.18 -44.12
C THR A 591 -31.21 -23.84 -44.74
N ARG A 592 -30.47 -22.80 -44.36
CA ARG A 592 -30.63 -21.48 -44.96
C ARG A 592 -29.26 -20.81 -45.02
N THR A 593 -29.19 -19.73 -45.79
CA THR A 593 -27.94 -19.01 -45.91
C THR A 593 -27.76 -18.06 -44.72
N VAL A 594 -26.50 -17.71 -44.48
CA VAL A 594 -26.12 -16.68 -43.52
C VAL A 594 -25.58 -15.51 -44.33
N LEU A 595 -26.18 -14.34 -44.16
CA LEU A 595 -25.86 -13.16 -44.95
C LEU A 595 -25.09 -12.15 -44.12
N ASN A 596 -24.12 -11.50 -44.77
CA ASN A 596 -23.37 -10.40 -44.16
C ASN A 596 -24.32 -9.28 -43.77
N PRO A 597 -24.38 -8.88 -42.49
CA PRO A 597 -25.32 -7.81 -42.11
C PRO A 597 -25.01 -6.48 -42.77
N GLY A 598 -23.78 -6.26 -43.22
CA GLY A 598 -23.41 -5.02 -43.87
C GLY A 598 -23.67 -5.00 -45.35
N ASP A 599 -24.12 -6.12 -45.91
CA ASP A 599 -24.37 -6.26 -47.33
C ASP A 599 -24.99 -7.63 -47.57
N HIS A 600 -26.33 -7.68 -47.66
CA HIS A 600 -27.02 -8.96 -47.74
C HIS A 600 -26.72 -9.71 -49.03
N ARG A 601 -26.06 -9.09 -50.00
CA ARG A 601 -25.64 -9.80 -51.21
C ARG A 601 -24.47 -10.74 -50.94
N ASP A 602 -23.75 -10.52 -49.85
CA ASP A 602 -22.56 -11.30 -49.49
C ASP A 602 -23.01 -12.48 -48.63
N VAL A 603 -23.18 -13.63 -49.27
CA VAL A 603 -23.53 -14.86 -48.56
C VAL A 603 -22.28 -15.35 -47.84
N VAL A 604 -22.35 -15.48 -46.53
CA VAL A 604 -21.19 -15.89 -45.76
C VAL A 604 -21.12 -17.40 -45.63
N GLY A 605 -22.27 -18.05 -45.51
CA GLY A 605 -22.28 -19.50 -45.40
C GLY A 605 -23.70 -20.01 -45.28
N SER A 606 -23.81 -21.23 -44.79
CA SER A 606 -25.09 -21.91 -44.69
C SER A 606 -25.17 -22.58 -43.32
N VAL A 607 -26.34 -22.49 -42.71
CA VAL A 607 -26.58 -23.10 -41.40
C VAL A 607 -27.69 -24.12 -41.56
N THR A 608 -27.46 -25.31 -41.02
CA THR A 608 -28.51 -26.30 -40.85
C THR A 608 -28.97 -26.24 -39.40
N GLU A 609 -30.23 -25.91 -39.19
CA GLU A 609 -30.70 -25.69 -37.84
C GLU A 609 -31.29 -26.96 -37.25
N THR A 610 -31.42 -26.96 -35.92
CA THR A 610 -31.72 -28.17 -35.17
C THR A 610 -33.22 -28.28 -34.94
N SER A 611 -33.76 -29.47 -35.15
CA SER A 611 -35.13 -29.74 -34.76
C SER A 611 -35.22 -29.88 -33.25
N GLU A 612 -36.39 -29.54 -32.70
CA GLU A 612 -36.58 -29.71 -31.27
C GLU A 612 -36.46 -31.17 -30.86
N GLU A 613 -36.77 -32.09 -31.78
CA GLU A 613 -36.54 -33.51 -31.52
C GLU A 613 -35.05 -33.79 -31.37
N ASP A 614 -34.22 -33.26 -32.27
CA ASP A 614 -32.80 -33.54 -32.18
C ASP A 614 -32.16 -32.82 -31.00
N ALA A 615 -32.69 -31.65 -30.62
CA ALA A 615 -32.18 -30.98 -29.43
C ALA A 615 -32.44 -31.82 -28.18
N ARG A 616 -33.63 -32.42 -28.09
CA ARG A 616 -33.92 -33.30 -26.96
C ARG A 616 -33.05 -34.55 -27.03
N ARG A 617 -32.82 -35.08 -28.24
CA ARG A 617 -31.94 -36.23 -28.37
C ARG A 617 -30.51 -35.89 -27.95
N ALA A 618 -30.03 -34.70 -28.32
CA ALA A 618 -28.68 -34.31 -27.97
C ALA A 618 -28.49 -34.26 -26.46
N VAL A 619 -29.50 -33.80 -25.72
CA VAL A 619 -29.38 -33.77 -24.26
C VAL A 619 -29.28 -35.18 -23.70
N ARG A 620 -30.05 -36.12 -24.25
CA ARG A 620 -29.96 -37.49 -23.77
C ARG A 620 -28.59 -38.09 -24.09
N LEU A 621 -28.05 -37.78 -25.27
CA LEU A 621 -26.71 -38.26 -25.60
C LEU A 621 -25.66 -37.66 -24.67
N ALA A 622 -25.81 -36.38 -24.34
CA ALA A 622 -24.89 -35.75 -23.39
C ALA A 622 -24.98 -36.42 -22.02
N ALA A 623 -26.19 -36.70 -21.57
CA ALA A 623 -26.38 -37.39 -20.29
C ALA A 623 -25.71 -38.75 -20.30
N ASP A 624 -25.86 -39.51 -21.40
CA ASP A 624 -25.26 -40.83 -21.47
C ASP A 624 -23.75 -40.77 -21.53
N ALA A 625 -23.20 -39.68 -22.08
CA ALA A 625 -21.77 -39.49 -22.17
C ALA A 625 -21.16 -38.75 -20.99
N ALA A 626 -21.99 -38.28 -20.06
CA ALA A 626 -21.47 -37.46 -18.96
C ALA A 626 -20.43 -38.18 -18.11
N PRO A 627 -20.59 -39.46 -17.73
CA PRO A 627 -19.54 -40.09 -16.90
C PRO A 627 -18.20 -40.18 -17.61
N ASP A 628 -18.20 -40.47 -18.91
CA ASP A 628 -16.93 -40.58 -19.63
C ASP A 628 -16.20 -39.26 -19.70
N TRP A 629 -16.93 -38.14 -19.75
CA TRP A 629 -16.25 -36.86 -19.79
C TRP A 629 -15.79 -36.43 -18.40
N ALA A 630 -16.62 -36.68 -17.38
CA ALA A 630 -16.22 -36.37 -16.01
C ALA A 630 -14.99 -37.16 -15.60
N ALA A 631 -14.80 -38.34 -16.18
CA ALA A 631 -13.66 -39.18 -15.85
C ALA A 631 -12.37 -38.71 -16.49
N VAL A 632 -12.44 -37.79 -17.46
CA VAL A 632 -11.20 -37.20 -17.99
C VAL A 632 -10.68 -36.29 -16.89
N PRO A 633 -9.46 -36.48 -16.42
CA PRO A 633 -8.98 -35.72 -15.27
C PRO A 633 -8.96 -34.24 -15.58
N PRO A 634 -9.21 -33.39 -14.57
CA PRO A 634 -9.27 -31.94 -14.84
C PRO A 634 -8.06 -31.41 -15.57
N SER A 635 -6.86 -31.88 -15.25
CA SER A 635 -5.66 -31.39 -15.92
C SER A 635 -5.71 -31.66 -17.41
N GLU A 636 -6.25 -32.81 -17.80
CA GLU A 636 -6.34 -33.15 -19.21
C GLU A 636 -7.47 -32.38 -19.89
N ARG A 637 -8.60 -32.18 -19.20
CA ARG A 637 -9.62 -31.29 -19.75
C ARG A 637 -9.04 -29.89 -19.97
N ALA A 638 -8.28 -29.39 -18.99
CA ALA A 638 -7.66 -28.08 -19.16
C ALA A 638 -6.64 -28.09 -20.30
N ALA A 639 -5.99 -29.23 -20.53
CA ALA A 639 -5.07 -29.30 -21.66
C ALA A 639 -5.81 -29.16 -22.98
N CYS A 640 -7.02 -29.71 -23.07
CA CYS A 640 -7.83 -29.50 -24.27
C CYS A 640 -8.07 -28.01 -24.50
N LEU A 641 -8.43 -27.29 -23.43
CA LEU A 641 -8.67 -25.86 -23.55
C LEU A 641 -7.41 -25.14 -24.03
N ASP A 642 -6.26 -25.48 -23.47
CA ASP A 642 -5.02 -24.83 -23.87
C ASP A 642 -4.69 -25.12 -25.33
N ARG A 643 -4.89 -26.38 -25.77
CA ARG A 643 -4.71 -26.71 -27.18
C ARG A 643 -5.68 -25.94 -28.05
N ALA A 644 -6.93 -25.81 -27.62
CA ALA A 644 -7.90 -25.04 -28.39
C ALA A 644 -7.48 -23.59 -28.49
N ALA A 645 -6.87 -23.05 -27.43
CA ALA A 645 -6.43 -21.65 -27.46
C ALA A 645 -5.30 -21.47 -28.47
N GLU A 646 -4.35 -22.41 -28.49
CA GLU A 646 -3.29 -22.37 -29.50
C GLU A 646 -3.86 -22.44 -30.90
N LEU A 647 -4.86 -23.29 -31.12
CA LEU A 647 -5.46 -23.39 -32.45
C LEU A 647 -6.12 -22.09 -32.86
N MET A 648 -6.85 -21.45 -31.93
CA MET A 648 -7.49 -20.19 -32.28
C MET A 648 -6.48 -19.09 -32.51
N GLN A 649 -5.39 -19.07 -31.74
CA GLN A 649 -4.34 -18.09 -31.99
C GLN A 649 -3.74 -18.26 -33.38
N ALA A 650 -3.48 -19.51 -33.78
CA ALA A 650 -2.90 -19.74 -35.10
C ALA A 650 -3.87 -19.38 -36.20
N ARG A 651 -5.16 -19.60 -35.97
CA ARG A 651 -6.19 -19.39 -36.98
C ARG A 651 -6.80 -18.00 -36.90
N MET A 652 -6.26 -17.12 -36.06
CA MET A 652 -6.89 -15.81 -35.84
C MET A 652 -7.19 -15.08 -37.14
N PRO A 653 -6.29 -15.00 -38.12
CA PRO A 653 -6.63 -14.24 -39.34
C PRO A 653 -7.88 -14.74 -40.03
N THR A 654 -8.02 -16.07 -40.16
CA THR A 654 -9.22 -16.62 -40.77
C THR A 654 -10.44 -16.38 -39.88
N LEU A 655 -10.30 -16.55 -38.56
CA LEU A 655 -11.39 -16.25 -37.65
C LEU A 655 -11.81 -14.78 -37.75
N LEU A 656 -10.84 -13.87 -37.89
CA LEU A 656 -11.16 -12.46 -38.11
C LEU A 656 -12.10 -12.28 -39.29
N GLY A 657 -11.74 -12.87 -40.43
CA GLY A 657 -12.53 -12.68 -41.63
C GLY A 657 -13.94 -13.17 -41.46
N LEU A 658 -14.12 -14.28 -40.75
CA LEU A 658 -15.46 -14.82 -40.56
C LEU A 658 -16.28 -13.92 -39.66
N ILE A 659 -15.68 -13.46 -38.56
CA ILE A 659 -16.40 -12.58 -37.64
C ILE A 659 -16.74 -11.27 -38.33
N ILE A 660 -15.80 -10.71 -39.10
CA ILE A 660 -16.04 -9.46 -39.80
C ILE A 660 -17.28 -9.56 -40.67
N ARG A 661 -17.40 -10.66 -41.42
CA ARG A 661 -18.48 -10.78 -42.40
C ARG A 661 -19.76 -11.34 -41.81
N GLU A 662 -19.66 -12.22 -40.80
CA GLU A 662 -20.88 -12.79 -40.23
C GLU A 662 -21.54 -11.85 -39.23
N ALA A 663 -20.74 -11.16 -38.40
CA ALA A 663 -21.27 -10.41 -37.28
C ALA A 663 -21.10 -8.89 -37.42
N GLY A 664 -20.65 -8.43 -38.59
CA GLY A 664 -20.56 -6.99 -38.82
C GLY A 664 -19.53 -6.30 -37.97
N LYS A 665 -18.45 -6.99 -37.60
CA LYS A 665 -17.41 -6.42 -36.77
C LYS A 665 -16.29 -5.84 -37.62
N SER A 666 -15.66 -4.80 -37.09
CA SER A 666 -14.43 -4.30 -37.68
C SER A 666 -13.29 -5.25 -37.38
N ALA A 667 -12.18 -5.09 -38.11
CA ALA A 667 -11.02 -5.92 -37.87
C ALA A 667 -10.50 -5.75 -36.45
N LEU A 668 -10.40 -4.52 -35.96
CA LEU A 668 -9.95 -4.26 -34.59
C LEU A 668 -10.82 -5.01 -33.59
N ASN A 669 -12.14 -4.92 -33.75
CA ASN A 669 -13.03 -5.60 -32.82
C ASN A 669 -12.96 -7.11 -32.96
N ALA A 670 -12.76 -7.61 -34.18
CA ALA A 670 -12.65 -9.05 -34.36
C ALA A 670 -11.37 -9.59 -33.72
N ILE A 671 -10.27 -8.84 -33.81
CA ILE A 671 -9.05 -9.24 -33.12
C ILE A 671 -9.32 -9.37 -31.63
N ALA A 672 -9.94 -8.36 -31.04
CA ALA A 672 -10.23 -8.40 -29.61
C ALA A 672 -11.15 -9.56 -29.27
N GLU A 673 -12.11 -9.84 -30.16
CA GLU A 673 -13.03 -10.94 -29.95
C GLU A 673 -12.30 -12.28 -29.89
N VAL A 674 -11.39 -12.52 -30.83
CA VAL A 674 -10.65 -13.78 -30.85
C VAL A 674 -9.69 -13.82 -29.67
N ARG A 675 -9.06 -12.68 -29.35
CA ARG A 675 -8.19 -12.64 -28.19
C ARG A 675 -8.96 -13.04 -26.94
N GLU A 676 -10.17 -12.52 -26.79
CA GLU A 676 -10.96 -12.83 -25.60
C GLU A 676 -11.29 -14.32 -25.53
N ALA A 677 -11.59 -14.94 -26.69
CA ALA A 677 -11.85 -16.38 -26.70
C ALA A 677 -10.62 -17.16 -26.25
N ILE A 678 -9.45 -16.79 -26.78
CA ILE A 678 -8.20 -17.41 -26.38
C ILE A 678 -7.98 -17.23 -24.87
N ASP A 679 -8.25 -16.02 -24.37
CA ASP A 679 -8.05 -15.73 -22.95
C ASP A 679 -8.99 -16.54 -22.07
N PHE A 680 -10.27 -16.68 -22.46
CA PHE A 680 -11.19 -17.56 -21.72
C PHE A 680 -10.63 -18.96 -21.62
N LEU A 681 -10.25 -19.54 -22.76
CA LEU A 681 -9.73 -20.90 -22.79
C LEU A 681 -8.56 -21.05 -21.82
N ARG A 682 -7.59 -20.13 -21.90
CA ARG A 682 -6.40 -20.27 -21.07
C ARG A 682 -6.72 -19.95 -19.61
N TYR A 683 -7.59 -18.98 -19.37
CA TYR A 683 -7.92 -18.62 -17.99
C TYR A 683 -8.67 -19.76 -17.30
N TYR A 684 -9.69 -20.33 -17.96
CA TYR A 684 -10.42 -21.40 -17.29
C TYR A 684 -9.54 -22.64 -17.15
N ALA A 685 -8.62 -22.86 -18.10
CA ALA A 685 -7.67 -23.97 -17.95
C ALA A 685 -6.82 -23.78 -16.72
N GLU A 686 -6.28 -22.57 -16.51
CA GLU A 686 -5.44 -22.33 -15.34
C GLU A 686 -6.24 -22.42 -14.06
N GLN A 687 -7.45 -21.84 -14.05
CA GLN A 687 -8.28 -21.87 -12.86
C GLN A 687 -8.63 -23.31 -12.50
N THR A 688 -8.82 -24.15 -13.52
CA THR A 688 -9.05 -25.56 -13.28
C THR A 688 -7.86 -26.21 -12.61
N ARG A 689 -6.66 -25.96 -13.15
CA ARG A 689 -5.44 -26.53 -12.57
C ARG A 689 -5.23 -26.06 -11.14
N ARG A 690 -5.75 -24.88 -10.80
CA ARG A 690 -5.62 -24.39 -9.44
CA ARG A 690 -5.62 -24.37 -9.44
C ARG A 690 -6.64 -24.97 -8.48
N THR A 691 -7.75 -25.52 -8.99
CA THR A 691 -8.86 -25.82 -8.07
C THR A 691 -9.43 -27.23 -8.10
N LEU A 692 -9.72 -27.79 -9.29
CA LEU A 692 -10.68 -28.89 -9.37
C LEU A 692 -10.06 -30.21 -8.95
N GLY A 693 -10.75 -30.90 -8.05
CA GLY A 693 -10.33 -32.20 -7.57
C GLY A 693 -11.49 -33.18 -7.57
N PRO A 694 -11.24 -34.39 -7.06
CA PRO A 694 -12.25 -35.46 -7.17
C PRO A 694 -13.60 -35.11 -6.55
N GLY A 695 -13.62 -34.31 -5.50
CA GLY A 695 -14.87 -34.01 -4.86
C GLY A 695 -15.65 -32.87 -5.46
N HIS A 696 -15.17 -32.27 -6.55
CA HIS A 696 -15.92 -31.20 -7.21
C HIS A 696 -16.57 -31.81 -8.43
N GLY A 697 -17.68 -32.51 -8.19
CA GLY A 697 -18.32 -33.25 -9.24
C GLY A 697 -19.05 -32.35 -10.20
N PRO A 698 -19.04 -32.69 -11.49
CA PRO A 698 -19.78 -31.89 -12.46
C PRO A 698 -21.28 -31.95 -12.21
N LEU A 699 -21.98 -30.92 -12.69
CA LEU A 699 -23.43 -30.92 -12.60
C LEU A 699 -24.05 -31.99 -13.50
N GLY A 700 -23.52 -32.14 -14.72
CA GLY A 700 -24.15 -32.95 -15.72
C GLY A 700 -24.26 -32.14 -16.99
N PRO A 701 -25.14 -32.54 -17.91
CA PRO A 701 -25.27 -31.79 -19.16
C PRO A 701 -25.61 -30.32 -18.91
N ILE A 702 -24.83 -29.44 -19.51
CA ILE A 702 -25.03 -28.00 -19.36
CA ILE A 702 -25.01 -27.99 -19.36
C ILE A 702 -25.41 -27.42 -20.71
N VAL A 703 -26.49 -26.63 -20.71
CA VAL A 703 -26.96 -25.95 -21.91
C VAL A 703 -26.33 -24.57 -21.92
N CYS A 704 -25.54 -24.29 -22.95
CA CYS A 704 -24.86 -23.02 -23.12
C CYS A 704 -25.54 -22.27 -24.26
N ILE A 705 -26.18 -21.16 -23.91
CA ILE A 705 -26.93 -20.35 -24.86
C ILE A 705 -26.25 -18.99 -24.91
N SER A 706 -25.86 -18.56 -26.11
CA SER A 706 -24.97 -17.43 -26.26
C SER A 706 -25.57 -16.36 -27.16
N PRO A 707 -25.13 -15.12 -27.04
CA PRO A 707 -25.68 -14.03 -27.84
C PRO A 707 -24.96 -13.89 -29.19
N TRP A 708 -25.55 -13.09 -30.08
CA TRP A 708 -24.93 -12.89 -31.38
C TRP A 708 -23.73 -11.93 -31.32
N ASN A 709 -23.68 -11.02 -30.35
CA ASN A 709 -22.83 -9.85 -30.49
C ASN A 709 -21.37 -10.11 -30.14
N PHE A 710 -21.08 -11.12 -29.32
CA PHE A 710 -19.74 -11.64 -29.12
C PHE A 710 -19.80 -13.09 -29.54
N PRO A 711 -19.89 -13.36 -30.84
CA PRO A 711 -20.31 -14.69 -31.30
C PRO A 711 -19.23 -15.75 -31.19
N LEU A 712 -17.98 -15.36 -30.92
CA LEU A 712 -16.96 -16.34 -30.61
C LEU A 712 -16.55 -16.30 -29.15
N ALA A 713 -16.37 -15.11 -28.57
CA ALA A 713 -15.78 -15.01 -27.24
C ALA A 713 -16.72 -15.57 -26.17
N ILE A 714 -17.93 -15.02 -26.05
CA ILE A 714 -18.83 -15.50 -25.00
C ILE A 714 -19.26 -16.93 -25.28
N PHE A 715 -19.51 -17.24 -26.55
CA PHE A 715 -19.76 -18.62 -26.95
C PHE A 715 -18.67 -19.55 -26.42
N THR A 716 -17.41 -19.23 -26.71
CA THR A 716 -16.31 -20.08 -26.25
C THR A 716 -16.19 -20.07 -24.73
N GLY A 717 -16.36 -18.91 -24.11
CA GLY A 717 -16.14 -18.81 -22.67
C GLY A 717 -17.09 -19.69 -21.88
N GLN A 718 -18.38 -19.65 -22.22
CA GLN A 718 -19.34 -20.47 -21.49
C GLN A 718 -19.05 -21.96 -21.68
N ILE A 719 -18.84 -22.37 -22.93
CA ILE A 719 -18.65 -23.77 -23.23
C ILE A 719 -17.36 -24.29 -22.61
N ALA A 720 -16.28 -23.49 -22.68
CA ALA A 720 -15.00 -23.93 -22.14
C ALA A 720 -15.09 -24.12 -20.65
N ALA A 721 -15.76 -23.20 -19.96
CA ALA A 721 -15.90 -23.32 -18.51
C ALA A 721 -16.68 -24.57 -18.15
N ALA A 722 -17.83 -24.78 -18.79
CA ALA A 722 -18.65 -25.96 -18.49
C ALA A 722 -17.88 -27.25 -18.78
N LEU A 723 -17.21 -27.30 -19.94
CA LEU A 723 -16.44 -28.49 -20.32
C LEU A 723 -15.32 -28.76 -19.33
N VAL A 724 -14.55 -27.72 -18.97
CA VAL A 724 -13.38 -27.99 -18.14
C VAL A 724 -13.81 -28.36 -16.73
N ALA A 725 -14.99 -27.92 -16.31
CA ALA A 725 -15.56 -28.36 -15.03
C ALA A 725 -16.09 -29.78 -15.10
N GLY A 726 -15.93 -30.48 -16.22
CA GLY A 726 -16.35 -31.86 -16.32
C GLY A 726 -17.74 -32.10 -16.82
N ASN A 727 -18.41 -31.10 -17.38
CA ASN A 727 -19.77 -31.23 -17.86
C ASN A 727 -19.79 -31.39 -19.37
N PRO A 728 -20.57 -32.31 -19.92
CA PRO A 728 -20.84 -32.27 -21.36
C PRO A 728 -21.73 -31.09 -21.68
N VAL A 729 -21.56 -30.54 -22.88
CA VAL A 729 -22.15 -29.26 -23.26
C VAL A 729 -23.05 -29.41 -24.48
N LEU A 730 -24.21 -28.78 -24.40
CA LEU A 730 -25.06 -28.53 -25.56
C LEU A 730 -24.89 -27.04 -25.87
N ALA A 731 -24.27 -26.75 -27.01
CA ALA A 731 -23.92 -25.38 -27.39
C ALA A 731 -24.99 -24.86 -28.36
N LYS A 732 -25.74 -23.86 -27.93
CA LYS A 732 -26.79 -23.28 -28.77
C LYS A 732 -26.39 -21.85 -29.12
N PRO A 733 -25.76 -21.62 -30.26
CA PRO A 733 -25.39 -20.25 -30.62
C PRO A 733 -26.60 -19.45 -31.07
N ALA A 734 -26.45 -18.13 -30.97
CA ALA A 734 -27.45 -17.22 -31.50
C ALA A 734 -27.74 -17.56 -32.96
N GLU A 735 -28.99 -17.43 -33.36
CA GLU A 735 -29.37 -17.76 -34.72
C GLU A 735 -28.68 -16.85 -35.75
N GLU A 736 -28.27 -15.65 -35.35
CA GLU A 736 -27.66 -14.74 -36.31
C GLU A 736 -26.23 -15.15 -36.66
N THR A 737 -25.52 -15.82 -35.75
CA THR A 737 -24.08 -16.03 -35.89
C THR A 737 -23.68 -17.49 -35.64
N PRO A 738 -24.23 -18.43 -36.42
CA PRO A 738 -23.87 -19.84 -36.21
C PRO A 738 -22.54 -20.26 -36.78
N LEU A 739 -22.01 -19.55 -37.79
CA LEU A 739 -20.84 -20.07 -38.50
C LEU A 739 -19.59 -20.01 -37.63
N ILE A 740 -19.34 -18.85 -37.00
CA ILE A 740 -18.18 -18.75 -36.13
C ILE A 740 -18.32 -19.70 -34.94
N ALA A 741 -19.55 -19.95 -34.50
CA ALA A 741 -19.77 -20.90 -33.42
C ALA A 741 -19.38 -22.31 -33.86
N ALA A 742 -19.82 -22.70 -35.06
CA ALA A 742 -19.46 -24.01 -35.58
C ALA A 742 -17.95 -24.15 -35.72
N GLU A 743 -17.27 -23.08 -36.13
CA GLU A 743 -15.82 -23.15 -36.25
C GLU A 743 -15.15 -23.27 -34.89
N GLY A 744 -15.68 -22.57 -33.88
CA GLY A 744 -15.15 -22.72 -32.53
C GLY A 744 -15.34 -24.13 -32.00
N VAL A 745 -16.50 -24.73 -32.27
CA VAL A 745 -16.73 -26.13 -31.88
C VAL A 745 -15.77 -27.05 -32.65
N ARG A 746 -15.55 -26.77 -33.94
CA ARG A 746 -14.59 -27.58 -34.68
C ARG A 746 -13.20 -27.51 -34.05
N ILE A 747 -12.79 -26.31 -33.64
CA ILE A 747 -11.49 -26.14 -33.00
C ILE A 747 -11.42 -26.88 -31.66
N LEU A 748 -12.48 -26.76 -30.84
CA LEU A 748 -12.48 -27.45 -29.55
C LEU A 748 -12.42 -28.96 -29.75
N ARG A 749 -13.16 -29.47 -30.72
CA ARG A 749 -13.10 -30.91 -31.01
C ARG A 749 -11.72 -31.31 -31.51
N GLU A 750 -11.13 -30.53 -32.41
CA GLU A 750 -9.77 -30.82 -32.84
C GLU A 750 -8.80 -30.82 -31.66
N ALA A 751 -9.05 -29.96 -30.67
CA ALA A 751 -8.22 -29.88 -29.48
C ALA A 751 -8.40 -31.04 -28.53
N GLY A 752 -9.35 -31.94 -28.81
CA GLY A 752 -9.51 -33.16 -28.04
C GLY A 752 -10.81 -33.28 -27.28
N ILE A 753 -11.67 -32.26 -27.29
CA ILE A 753 -12.98 -32.39 -26.68
C ILE A 753 -13.77 -33.43 -27.47
N PRO A 754 -14.21 -34.52 -26.86
CA PRO A 754 -14.92 -35.55 -27.62
C PRO A 754 -16.25 -35.03 -28.14
N ALA A 755 -16.67 -35.60 -29.29
CA ALA A 755 -17.94 -35.20 -29.89
C ALA A 755 -19.12 -35.39 -28.93
N SER A 756 -19.05 -36.41 -28.07
CA SER A 756 -20.12 -36.62 -27.11
C SER A 756 -20.12 -35.54 -26.01
N ALA A 757 -18.99 -34.89 -25.75
CA ALA A 757 -18.93 -33.87 -24.72
C ALA A 757 -19.32 -32.48 -25.21
N LEU A 758 -19.32 -32.25 -26.52
CA LEU A 758 -19.61 -30.93 -27.06
C LEU A 758 -20.43 -31.09 -28.34
N GLN A 759 -21.72 -30.85 -28.23
CA GLN A 759 -22.62 -30.91 -29.37
C GLN A 759 -23.09 -29.51 -29.74
N LEU A 760 -23.09 -29.21 -31.02
CA LEU A 760 -23.52 -27.92 -31.53
C LEU A 760 -24.94 -28.04 -32.05
N LEU A 761 -25.83 -27.17 -31.55
CA LEU A 761 -27.23 -27.19 -31.95
C LEU A 761 -27.60 -25.81 -32.48
N PRO A 762 -27.32 -25.53 -33.76
CA PRO A 762 -27.72 -24.25 -34.34
C PRO A 762 -29.24 -24.11 -34.35
N GLY A 763 -29.71 -22.87 -34.35
CA GLY A 763 -31.13 -22.61 -34.40
C GLY A 763 -31.54 -21.40 -33.58
N ASP A 764 -32.84 -21.12 -33.51
CA ASP A 764 -33.34 -19.94 -32.83
C ASP A 764 -33.69 -20.28 -31.38
N GLY A 765 -34.48 -19.43 -30.73
CA GLY A 765 -34.78 -19.61 -29.31
C GLY A 765 -35.57 -20.86 -29.00
N ARG A 766 -36.23 -21.44 -30.01
CA ARG A 766 -36.92 -22.72 -29.83
C ARG A 766 -35.95 -23.82 -29.48
N VAL A 767 -34.78 -23.82 -30.13
CA VAL A 767 -33.76 -24.81 -29.80
C VAL A 767 -33.23 -24.56 -28.41
N GLY A 768 -32.96 -23.29 -28.08
CA GLY A 768 -32.58 -22.95 -26.72
C GLY A 768 -33.60 -23.42 -25.71
N ALA A 769 -34.88 -23.14 -25.97
CA ALA A 769 -35.92 -23.49 -25.01
C ALA A 769 -36.06 -25.00 -24.88
N ALA A 770 -35.99 -25.72 -26.00
CA ALA A 770 -36.08 -27.17 -25.97
C ALA A 770 -34.94 -27.77 -25.17
N LEU A 771 -33.75 -27.19 -25.29
CA LEU A 771 -32.60 -27.66 -24.52
C LEU A 771 -32.80 -27.38 -23.03
N VAL A 772 -33.22 -26.16 -22.69
CA VAL A 772 -33.45 -25.80 -21.29
C VAL A 772 -34.48 -26.74 -20.66
N ALA A 773 -35.54 -27.05 -21.39
CA ALA A 773 -36.63 -27.86 -20.86
C ALA A 773 -36.29 -29.34 -20.76
N ALA A 774 -35.22 -29.80 -21.41
CA ALA A 774 -34.93 -31.22 -21.46
C ALA A 774 -34.64 -31.77 -20.07
N ALA A 775 -35.19 -32.95 -19.77
CA ALA A 775 -35.18 -33.44 -18.40
C ALA A 775 -33.76 -33.62 -17.86
N GLU A 776 -32.81 -33.99 -18.71
CA GLU A 776 -31.47 -34.27 -18.22
C GLU A 776 -30.60 -33.02 -18.12
N THR A 777 -31.12 -31.85 -18.48
CA THR A 777 -30.34 -30.63 -18.39
C THR A 777 -30.06 -30.29 -16.94
N ALA A 778 -28.78 -30.25 -16.58
CA ALA A 778 -28.38 -30.10 -15.20
C ALA A 778 -27.94 -28.69 -14.86
N GLY A 779 -27.79 -27.82 -15.86
CA GLY A 779 -27.38 -26.45 -15.62
C GLY A 779 -27.50 -25.66 -16.89
N VAL A 780 -27.70 -24.34 -16.76
CA VAL A 780 -27.89 -23.48 -17.92
C VAL A 780 -26.98 -22.28 -17.78
N MET A 781 -26.20 -22.01 -18.82
CA MET A 781 -25.39 -20.81 -18.90
C MET A 781 -25.97 -19.96 -20.04
N PHE A 782 -26.51 -18.81 -19.67
CA PHE A 782 -27.20 -17.94 -20.60
C PHE A 782 -26.55 -16.57 -20.59
N THR A 783 -26.24 -16.06 -21.76
CA THR A 783 -25.88 -14.68 -21.94
C THR A 783 -26.76 -14.13 -23.05
N GLY A 784 -27.47 -13.04 -22.76
CA GLY A 784 -28.43 -12.49 -23.70
C GLY A 784 -29.30 -11.45 -23.02
N SER A 785 -30.47 -11.20 -23.61
CA SER A 785 -31.36 -10.18 -23.09
C SER A 785 -31.97 -10.59 -21.76
N THR A 786 -32.28 -9.59 -20.95
CA THR A 786 -32.92 -9.86 -19.66
C THR A 786 -34.27 -10.53 -19.85
N GLU A 787 -35.03 -10.13 -20.88
CA GLU A 787 -36.36 -10.71 -21.09
C GLU A 787 -36.27 -12.20 -21.41
N VAL A 788 -35.28 -12.61 -22.21
CA VAL A 788 -35.14 -14.02 -22.52
C VAL A 788 -34.67 -14.79 -21.29
N ALA A 789 -33.73 -14.21 -20.54
CA ALA A 789 -33.31 -14.86 -19.29
C ALA A 789 -34.51 -15.10 -18.39
N ARG A 790 -35.45 -14.15 -18.36
CA ARG A 790 -36.61 -14.30 -17.48
C ARG A 790 -37.49 -15.46 -17.92
N LEU A 791 -37.61 -15.68 -19.24
CA LEU A 791 -38.33 -16.84 -19.74
C LEU A 791 -37.62 -18.14 -19.37
N ILE A 792 -36.28 -18.14 -19.44
CA ILE A 792 -35.55 -19.35 -19.05
C ILE A 792 -35.69 -19.59 -17.55
N GLN A 793 -35.60 -18.54 -16.74
CA GLN A 793 -35.83 -18.67 -15.31
C GLN A 793 -37.19 -19.30 -15.02
N ALA A 794 -38.22 -18.89 -15.76
CA ALA A 794 -39.55 -19.48 -15.56
C ALA A 794 -39.57 -20.95 -15.95
N GLN A 795 -38.93 -21.31 -17.07
CA GLN A 795 -38.80 -22.71 -17.47
C GLN A 795 -38.16 -23.53 -16.35
N LEU A 796 -37.06 -23.02 -15.80
CA LEU A 796 -36.31 -23.77 -14.80
C LEU A 796 -37.02 -23.87 -13.45
N ALA A 797 -37.93 -22.94 -13.15
CA ALA A 797 -38.61 -23.01 -11.87
C ALA A 797 -39.53 -24.22 -11.77
N ASP A 798 -39.92 -24.80 -12.91
CA ASP A 798 -40.67 -26.04 -12.91
C ASP A 798 -39.82 -27.23 -12.50
N ARG A 799 -38.50 -27.08 -12.51
CA ARG A 799 -37.58 -28.20 -12.56
C ARG A 799 -36.79 -28.33 -11.27
N LEU A 800 -36.49 -29.58 -10.91
CA LEU A 800 -35.54 -29.90 -9.86
C LEU A 800 -34.56 -30.94 -10.38
N SER A 801 -33.35 -30.91 -9.84
CA SER A 801 -32.36 -31.95 -10.14
C SER A 801 -32.86 -33.29 -9.60
N PRO A 802 -32.23 -34.41 -9.99
CA PRO A 802 -32.59 -35.70 -9.36
C PRO A 802 -32.46 -35.66 -7.85
N ALA A 803 -31.56 -34.84 -7.32
CA ALA A 803 -31.43 -34.66 -5.88
C ALA A 803 -32.48 -33.75 -5.29
N GLY A 804 -33.36 -33.17 -6.10
CA GLY A 804 -34.39 -32.28 -5.58
C GLY A 804 -33.95 -30.86 -5.33
N ARG A 805 -32.98 -30.35 -6.08
CA ARG A 805 -32.49 -28.99 -5.88
C ARG A 805 -32.62 -28.19 -7.17
N PRO A 806 -32.64 -26.86 -7.09
CA PRO A 806 -32.81 -26.06 -8.31
C PRO A 806 -31.67 -26.27 -9.29
N ILE A 807 -32.01 -26.22 -10.57
CA ILE A 807 -31.05 -26.30 -11.67
C ILE A 807 -30.30 -24.98 -11.75
N PRO A 808 -28.97 -24.97 -11.58
CA PRO A 808 -28.23 -23.71 -11.58
C PRO A 808 -28.39 -22.96 -12.89
N LEU A 809 -28.52 -21.64 -12.79
CA LEU A 809 -28.63 -20.78 -13.97
C LEU A 809 -27.67 -19.62 -13.79
N ILE A 810 -26.75 -19.46 -14.73
CA ILE A 810 -25.96 -18.24 -14.85
C ILE A 810 -26.61 -17.45 -15.97
N ALA A 811 -27.12 -16.27 -15.64
CA ALA A 811 -27.85 -15.45 -16.61
C ALA A 811 -27.21 -14.07 -16.59
N GLU A 812 -26.40 -13.80 -17.61
CA GLU A 812 -25.68 -12.55 -17.75
C GLU A 812 -26.38 -11.72 -18.81
N THR A 813 -26.93 -10.58 -18.41
CA THR A 813 -27.94 -9.93 -19.24
C THR A 813 -27.58 -8.47 -19.55
N GLY A 814 -28.58 -7.63 -19.79
CA GLY A 814 -28.34 -6.33 -20.39
C GLY A 814 -27.80 -5.28 -19.43
N GLY A 815 -27.50 -4.11 -19.98
CA GLY A 815 -27.06 -2.99 -19.18
C GLY A 815 -27.75 -1.72 -19.61
N GLN A 816 -27.67 -0.71 -18.73
CA GLN A 816 -28.08 0.66 -19.05
C GLN A 816 -26.94 1.54 -18.55
N ASN A 817 -25.81 1.43 -19.23
CA ASN A 817 -24.54 1.81 -18.65
C ASN A 817 -24.30 3.31 -18.76
N ALA A 818 -23.93 3.92 -17.64
CA ALA A 818 -23.72 5.35 -17.55
C ALA A 818 -22.23 5.65 -17.41
N MET A 819 -21.86 6.86 -17.83
CA MET A 819 -20.56 7.43 -17.52
C MET A 819 -20.82 8.83 -16.96
N ILE A 820 -20.20 9.13 -15.81
CA ILE A 820 -20.33 10.45 -15.19
C ILE A 820 -19.04 11.19 -15.43
N VAL A 821 -19.15 12.44 -15.90
CA VAL A 821 -18.01 13.28 -16.23
C VAL A 821 -18.18 14.57 -15.45
N ASP A 822 -17.16 14.97 -14.69
CA ASP A 822 -17.23 16.24 -14.00
C ASP A 822 -16.31 17.25 -14.69
N SER A 823 -16.28 18.46 -14.15
CA SER A 823 -15.55 19.55 -14.77
C SER A 823 -14.03 19.44 -14.62
N SER A 824 -13.52 18.43 -13.90
CA SER A 824 -12.09 18.21 -13.82
C SER A 824 -11.58 17.30 -14.93
N ALA A 825 -12.46 16.61 -15.63
CA ALA A 825 -12.03 15.70 -16.67
C ALA A 825 -11.51 16.48 -17.88
N LEU A 826 -10.68 15.80 -18.67
CA LEU A 826 -10.13 16.40 -19.88
C LEU A 826 -11.04 16.05 -21.04
N ALA A 827 -11.59 17.08 -21.70
CA ALA A 827 -12.65 16.85 -22.68
C ALA A 827 -12.20 15.90 -23.79
N GLU A 828 -10.97 16.09 -24.30
CA GLU A 828 -10.47 15.24 -25.37
C GLU A 828 -10.42 13.77 -24.96
N GLN A 829 -9.98 13.49 -23.72
CA GLN A 829 -9.99 12.13 -23.21
C GLN A 829 -11.40 11.60 -23.11
N VAL A 830 -12.30 12.39 -22.53
CA VAL A 830 -13.70 11.98 -22.41
C VAL A 830 -14.27 11.64 -23.77
N VAL A 831 -14.08 12.53 -24.74
CA VAL A 831 -14.76 12.34 -26.01
C VAL A 831 -14.26 11.07 -26.69
N GLY A 832 -12.95 10.83 -26.63
CA GLY A 832 -12.44 9.60 -27.21
C GLY A 832 -13.02 8.37 -26.54
N ASP A 833 -13.15 8.41 -25.21
CA ASP A 833 -13.67 7.25 -24.50
C ASP A 833 -15.16 7.09 -24.72
N VAL A 834 -15.88 8.19 -24.94
CA VAL A 834 -17.30 8.13 -25.20
C VAL A 834 -17.56 7.58 -26.59
N ILE A 835 -16.84 8.10 -27.59
CA ILE A 835 -16.99 7.64 -28.95
C ILE A 835 -16.73 6.13 -29.04
N THR A 836 -15.67 5.68 -28.39
CA THR A 836 -15.39 4.26 -28.35
C THR A 836 -16.47 3.49 -27.61
N SER A 837 -16.82 3.96 -26.40
CA SER A 837 -17.72 3.17 -25.56
C SER A 837 -19.13 3.12 -26.14
N ALA A 838 -19.57 4.20 -26.78
CA ALA A 838 -20.96 4.22 -27.24
C ALA A 838 -21.14 3.65 -28.64
N PHE A 839 -20.15 3.81 -29.51
CA PHE A 839 -20.37 3.54 -30.92
C PHE A 839 -19.49 2.44 -31.51
N ASP A 840 -18.43 2.01 -30.82
CA ASP A 840 -17.70 0.82 -31.23
C ASP A 840 -18.69 -0.33 -31.39
N SER A 841 -18.52 -1.11 -32.47
CA SER A 841 -19.41 -2.23 -32.76
C SER A 841 -20.85 -1.79 -32.92
N ALA A 842 -21.06 -0.52 -33.28
CA ALA A 842 -22.39 0.06 -33.43
C ALA A 842 -23.18 -0.05 -32.13
N GLY A 843 -22.48 0.09 -31.01
CA GLY A 843 -23.12 0.02 -29.71
C GLY A 843 -23.62 -1.34 -29.35
N GLN A 844 -23.21 -2.37 -30.07
CA GLN A 844 -23.72 -3.72 -29.84
C GLN A 844 -22.78 -4.50 -28.92
N ARG A 845 -22.41 -3.84 -27.84
CA ARG A 845 -21.72 -4.44 -26.72
C ARG A 845 -22.63 -4.30 -25.51
N CYS A 846 -22.72 -5.35 -24.70
CA CYS A 846 -23.52 -5.24 -23.50
C CYS A 846 -22.97 -4.15 -22.58
N SER A 847 -21.66 -3.91 -22.64
CA SER A 847 -20.95 -2.92 -21.85
C SER A 847 -21.03 -1.51 -22.40
N ALA A 848 -21.67 -1.34 -23.56
CA ALA A 848 -21.61 -0.07 -24.29
C ALA A 848 -22.20 1.08 -23.47
N LEU A 849 -21.62 2.26 -23.67
CA LEU A 849 -22.09 3.45 -22.97
C LEU A 849 -23.44 3.89 -23.53
N ARG A 850 -24.45 3.93 -22.66
CA ARG A 850 -25.81 4.31 -23.04
C ARG A 850 -26.21 5.70 -22.57
N VAL A 851 -25.70 6.16 -21.42
CA VAL A 851 -26.09 7.44 -20.85
C VAL A 851 -24.82 8.16 -20.43
N LEU A 852 -24.50 9.26 -21.11
CA LEU A 852 -23.40 10.12 -20.69
C LEU A 852 -23.96 11.24 -19.81
N CYS A 853 -23.39 11.40 -18.62
CA CYS A 853 -23.85 12.39 -17.66
C CYS A 853 -22.76 13.44 -17.51
N LEU A 854 -23.07 14.68 -17.90
CA LEU A 854 -22.09 15.75 -18.02
C LEU A 854 -22.38 16.83 -16.99
N GLN A 855 -21.37 17.19 -16.22
CA GLN A 855 -21.55 18.30 -15.29
C GLN A 855 -21.93 19.56 -16.07
N GLU A 856 -22.93 20.28 -15.55
CA GLU A 856 -23.56 21.36 -16.32
C GLU A 856 -22.54 22.36 -16.87
N ASP A 857 -21.52 22.70 -16.08
CA ASP A 857 -20.58 23.75 -16.46
C ASP A 857 -19.68 23.37 -17.64
N VAL A 858 -19.54 22.09 -17.94
CA VAL A 858 -18.71 21.64 -19.06
C VAL A 858 -19.52 20.93 -20.13
N ALA A 859 -20.85 20.84 -19.97
CA ALA A 859 -21.65 19.99 -20.85
C ALA A 859 -21.63 20.52 -22.28
N ASP A 860 -21.78 21.84 -22.45
CA ASP A 860 -21.86 22.38 -23.80
C ASP A 860 -20.55 22.18 -24.56
N ARG A 861 -19.42 22.44 -23.92
CA ARG A 861 -18.13 22.29 -24.59
C ARG A 861 -17.89 20.83 -24.97
N ILE A 862 -18.20 19.91 -24.05
CA ILE A 862 -18.00 18.49 -24.34
C ILE A 862 -18.98 18.01 -25.39
N LEU A 863 -20.23 18.46 -25.32
CA LEU A 863 -21.21 18.06 -26.33
C LEU A 863 -20.80 18.52 -27.72
N THR A 864 -20.33 19.78 -27.84
CA THR A 864 -19.84 20.26 -29.12
C THR A 864 -18.71 19.39 -29.63
N MET A 865 -17.75 19.08 -28.76
CA MET A 865 -16.62 18.26 -29.16
C MET A 865 -17.08 16.86 -29.54
N LEU A 866 -18.02 16.31 -28.76
CA LEU A 866 -18.54 14.97 -29.05
C LEU A 866 -19.24 14.94 -30.41
N LYS A 867 -20.07 15.93 -30.70
CA LYS A 867 -20.74 15.93 -32.00
C LYS A 867 -19.73 16.07 -33.13
N GLY A 868 -18.71 16.90 -32.93
CA GLY A 868 -17.68 17.00 -33.96
C GLY A 868 -16.97 15.68 -34.19
N ALA A 869 -16.66 14.96 -33.12
CA ALA A 869 -16.01 13.66 -33.26
C ALA A 869 -16.93 12.65 -33.92
N LEU A 870 -18.23 12.71 -33.58
CA LEU A 870 -19.21 11.82 -34.19
C LEU A 870 -19.12 11.87 -35.71
N HIS A 871 -19.03 13.07 -36.26
CA HIS A 871 -19.11 13.23 -37.71
C HIS A 871 -17.83 12.82 -38.43
N GLU A 872 -16.81 12.40 -37.69
CA GLU A 872 -15.60 11.87 -38.31
C GLU A 872 -15.62 10.36 -38.41
N LEU A 873 -16.70 9.71 -37.98
CA LEU A 873 -16.79 8.26 -38.02
C LEU A 873 -17.21 7.79 -39.40
N HIS A 874 -16.59 6.71 -39.86
CA HIS A 874 -16.91 6.11 -41.15
C HIS A 874 -17.73 4.85 -40.89
N ILE A 875 -18.96 4.84 -41.40
CA ILE A 875 -19.90 3.73 -41.24
C ILE A 875 -20.00 3.01 -42.58
N GLY A 876 -19.90 1.69 -42.53
CA GLY A 876 -19.99 0.92 -43.76
C GLY A 876 -19.74 -0.55 -43.51
N ARG A 877 -19.73 -1.30 -44.61
CA ARG A 877 -19.37 -2.70 -44.58
C ARG A 877 -17.94 -2.84 -44.06
N THR A 878 -17.73 -3.78 -43.15
CA THR A 878 -16.56 -3.74 -42.28
C THR A 878 -15.35 -4.45 -42.88
N ASP A 879 -15.37 -4.81 -44.15
CA ASP A 879 -14.19 -5.42 -44.75
C ASP A 879 -13.24 -4.36 -45.28
N ARG A 880 -13.29 -3.15 -44.70
CA ARG A 880 -12.35 -2.08 -44.99
C ARG A 880 -11.80 -1.55 -43.69
N LEU A 881 -10.47 -1.45 -43.62
CA LEU A 881 -9.82 -0.94 -42.41
C LEU A 881 -10.33 0.45 -42.03
N SER A 882 -10.75 1.24 -43.02
CA SER A 882 -11.20 2.60 -42.74
C SER A 882 -12.56 2.66 -42.08
N VAL A 883 -13.27 1.55 -41.97
CA VAL A 883 -14.62 1.57 -41.39
C VAL A 883 -14.51 1.56 -39.87
N ASP A 884 -15.18 2.52 -39.23
CA ASP A 884 -15.20 2.60 -37.78
C ASP A 884 -16.38 1.87 -37.18
N VAL A 885 -17.53 1.99 -37.81
CA VAL A 885 -18.80 1.50 -37.28
C VAL A 885 -19.45 0.65 -38.35
N GLY A 886 -19.72 -0.60 -38.02
CA GLY A 886 -20.36 -1.50 -38.94
C GLY A 886 -21.86 -1.50 -38.81
N PRO A 887 -22.51 -2.51 -39.38
CA PRO A 887 -23.97 -2.57 -39.38
C PRO A 887 -24.51 -3.08 -38.05
N VAL A 888 -25.81 -2.90 -37.86
CA VAL A 888 -26.52 -3.65 -36.82
C VAL A 888 -26.89 -5.01 -37.39
N ILE A 889 -27.13 -5.96 -36.48
CA ILE A 889 -27.07 -7.36 -36.89
C ILE A 889 -28.22 -7.75 -37.82
N THR A 890 -29.41 -7.18 -37.66
CA THR A 890 -30.56 -7.56 -38.47
C THR A 890 -31.43 -6.35 -38.76
N SER A 891 -32.34 -6.53 -39.72
CA SER A 891 -33.33 -5.49 -39.99
C SER A 891 -34.24 -5.29 -38.79
N GLU A 892 -34.52 -6.36 -38.04
CA GLU A 892 -35.35 -6.25 -36.84
C GLU A 892 -34.66 -5.42 -35.77
N ALA A 893 -33.37 -5.66 -35.54
CA ALA A 893 -32.62 -4.83 -34.61
C ALA A 893 -32.64 -3.38 -35.07
N LYS A 894 -32.41 -3.15 -36.35
CA LYS A 894 -32.46 -1.81 -36.92
C LYS A 894 -33.81 -1.14 -36.67
N ASP A 895 -34.91 -1.84 -36.98
CA ASP A 895 -36.24 -1.28 -36.75
C ASP A 895 -36.46 -0.97 -35.28
N ASN A 896 -36.00 -1.85 -34.39
CA ASN A 896 -36.18 -1.61 -32.97
C ASN A 896 -35.41 -0.37 -32.52
N ILE A 897 -34.18 -0.22 -33.00
CA ILE A 897 -33.38 0.95 -32.63
C ILE A 897 -33.99 2.22 -33.21
N GLU A 898 -34.37 2.19 -34.49
CA GLU A 898 -34.92 3.39 -35.10
C GLU A 898 -36.23 3.82 -34.45
N LYS A 899 -37.05 2.84 -34.05
CA LYS A 899 -38.28 3.15 -33.34
C LYS A 899 -37.99 3.94 -32.07
N HIS A 900 -36.94 3.55 -31.34
CA HIS A 900 -36.55 4.32 -30.15
C HIS A 900 -36.12 5.73 -30.53
N ILE A 901 -35.25 5.85 -31.54
CA ILE A 901 -34.74 7.16 -31.95
C ILE A 901 -35.89 8.08 -32.33
N GLU A 902 -36.84 7.57 -33.12
CA GLU A 902 -37.92 8.44 -33.58
C GLU A 902 -38.88 8.80 -32.45
N ARG A 903 -39.10 7.88 -31.51
CA ARG A 903 -39.86 8.23 -30.32
C ARG A 903 -39.22 9.42 -29.60
N MET A 904 -37.93 9.30 -29.28
CA MET A 904 -37.20 10.40 -28.66
C MET A 904 -37.29 11.68 -29.48
N ARG A 905 -37.06 11.56 -30.79
CA ARG A 905 -37.17 12.73 -31.67
C ARG A 905 -38.56 13.32 -31.62
N GLY A 906 -39.58 12.47 -31.48
CA GLY A 906 -40.95 12.96 -31.42
C GLY A 906 -41.23 13.73 -30.14
N LEU A 907 -40.57 13.38 -29.06
CA LEU A 907 -40.72 14.11 -27.81
C LEU A 907 -39.99 15.45 -27.81
N GLY A 908 -39.34 15.80 -28.92
CA GLY A 908 -38.61 17.05 -29.00
C GLY A 908 -37.18 16.98 -28.51
N ARG A 909 -36.67 15.80 -28.19
CA ARG A 909 -35.28 15.66 -27.78
C ARG A 909 -34.34 15.92 -28.95
N LYS A 910 -33.25 16.64 -28.69
CA LYS A 910 -32.28 16.93 -29.74
C LYS A 910 -31.57 15.65 -30.16
N VAL A 911 -31.55 15.39 -31.48
CA VAL A 911 -30.99 14.17 -32.03
C VAL A 911 -29.92 14.54 -33.04
N GLU A 912 -28.70 14.07 -32.82
CA GLU A 912 -27.58 14.26 -33.72
C GLU A 912 -27.29 12.91 -34.38
N GLN A 913 -27.27 12.89 -35.72
CA GLN A 913 -26.98 11.66 -36.45
C GLN A 913 -26.05 11.99 -37.60
N ILE A 914 -25.14 11.09 -37.88
CA ILE A 914 -24.27 11.28 -39.04
C ILE A 914 -24.94 10.67 -40.26
N GLY A 915 -24.66 11.24 -41.42
CA GLY A 915 -25.26 10.75 -42.64
C GLY A 915 -24.65 9.43 -43.06
N LEU A 916 -25.49 8.54 -43.56
CA LEU A 916 -25.07 7.24 -44.04
C LEU A 916 -24.85 7.29 -45.54
N ALA A 917 -23.75 6.70 -46.00
CA ALA A 917 -23.50 6.63 -47.43
C ALA A 917 -24.52 5.72 -48.10
N SER A 918 -24.72 5.93 -49.40
CA SER A 918 -25.69 5.13 -50.15
C SER A 918 -25.32 3.65 -50.13
N GLU A 919 -24.02 3.34 -49.99
CA GLU A 919 -23.57 1.95 -49.96
C GLU A 919 -24.16 1.16 -48.80
N THR A 920 -24.63 1.83 -47.75
CA THR A 920 -25.17 1.10 -46.60
C THR A 920 -26.53 0.48 -46.89
N GLY A 921 -27.20 0.90 -47.98
CA GLY A 921 -28.54 0.40 -48.27
C GLY A 921 -28.62 -1.09 -48.50
N VAL A 922 -27.53 -1.73 -48.92
CA VAL A 922 -27.54 -3.17 -49.13
C VAL A 922 -27.45 -3.95 -47.82
N GLY A 923 -27.22 -3.27 -46.70
CA GLY A 923 -27.16 -3.90 -45.39
C GLY A 923 -28.11 -3.26 -44.40
N THR A 924 -27.91 -3.52 -43.10
CA THR A 924 -28.78 -2.97 -42.07
C THR A 924 -27.94 -2.10 -41.14
N PHE A 925 -27.96 -0.79 -41.36
CA PHE A 925 -27.15 0.16 -40.62
C PHE A 925 -28.03 1.16 -39.90
N VAL A 926 -27.59 1.56 -38.70
CA VAL A 926 -28.15 2.67 -37.95
C VAL A 926 -27.02 3.66 -37.73
N PRO A 927 -27.18 4.93 -38.07
CA PRO A 927 -26.09 5.89 -37.86
C PRO A 927 -25.85 6.10 -36.38
N PRO A 928 -24.60 6.23 -35.96
CA PRO A 928 -24.32 6.71 -34.61
C PRO A 928 -25.15 7.94 -34.28
N THR A 929 -25.75 7.93 -33.10
CA THR A 929 -26.80 8.88 -32.74
C THR A 929 -26.53 9.40 -31.34
N ILE A 930 -26.73 10.69 -31.14
CA ILE A 930 -26.67 11.31 -29.83
C ILE A 930 -28.03 11.90 -29.54
N ILE A 931 -28.60 11.54 -28.39
CA ILE A 931 -29.92 11.99 -27.97
C ILE A 931 -29.77 12.70 -26.64
N GLU A 932 -30.18 13.97 -26.59
CA GLU A 932 -30.04 14.76 -25.37
C GLU A 932 -31.32 14.61 -24.57
N LEU A 933 -31.22 14.00 -23.40
CA LEU A 933 -32.37 13.75 -22.54
C LEU A 933 -32.45 14.81 -21.44
N GLU A 934 -33.65 14.93 -20.88
CA GLU A 934 -33.89 15.78 -19.71
C GLU A 934 -33.57 15.05 -18.41
N LYS A 935 -34.19 13.88 -18.21
CA LYS A 935 -33.97 13.08 -17.02
C LYS A 935 -33.60 11.67 -17.43
N LEU A 936 -32.84 10.99 -16.56
CA LEU A 936 -32.44 9.61 -16.86
C LEU A 936 -33.64 8.71 -17.02
N SER A 937 -34.74 9.01 -16.32
CA SER A 937 -35.96 8.20 -16.44
C SER A 937 -36.60 8.30 -17.82
N ASP A 938 -36.12 9.18 -18.71
CA ASP A 938 -36.57 9.17 -20.10
C ASP A 938 -36.25 7.86 -20.79
N LEU A 939 -35.28 7.09 -20.29
CA LEU A 939 -34.99 5.76 -20.80
C LEU A 939 -35.81 4.72 -20.06
N GLN A 940 -36.31 3.74 -20.80
CA GLN A 940 -37.10 2.66 -20.22
C GLN A 940 -36.44 1.29 -20.32
N ARG A 941 -35.79 0.98 -21.45
CA ARG A 941 -35.17 -0.32 -21.64
C ARG A 941 -33.85 -0.14 -22.38
N GLU A 942 -33.01 -1.17 -22.28
CA GLU A 942 -31.75 -1.19 -23.02
C GLU A 942 -32.02 -1.09 -24.51
N VAL A 943 -31.37 -0.15 -25.18
CA VAL A 943 -31.47 0.02 -26.63
C VAL A 943 -30.13 -0.40 -27.22
N PHE A 944 -30.12 -1.59 -27.84
CA PHE A 944 -28.88 -2.27 -28.17
C PHE A 944 -28.40 -1.84 -29.55
N GLY A 945 -27.91 -0.61 -29.62
CA GLY A 945 -27.48 -0.02 -30.87
C GLY A 945 -26.62 1.20 -30.63
N PRO A 946 -26.30 1.91 -31.69
CA PRO A 946 -25.33 3.02 -31.58
C PRO A 946 -26.02 4.32 -31.17
N VAL A 947 -26.59 4.33 -29.97
CA VAL A 947 -27.45 5.42 -29.53
C VAL A 947 -26.99 5.86 -28.15
N LEU A 948 -26.32 7.00 -28.11
CA LEU A 948 -25.84 7.58 -26.86
C LEU A 948 -26.84 8.60 -26.37
N HIS A 949 -27.21 8.51 -25.09
CA HIS A 949 -28.05 9.52 -24.49
C HIS A 949 -27.21 10.39 -23.58
N VAL A 950 -27.52 11.69 -23.55
CA VAL A 950 -26.75 12.66 -22.80
C VAL A 950 -27.67 13.37 -21.81
N ILE A 951 -27.29 13.35 -20.54
CA ILE A 951 -27.98 14.16 -19.55
C ILE A 951 -26.94 15.06 -18.86
N ARG A 952 -27.44 16.16 -18.31
CA ARG A 952 -26.63 17.14 -17.62
C ARG A 952 -26.98 17.13 -16.14
N TYR A 953 -26.03 17.50 -15.31
CA TYR A 953 -26.30 17.53 -13.88
C TYR A 953 -25.49 18.64 -13.23
N ARG A 954 -26.05 19.22 -12.17
CA ARG A 954 -25.32 20.17 -11.34
C ARG A 954 -24.50 19.42 -10.30
N ARG A 955 -23.32 19.95 -9.99
CA ARG A 955 -22.37 19.20 -9.16
C ARG A 955 -22.97 18.82 -7.81
N ASP A 956 -23.78 19.70 -7.22
CA ASP A 956 -24.37 19.35 -5.93
C ASP A 956 -25.33 18.18 -6.01
N ASP A 957 -25.85 17.88 -7.21
CA ASP A 957 -26.78 16.78 -7.41
C ASP A 957 -26.07 15.49 -7.82
N LEU A 958 -24.75 15.42 -7.63
CA LEU A 958 -24.03 14.21 -8.02
C LEU A 958 -24.57 12.97 -7.31
N ASP A 959 -24.81 13.07 -6.00
CA ASP A 959 -25.28 11.90 -5.28
C ASP A 959 -26.65 11.47 -5.79
N ARG A 960 -27.54 12.44 -6.05
CA ARG A 960 -28.84 12.12 -6.63
C ARG A 960 -28.69 11.46 -7.98
N LEU A 961 -27.74 11.93 -8.79
CA LEU A 961 -27.53 11.34 -10.12
C LEU A 961 -27.11 9.88 -10.01
N VAL A 962 -26.17 9.57 -9.10
CA VAL A 962 -25.82 8.17 -8.86
C VAL A 962 -27.05 7.37 -8.47
N ASP A 963 -27.91 7.94 -7.62
CA ASP A 963 -29.18 7.28 -7.33
C ASP A 963 -29.94 6.98 -8.61
N ASP A 964 -30.02 7.96 -9.50
CA ASP A 964 -30.78 7.79 -10.74
C ASP A 964 -30.19 6.67 -11.60
N VAL A 965 -28.86 6.59 -11.67
CA VAL A 965 -28.23 5.52 -12.43
C VAL A 965 -28.59 4.18 -11.82
N ASN A 966 -28.49 4.07 -10.49
CA ASN A 966 -28.83 2.83 -9.81
C ASN A 966 -30.31 2.51 -9.96
N ALA A 967 -31.15 3.53 -10.08
CA ALA A 967 -32.60 3.31 -10.05
C ALA A 967 -33.12 2.56 -11.28
N THR A 968 -32.35 2.52 -12.37
CA THR A 968 -32.79 1.73 -13.52
C THR A 968 -32.93 0.25 -13.18
N GLY A 969 -32.21 -0.23 -12.17
CA GLY A 969 -32.18 -1.64 -11.83
C GLY A 969 -31.11 -2.42 -12.54
N TYR A 970 -30.47 -1.84 -13.55
CA TYR A 970 -29.32 -2.44 -14.18
C TYR A 970 -28.08 -2.21 -13.33
N GLY A 971 -27.00 -2.87 -13.69
CA GLY A 971 -25.78 -2.73 -12.93
C GLY A 971 -24.60 -3.41 -13.59
N LEU A 972 -24.34 -3.07 -14.86
CA LEU A 972 -23.33 -3.81 -15.60
C LEU A 972 -22.02 -3.00 -15.64
N THR A 973 -21.85 -2.09 -16.59
CA THR A 973 -20.67 -1.25 -16.61
C THR A 973 -21.01 0.18 -16.21
N PHE A 974 -19.98 0.88 -15.71
CA PHE A 974 -20.13 2.24 -15.25
C PHE A 974 -18.79 2.94 -15.38
N GLY A 975 -18.79 4.16 -15.91
CA GLY A 975 -17.58 4.93 -16.05
C GLY A 975 -17.62 6.24 -15.27
N LEU A 976 -16.45 6.66 -14.82
CA LEU A 976 -16.32 7.95 -14.16
C LEU A 976 -15.07 8.63 -14.67
N HIS A 977 -15.22 9.85 -15.17
CA HIS A 977 -14.09 10.67 -15.59
C HIS A 977 -13.98 11.83 -14.62
N THR A 978 -12.91 11.81 -13.83
CA THR A 978 -12.63 12.85 -12.86
C THR A 978 -11.18 12.72 -12.44
N ARG A 979 -10.61 13.83 -11.99
CA ARG A 979 -9.28 13.79 -11.40
C ARG A 979 -9.33 13.84 -9.89
N LEU A 980 -10.52 13.93 -9.30
CA LEU A 980 -10.66 14.32 -7.90
C LEU A 980 -10.95 13.10 -7.03
N ASP A 981 -10.08 12.84 -6.05
CA ASP A 981 -10.24 11.67 -5.19
C ASP A 981 -11.56 11.68 -4.44
N GLU A 982 -11.99 12.86 -3.96
CA GLU A 982 -13.26 12.88 -3.24
C GLU A 982 -14.40 12.38 -4.12
N THR A 983 -14.35 12.75 -5.40
CA THR A 983 -15.42 12.35 -6.30
C THR A 983 -15.32 10.87 -6.64
N ILE A 984 -14.10 10.37 -6.82
CA ILE A 984 -13.91 8.92 -7.04
C ILE A 984 -14.44 8.14 -5.85
N ALA A 985 -14.05 8.53 -4.65
CA ALA A 985 -14.47 7.79 -3.45
C ALA A 985 -15.97 7.81 -3.33
N HIS A 986 -16.58 8.99 -3.48
CA HIS A 986 -18.02 9.14 -3.41
C HIS A 986 -18.72 8.27 -4.44
N VAL A 987 -18.39 8.48 -5.72
CA VAL A 987 -19.15 7.80 -6.77
C VAL A 987 -18.95 6.30 -6.70
N THR A 988 -17.71 5.84 -6.50
CA THR A 988 -17.51 4.40 -6.52
C THR A 988 -18.07 3.73 -5.28
N SER A 989 -18.22 4.46 -4.18
CA SER A 989 -18.83 3.82 -3.01
C SER A 989 -20.35 3.73 -3.14
N ARG A 990 -20.96 4.54 -4.01
CA ARG A 990 -22.41 4.62 -4.07
C ARG A 990 -22.98 3.97 -5.32
N ILE A 991 -22.20 3.86 -6.40
CA ILE A 991 -22.68 3.18 -7.58
C ILE A 991 -22.79 1.69 -7.31
N LYS A 992 -23.77 1.04 -7.93
CA LYS A 992 -23.96 -0.41 -7.79
C LYS A 992 -23.88 -1.02 -9.18
N ALA A 993 -22.67 -1.38 -9.59
CA ALA A 993 -22.45 -1.99 -10.90
C ALA A 993 -21.26 -2.92 -10.78
N GLY A 994 -21.24 -3.92 -11.66
CA GLY A 994 -20.23 -4.97 -11.51
C GLY A 994 -18.88 -4.61 -12.09
N ASN A 995 -18.84 -3.72 -13.09
CA ASN A 995 -17.59 -3.34 -13.74
C ASN A 995 -17.48 -1.82 -13.77
N LEU A 996 -16.52 -1.29 -13.03
CA LEU A 996 -16.31 0.15 -12.94
C LEU A 996 -15.05 0.52 -13.71
N TYR A 997 -15.05 1.72 -14.28
CA TYR A 997 -13.92 2.16 -15.10
C TYR A 997 -13.68 3.63 -14.81
N ILE A 998 -12.44 3.98 -14.43
CA ILE A 998 -12.10 5.33 -14.01
CA ILE A 998 -12.11 5.34 -14.03
C ILE A 998 -11.13 5.91 -15.04
N ASN A 999 -11.56 7.00 -15.70
CA ASN A 999 -10.71 7.75 -16.64
C ASN A 999 -10.29 6.90 -17.85
N ARG A 1000 -11.21 6.07 -18.33
CA ARG A 1000 -10.96 5.24 -19.49
C ARG A 1000 -12.31 4.85 -20.08
N ASN A 1001 -12.28 4.10 -21.17
CA ASN A 1001 -13.56 3.66 -21.72
C ASN A 1001 -14.14 2.58 -20.82
N ILE A 1002 -15.37 2.18 -21.10
CA ILE A 1002 -16.08 1.22 -20.25
C ILE A 1002 -16.32 -0.10 -20.97
N ILE A 1003 -15.56 -0.41 -22.02
CA ILE A 1003 -15.83 -1.62 -22.77
C ILE A 1003 -14.72 -2.65 -22.62
N GLY A 1004 -13.78 -2.41 -21.71
CA GLY A 1004 -12.81 -3.40 -21.37
C GLY A 1004 -13.35 -4.51 -20.50
N ALA A 1005 -13.26 -5.74 -21.00
CA ALA A 1005 -13.58 -6.94 -20.25
C ALA A 1005 -12.47 -7.95 -20.39
N VAL A 1006 -11.25 -7.52 -20.07
CA VAL A 1006 -10.11 -8.42 -20.21
C VAL A 1006 -10.22 -9.56 -19.21
N VAL A 1007 -10.17 -10.79 -19.72
CA VAL A 1007 -10.39 -11.97 -18.90
C VAL A 1007 -9.32 -12.01 -17.81
N GLY A 1008 -9.75 -12.26 -16.57
CA GLY A 1008 -8.82 -12.35 -15.46
C GLY A 1008 -8.25 -11.03 -15.00
N VAL A 1009 -8.66 -9.92 -15.61
CA VAL A 1009 -8.09 -8.61 -15.32
C VAL A 1009 -9.23 -7.66 -14.95
N GLN A 1010 -10.26 -7.62 -15.81
CA GLN A 1010 -11.58 -7.12 -15.43
C GLN A 1010 -12.55 -8.28 -15.57
N PRO A 1011 -12.61 -9.19 -14.60
CA PRO A 1011 -13.70 -10.16 -14.57
C PRO A 1011 -15.01 -9.42 -14.79
N PHE A 1012 -15.83 -9.95 -15.70
CA PHE A 1012 -16.91 -9.18 -16.27
C PHE A 1012 -18.26 -9.75 -15.87
N GLY A 1013 -19.16 -8.86 -15.46
CA GLY A 1013 -20.50 -9.30 -15.13
C GLY A 1013 -21.12 -8.37 -14.10
N GLY A 1014 -22.43 -8.14 -14.22
CA GLY A 1014 -23.09 -7.19 -13.36
C GLY A 1014 -24.13 -7.78 -12.43
N ARG A 1015 -24.95 -6.90 -11.86
CA ARG A 1015 -25.93 -7.25 -10.83
C ARG A 1015 -27.30 -6.74 -11.25
N GLY A 1016 -28.30 -7.02 -10.42
CA GLY A 1016 -29.63 -6.53 -10.73
C GLY A 1016 -30.12 -7.13 -12.04
N LEU A 1017 -30.68 -6.27 -12.89
CA LEU A 1017 -31.18 -6.69 -14.20
C LEU A 1017 -30.06 -7.09 -15.14
N SER A 1018 -28.80 -6.92 -14.75
CA SER A 1018 -27.67 -7.21 -15.60
C SER A 1018 -27.06 -8.58 -15.36
N GLY A 1019 -27.46 -9.30 -14.32
CA GLY A 1019 -26.80 -10.57 -14.11
C GLY A 1019 -27.10 -11.24 -12.79
N THR A 1020 -26.93 -12.55 -12.78
CA THR A 1020 -26.91 -13.33 -11.55
C THR A 1020 -25.51 -13.51 -11.02
N GLY A 1021 -24.50 -13.40 -11.89
CA GLY A 1021 -23.18 -13.86 -11.56
C GLY A 1021 -23.17 -15.39 -11.48
N PRO A 1022 -22.01 -15.99 -11.18
CA PRO A 1022 -20.75 -15.28 -10.95
C PRO A 1022 -20.18 -14.72 -12.26
N LYS A 1023 -19.17 -13.87 -12.15
CA LYS A 1023 -18.58 -13.20 -13.31
C LYS A 1023 -17.85 -14.19 -14.22
N ALA A 1024 -18.15 -14.13 -15.51
CA ALA A 1024 -17.28 -14.71 -16.51
C ALA A 1024 -15.88 -14.09 -16.41
N GLY A 1025 -14.87 -14.90 -16.70
CA GLY A 1025 -13.52 -14.39 -16.64
C GLY A 1025 -13.04 -14.07 -15.25
N GLY A 1026 -13.69 -14.62 -14.24
CA GLY A 1026 -13.30 -14.44 -12.86
C GLY A 1026 -13.23 -15.77 -12.14
N PRO A 1027 -12.77 -15.74 -10.89
CA PRO A 1027 -12.38 -16.97 -10.20
C PRO A 1027 -13.53 -17.72 -9.53
N LEU A 1028 -14.73 -17.14 -9.48
CA LEU A 1028 -15.87 -17.86 -8.92
C LEU A 1028 -16.67 -18.60 -9.97
N TYR A 1029 -16.30 -18.45 -11.24
CA TYR A 1029 -17.13 -18.95 -12.33
C TYR A 1029 -17.22 -20.48 -12.34
N LEU A 1030 -16.06 -21.14 -12.35
CA LEU A 1030 -16.06 -22.60 -12.49
C LEU A 1030 -16.78 -23.25 -11.32
N GLY A 1031 -16.72 -22.64 -10.14
CA GLY A 1031 -17.34 -23.24 -8.97
C GLY A 1031 -18.84 -23.36 -9.06
N ARG A 1032 -19.47 -22.58 -9.94
CA ARG A 1032 -20.91 -22.67 -10.14
C ARG A 1032 -21.28 -23.87 -11.01
N LEU A 1033 -20.30 -24.45 -11.71
CA LEU A 1033 -20.54 -25.49 -12.69
C LEU A 1033 -20.23 -26.88 -12.14
N VAL A 1034 -20.04 -26.97 -10.83
CA VAL A 1034 -19.82 -28.25 -10.15
C VAL A 1034 -20.77 -28.29 -8.96
N THR A 1035 -21.00 -29.50 -8.46
CA THR A 1035 -21.96 -29.65 -7.37
C THR A 1035 -21.41 -29.17 -6.03
N THR A 1036 -20.11 -29.27 -5.81
CA THR A 1036 -19.45 -28.78 -4.60
C THR A 1036 -18.39 -27.79 -5.04
N ALA A 1037 -18.54 -26.54 -4.65
CA ALA A 1037 -17.67 -25.50 -5.17
C ALA A 1037 -16.29 -25.59 -4.52
N PRO A 1038 -15.21 -25.51 -5.30
CA PRO A 1038 -13.88 -25.43 -4.69
C PRO A 1038 -13.64 -24.05 -4.11
N VAL A 1039 -12.50 -23.92 -3.45
CA VAL A 1039 -12.02 -22.64 -2.93
C VAL A 1039 -11.20 -21.98 -4.04
N PRO A 1040 -11.67 -20.86 -4.60
CA PRO A 1040 -10.93 -20.22 -5.68
C PRO A 1040 -9.57 -19.74 -5.20
N PRO A 1041 -8.62 -19.58 -6.10
CA PRO A 1041 -7.35 -18.93 -5.74
C PRO A 1041 -7.62 -17.56 -5.13
N GLN A 1042 -6.85 -17.22 -4.10
CA GLN A 1042 -6.86 -15.92 -3.43
C GLN A 1042 -8.19 -15.60 -2.76
N HIS A 1043 -9.09 -16.58 -2.64
CA HIS A 1043 -10.46 -16.31 -2.19
C HIS A 1043 -10.54 -16.50 -0.68
N SER A 1044 -10.40 -15.40 0.05
CA SER A 1044 -10.53 -15.40 1.50
C SER A 1044 -10.60 -13.95 1.95
N SER A 1045 -10.96 -13.75 3.22
CA SER A 1045 -11.00 -12.43 3.80
C SER A 1045 -10.72 -12.53 5.28
N VAL A 1046 -9.88 -11.63 5.81
CA VAL A 1046 -9.65 -11.61 7.26
C VAL A 1046 -10.71 -10.82 7.99
N HIS A 1047 -11.66 -10.24 7.28
CA HIS A 1047 -12.63 -9.37 7.91
C HIS A 1047 -13.89 -10.15 8.27
N THR A 1048 -14.46 -9.82 9.41
CA THR A 1048 -15.66 -10.50 9.88
C THR A 1048 -16.78 -9.47 9.96
N ASP A 1049 -17.90 -9.79 9.35
CA ASP A 1049 -19.02 -8.87 9.37
C ASP A 1049 -19.47 -8.65 10.81
N PRO A 1050 -19.65 -7.40 11.24
CA PRO A 1050 -19.91 -7.13 12.67
C PRO A 1050 -21.33 -7.48 13.05
N VAL A 1051 -22.26 -7.43 12.09
CA VAL A 1051 -23.64 -7.80 12.39
C VAL A 1051 -23.75 -9.31 12.54
N LEU A 1052 -22.99 -10.06 11.73
CA LEU A 1052 -22.85 -11.49 11.95
C LEU A 1052 -22.36 -11.76 13.37
N LEU A 1053 -21.30 -11.04 13.79
CA LEU A 1053 -20.80 -11.24 15.14
C LEU A 1053 -21.87 -10.96 16.18
N ASP A 1054 -22.62 -9.88 16.00
CA ASP A 1054 -23.69 -9.57 16.97
C ASP A 1054 -24.75 -10.66 16.96
N PHE A 1055 -25.07 -11.21 15.79
CA PHE A 1055 -26.05 -12.27 15.71
C PHE A 1055 -25.55 -13.54 16.39
N ALA A 1056 -24.28 -13.89 16.17
CA ALA A 1056 -23.72 -15.05 16.87
C ALA A 1056 -23.79 -14.86 18.38
N LYS A 1057 -23.54 -13.64 18.88
CA LYS A 1057 -23.64 -13.42 20.32
C LYS A 1057 -25.09 -13.55 20.80
N TRP A 1058 -26.03 -13.03 20.01
CA TRP A 1058 -27.45 -13.17 20.33
C TRP A 1058 -27.85 -14.64 20.37
N LEU A 1059 -27.37 -15.44 19.41
CA LEU A 1059 -27.67 -16.87 19.41
C LEU A 1059 -27.16 -17.53 20.67
N ASP A 1060 -25.93 -17.22 21.07
CA ASP A 1060 -25.39 -17.77 22.31
C ASP A 1060 -26.21 -17.34 23.51
N GLY A 1061 -26.67 -16.09 23.53
CA GLY A 1061 -27.52 -15.64 24.63
C GLY A 1061 -28.86 -16.34 24.69
N LYS A 1062 -29.38 -16.77 23.53
CA LYS A 1062 -30.64 -17.52 23.48
C LYS A 1062 -30.44 -19.00 23.75
N GLY A 1063 -29.21 -19.46 23.95
CA GLY A 1063 -28.93 -20.88 24.14
C GLY A 1063 -28.72 -21.68 22.88
N ALA A 1064 -28.77 -21.05 21.70
CA ALA A 1064 -28.63 -21.76 20.43
C ALA A 1064 -27.14 -21.93 20.11
N ARG A 1065 -26.49 -22.78 20.91
CA ARG A 1065 -25.04 -22.87 20.90
C ARG A 1065 -24.51 -23.39 19.57
N ALA A 1066 -25.12 -24.45 19.04
CA ALA A 1066 -24.65 -24.98 17.76
C ALA A 1066 -24.79 -23.95 16.66
N GLU A 1067 -25.92 -23.24 16.61
CA GLU A 1067 -26.10 -22.24 15.57
C GLU A 1067 -25.14 -21.07 15.76
N ALA A 1068 -24.85 -20.69 17.01
CA ALA A 1068 -23.88 -19.62 17.22
C ALA A 1068 -22.51 -20.02 16.69
N GLU A 1069 -22.14 -21.29 16.90
CA GLU A 1069 -20.89 -21.79 16.34
C GLU A 1069 -20.92 -21.79 14.81
N ALA A 1070 -22.05 -22.20 14.23
CA ALA A 1070 -22.20 -22.15 12.78
C ALA A 1070 -22.12 -20.71 12.29
N ALA A 1071 -22.68 -19.78 13.05
CA ALA A 1071 -22.63 -18.39 12.64
C ALA A 1071 -21.19 -17.87 12.64
N ARG A 1072 -20.43 -18.18 13.70
CA ARG A 1072 -19.03 -17.76 13.73
CA ARG A 1072 -19.03 -17.76 13.73
C ARG A 1072 -18.23 -18.40 12.59
N ASN A 1073 -18.51 -19.67 12.29
CA ASN A 1073 -17.82 -20.32 11.18
C ASN A 1073 -18.16 -19.64 9.87
N ALA A 1074 -19.43 -19.25 9.69
CA ALA A 1074 -19.80 -18.51 8.49
C ALA A 1074 -19.08 -17.18 8.43
N GLY A 1075 -18.96 -16.50 9.56
CA GLY A 1075 -18.25 -15.23 9.58
C GLY A 1075 -16.81 -15.35 9.12
N SER A 1076 -16.14 -16.44 9.51
CA SER A 1076 -14.76 -16.68 9.09
C SER A 1076 -14.69 -17.12 7.64
N SER A 1077 -15.61 -18.00 7.24
CA SER A 1077 -15.57 -18.57 5.90
CA SER A 1077 -15.62 -18.58 5.90
C SER A 1077 -15.98 -17.56 4.83
N SER A 1078 -16.74 -16.54 5.19
CA SER A 1078 -17.13 -15.51 4.23
C SER A 1078 -15.89 -14.84 3.66
N ALA A 1079 -15.92 -14.58 2.36
CA ALA A 1079 -14.86 -13.83 1.70
C ALA A 1079 -15.26 -12.38 1.49
N LEU A 1080 -16.36 -11.95 2.10
CA LEU A 1080 -16.72 -10.54 2.10
C LEU A 1080 -15.52 -9.70 2.54
N GLY A 1081 -15.23 -8.65 1.76
CA GLY A 1081 -14.09 -7.80 2.09
C GLY A 1081 -12.81 -8.16 1.36
N LEU A 1082 -12.81 -9.26 0.61
CA LEU A 1082 -11.70 -9.55 -0.28
CA LEU A 1082 -11.70 -9.56 -0.28
C LEU A 1082 -11.43 -8.33 -1.16
N ASP A 1083 -10.15 -8.00 -1.33
CA ASP A 1083 -9.80 -6.77 -2.03
C ASP A 1083 -8.42 -6.98 -2.65
N LEU A 1084 -8.39 -7.24 -3.97
CA LEU A 1084 -7.18 -7.68 -4.66
C LEU A 1084 -6.90 -6.78 -5.83
N GLU A 1085 -5.62 -6.69 -6.19
CA GLU A 1085 -5.23 -6.09 -7.45
C GLU A 1085 -4.76 -7.22 -8.36
N LEU A 1086 -5.35 -7.29 -9.54
CA LEU A 1086 -5.08 -8.33 -10.52
C LEU A 1086 -3.96 -7.90 -11.45
N PRO A 1087 -3.07 -8.82 -11.82
CA PRO A 1087 -2.00 -8.47 -12.76
C PRO A 1087 -2.56 -8.07 -14.10
N GLY A 1088 -1.96 -7.05 -14.70
CA GLY A 1088 -2.39 -6.56 -15.98
C GLY A 1088 -1.37 -5.62 -16.58
N PRO A 1089 -1.81 -4.79 -17.51
CA PRO A 1089 -0.89 -3.89 -18.20
C PRO A 1089 -0.42 -2.76 -17.29
N VAL A 1090 0.73 -2.19 -17.65
CA VAL A 1090 1.19 -1.00 -16.93
C VAL A 1090 0.20 0.15 -17.17
N GLY A 1091 0.26 1.14 -16.29
CA GLY A 1091 -0.59 2.31 -16.48
C GLY A 1091 -2.04 2.05 -16.20
N GLU A 1092 -2.34 0.96 -15.53
CA GLU A 1092 -3.70 0.63 -15.15
C GLU A 1092 -3.64 -0.07 -13.81
N ARG A 1093 -4.63 0.16 -12.96
CA ARG A 1093 -4.78 -0.61 -11.75
C ARG A 1093 -6.13 -1.32 -11.84
N ASN A 1094 -6.10 -2.64 -11.76
CA ASN A 1094 -7.28 -3.45 -11.94
C ASN A 1094 -7.59 -4.17 -10.64
N LEU A 1095 -8.72 -3.81 -10.06
CA LEU A 1095 -9.08 -4.20 -8.70
C LEU A 1095 -10.27 -5.14 -8.74
N TYR A 1096 -10.31 -6.03 -7.76
CA TYR A 1096 -11.35 -7.05 -7.68
C TYR A 1096 -11.73 -7.16 -6.23
N THR A 1097 -13.02 -6.97 -5.94
CA THR A 1097 -13.48 -6.89 -4.57
CA THR A 1097 -13.49 -6.87 -4.57
C THR A 1097 -14.78 -7.66 -4.40
N LEU A 1098 -14.98 -8.20 -3.20
CA LEU A 1098 -16.20 -8.92 -2.87
C LEU A 1098 -17.01 -8.10 -1.88
N HIS A 1099 -18.25 -7.78 -2.26
CA HIS A 1099 -19.17 -6.96 -1.50
C HIS A 1099 -20.40 -7.79 -1.14
N ALA A 1100 -21.24 -7.20 -0.29
CA ALA A 1100 -22.55 -7.79 -0.08
C ALA A 1100 -23.35 -7.72 -1.37
N ARG A 1101 -24.24 -8.69 -1.55
CA ARG A 1101 -25.14 -8.62 -2.70
C ARG A 1101 -26.26 -7.61 -2.48
N GLY A 1102 -26.77 -7.51 -1.26
CA GLY A 1102 -27.88 -6.60 -1.02
C GLY A 1102 -28.85 -7.22 -0.03
N ARG A 1103 -30.12 -7.28 -0.38
CA ARG A 1103 -31.12 -7.86 0.52
C ARG A 1103 -31.45 -9.24 0.01
N ILE A 1104 -31.22 -10.24 0.84
CA ILE A 1104 -31.46 -11.64 0.47
C ILE A 1104 -32.81 -12.05 1.01
N LEU A 1105 -33.63 -12.64 0.14
CA LEU A 1105 -34.91 -13.21 0.56
C LEU A 1105 -34.65 -14.53 1.27
N LEU A 1106 -35.12 -14.64 2.49
CA LEU A 1106 -35.00 -15.88 3.26
C LEU A 1106 -36.35 -16.56 3.30
N VAL A 1107 -36.38 -17.83 2.93
CA VAL A 1107 -37.62 -18.60 2.99
C VAL A 1107 -37.34 -19.82 3.86
N PRO A 1108 -37.40 -19.67 5.18
CA PRO A 1108 -37.07 -20.77 6.08
C PRO A 1108 -38.27 -21.68 6.31
N ALA A 1109 -37.97 -22.86 6.85
CA ALA A 1109 -38.98 -23.79 7.34
C ALA A 1109 -38.89 -24.08 8.83
N THR A 1110 -37.69 -24.06 9.41
CA THR A 1110 -37.50 -24.38 10.81
C THR A 1110 -36.71 -23.27 11.47
N GLU A 1111 -36.76 -23.26 12.79
CA GLU A 1111 -35.99 -22.28 13.56
C GLU A 1111 -34.50 -22.42 13.26
N SER A 1112 -33.96 -23.64 13.35
CA SER A 1112 -32.55 -23.83 13.07
C SER A 1112 -32.22 -23.47 11.62
N GLY A 1113 -33.11 -23.82 10.69
CA GLY A 1113 -32.90 -23.40 9.32
C GLY A 1113 -32.80 -21.90 9.18
N LEU A 1114 -33.72 -21.18 9.83
CA LEU A 1114 -33.68 -19.72 9.78
C LEU A 1114 -32.36 -19.18 10.33
N TYR A 1115 -31.93 -19.72 11.49
CA TYR A 1115 -30.67 -19.25 12.07
C TYR A 1115 -29.50 -19.49 11.13
N HIS A 1116 -29.46 -20.66 10.47
CA HIS A 1116 -28.40 -20.94 9.50
C HIS A 1116 -28.50 -20.00 8.29
N GLN A 1117 -29.70 -19.75 7.80
CA GLN A 1117 -29.85 -18.85 6.65
C GLN A 1117 -29.39 -17.46 7.02
N LEU A 1118 -29.82 -16.99 8.19
CA LEU A 1118 -29.44 -15.64 8.62
CA LEU A 1118 -29.44 -15.66 8.65
C LEU A 1118 -27.94 -15.54 8.81
N ALA A 1119 -27.31 -16.55 9.42
CA ALA A 1119 -25.87 -16.54 9.57
C ALA A 1119 -25.18 -16.42 8.21
N ALA A 1120 -25.64 -17.21 7.23
CA ALA A 1120 -25.01 -17.16 5.91
C ALA A 1120 -25.14 -15.78 5.30
N ALA A 1121 -26.35 -15.22 5.35
CA ALA A 1121 -26.61 -13.92 4.74
C ALA A 1121 -25.87 -12.79 5.45
N LEU A 1122 -25.88 -12.79 6.78
CA LEU A 1122 -25.21 -11.72 7.52
C LEU A 1122 -23.69 -11.81 7.38
N ALA A 1123 -23.16 -13.03 7.38
CA ALA A 1123 -21.71 -13.22 7.26
C ALA A 1123 -21.19 -12.64 5.97
N THR A 1124 -22.04 -12.57 4.95
CA THR A 1124 -21.68 -12.04 3.65
C THR A 1124 -22.16 -10.61 3.45
N GLY A 1125 -22.53 -9.94 4.55
CA GLY A 1125 -22.76 -8.51 4.55
C GLY A 1125 -24.15 -8.08 4.15
N ASN A 1126 -25.05 -9.02 3.94
CA ASN A 1126 -26.36 -8.75 3.38
C ASN A 1126 -27.37 -8.39 4.46
N SER A 1127 -28.41 -7.68 4.04
CA SER A 1127 -29.64 -7.63 4.81
C SER A 1127 -30.56 -8.74 4.33
N VAL A 1128 -31.65 -8.96 5.06
CA VAL A 1128 -32.56 -10.04 4.71
C VAL A 1128 -34.00 -9.58 4.77
N ALA A 1129 -34.83 -10.22 3.96
CA ALA A 1129 -36.27 -10.17 4.13
C ALA A 1129 -36.71 -11.60 4.37
N ILE A 1130 -37.31 -11.85 5.52
CA ILE A 1130 -37.69 -13.21 5.93
C ILE A 1130 -39.15 -13.42 5.60
N ASP A 1131 -39.46 -14.54 4.97
CA ASP A 1131 -40.84 -14.90 4.64
C ASP A 1131 -41.72 -14.94 5.89
N ALA A 1132 -42.69 -14.03 5.97
CA ALA A 1132 -43.58 -13.99 7.13
C ALA A 1132 -44.49 -15.21 7.18
N ALA A 1133 -44.74 -15.86 6.05
CA ALA A 1133 -45.56 -17.06 6.03
C ALA A 1133 -44.87 -18.25 6.69
N SER A 1134 -43.58 -18.15 7.00
CA SER A 1134 -42.91 -19.21 7.76
C SER A 1134 -43.46 -19.34 9.17
N GLY A 1135 -44.06 -18.29 9.71
CA GLY A 1135 -44.53 -18.33 11.07
C GLY A 1135 -43.43 -18.38 12.11
N LEU A 1136 -42.20 -18.02 11.73
CA LEU A 1136 -41.06 -18.15 12.63
C LEU A 1136 -40.71 -16.84 13.34
N GLN A 1137 -41.62 -15.85 13.34
CA GLN A 1137 -41.33 -14.56 13.95
C GLN A 1137 -40.86 -14.70 15.38
N ALA A 1138 -41.43 -15.65 16.14
CA ALA A 1138 -41.07 -15.80 17.55
C ALA A 1138 -39.65 -16.33 17.74
N SER A 1139 -39.03 -16.90 16.70
CA SER A 1139 -37.65 -17.38 16.80
C SER A 1139 -36.64 -16.25 16.83
N LEU A 1140 -37.04 -15.02 16.51
CA LEU A 1140 -36.13 -13.90 16.36
C LEU A 1140 -36.51 -12.73 17.26
N LYS A 1141 -36.89 -13.02 18.50
CA LYS A 1141 -37.29 -11.98 19.43
C LYS A 1141 -36.08 -11.32 20.07
N ASN A 1142 -36.18 -10.01 20.30
CA ASN A 1142 -35.17 -9.25 21.03
C ASN A 1142 -33.82 -9.25 20.31
N LEU A 1143 -33.84 -9.04 19.00
CA LEU A 1143 -32.58 -8.97 18.28
C LEU A 1143 -31.79 -7.72 18.69
N PRO A 1144 -30.47 -7.81 18.72
CA PRO A 1144 -29.67 -6.59 18.81
C PRO A 1144 -30.09 -5.60 17.74
N GLN A 1145 -30.04 -4.32 18.07
CA GLN A 1145 -30.45 -3.30 17.11
C GLN A 1145 -29.65 -3.40 15.82
N THR A 1146 -28.34 -3.69 15.93
CA THR A 1146 -27.53 -3.85 14.72
C THR A 1146 -28.09 -4.91 13.79
N VAL A 1147 -28.53 -6.05 14.35
CA VAL A 1147 -29.09 -7.10 13.52
C VAL A 1147 -30.49 -6.73 13.05
N GLY A 1148 -31.31 -6.16 13.95
CA GLY A 1148 -32.65 -5.75 13.54
C GLY A 1148 -32.65 -4.80 12.37
N LEU A 1149 -31.64 -3.91 12.30
CA LEU A 1149 -31.52 -3.00 11.17
C LEU A 1149 -31.41 -3.76 9.85
N ARG A 1150 -30.84 -4.96 9.88
CA ARG A 1150 -30.68 -5.75 8.67
C ARG A 1150 -31.83 -6.70 8.39
N VAL A 1151 -32.79 -6.81 9.31
CA VAL A 1151 -33.83 -7.83 9.22
C VAL A 1151 -35.16 -7.15 8.97
N SER A 1152 -35.87 -7.62 7.95
CA SER A 1152 -37.26 -7.28 7.75
C SER A 1152 -38.04 -8.56 7.49
N TRP A 1153 -39.33 -8.51 7.77
CA TRP A 1153 -40.23 -9.61 7.49
C TRP A 1153 -41.13 -9.24 6.34
N SER A 1154 -41.37 -10.18 5.43
CA SER A 1154 -42.09 -9.90 4.20
C SER A 1154 -43.28 -10.84 4.08
N LYS A 1155 -44.48 -10.25 4.01
CA LYS A 1155 -45.68 -11.00 3.67
C LYS A 1155 -45.95 -10.99 2.18
N ASP A 1156 -45.46 -9.99 1.46
CA ASP A 1156 -45.66 -9.83 0.03
C ASP A 1156 -44.26 -9.65 -0.57
N TRP A 1157 -43.63 -10.76 -0.97
CA TRP A 1157 -42.26 -10.69 -1.46
C TRP A 1157 -42.13 -9.72 -2.62
N ALA A 1158 -43.15 -9.67 -3.50
CA ALA A 1158 -43.06 -8.83 -4.68
C ALA A 1158 -42.97 -7.36 -4.33
N ALA A 1159 -43.60 -6.96 -3.23
CA ALA A 1159 -43.60 -5.56 -2.82
C ALA A 1159 -42.29 -5.14 -2.18
N ASP A 1160 -41.53 -6.09 -1.64
CA ASP A 1160 -40.40 -5.78 -0.80
C ASP A 1160 -39.05 -5.95 -1.50
N GLY A 1161 -39.07 -6.23 -2.79
CA GLY A 1161 -37.85 -6.33 -3.55
C GLY A 1161 -37.34 -4.96 -3.98
N PRO A 1162 -36.33 -4.92 -4.85
CA PRO A 1162 -35.69 -6.11 -5.43
C PRO A 1162 -34.78 -6.82 -4.43
N PHE A 1163 -34.73 -8.14 -4.51
CA PHE A 1163 -33.76 -8.91 -3.75
C PHE A 1163 -32.53 -9.16 -4.61
N ALA A 1164 -31.46 -9.61 -3.97
CA ALA A 1164 -30.22 -9.90 -4.68
C ALA A 1164 -29.86 -11.37 -4.60
N GLY A 1165 -30.76 -12.19 -4.07
CA GLY A 1165 -30.54 -13.62 -3.96
C GLY A 1165 -31.58 -14.16 -2.99
N ALA A 1166 -31.56 -15.48 -2.82
CA ALA A 1166 -32.55 -16.09 -1.94
C ALA A 1166 -31.96 -17.36 -1.33
N LEU A 1167 -32.37 -17.63 -0.09
CA LEU A 1167 -32.09 -18.88 0.58
C LEU A 1167 -33.40 -19.55 0.93
N VAL A 1168 -33.53 -20.82 0.61
CA VAL A 1168 -34.78 -21.55 0.78
C VAL A 1168 -34.52 -22.83 1.53
N GLU A 1169 -35.39 -23.14 2.48
CA GLU A 1169 -35.35 -24.39 3.23
C GLU A 1169 -36.66 -25.13 3.01
N GLY A 1170 -36.58 -26.41 2.69
CA GLY A 1170 -37.79 -27.21 2.61
C GLY A 1170 -37.53 -28.53 1.93
N ASP A 1171 -38.58 -29.33 1.87
CA ASP A 1171 -38.47 -30.55 1.08
C ASP A 1171 -38.57 -30.21 -0.40
N ALA A 1172 -38.46 -31.24 -1.25
CA ALA A 1172 -38.30 -30.99 -2.68
C ALA A 1172 -39.50 -30.22 -3.25
N GLU A 1173 -40.72 -30.58 -2.86
CA GLU A 1173 -41.87 -29.89 -3.43
C GLU A 1173 -42.04 -28.50 -2.84
N ARG A 1174 -41.65 -28.29 -1.59
CA ARG A 1174 -41.60 -26.94 -1.06
C ARG A 1174 -40.62 -26.07 -1.83
N ILE A 1175 -39.43 -26.62 -2.10
CA ILE A 1175 -38.43 -25.88 -2.88
C ILE A 1175 -38.98 -25.53 -4.26
N ARG A 1176 -39.61 -26.50 -4.94
CA ARG A 1176 -40.14 -26.24 -6.27
C ARG A 1176 -41.19 -25.13 -6.23
N ALA A 1177 -42.06 -25.16 -5.23
CA ALA A 1177 -43.11 -24.14 -5.10
C ALA A 1177 -42.51 -22.77 -4.84
N VAL A 1178 -41.56 -22.71 -3.91
CA VAL A 1178 -40.91 -21.43 -3.61
C VAL A 1178 -40.17 -20.92 -4.84
N ASN A 1179 -39.50 -21.82 -5.55
CA ASN A 1179 -38.77 -21.46 -6.75
C ASN A 1179 -39.69 -20.81 -7.78
N LYS A 1180 -40.90 -21.35 -7.95
CA LYS A 1180 -41.87 -20.75 -8.85
C LYS A 1180 -42.31 -19.37 -8.35
N ALA A 1181 -42.57 -19.24 -7.05
CA ALA A 1181 -42.95 -17.94 -6.49
C ALA A 1181 -41.84 -16.91 -6.66
N ILE A 1182 -40.57 -17.32 -6.48
CA ILE A 1182 -39.47 -16.39 -6.61
C ILE A 1182 -39.31 -15.97 -8.07
N ALA A 1183 -39.41 -16.93 -9.00
CA ALA A 1183 -39.28 -16.58 -10.41
C ALA A 1183 -40.35 -15.60 -10.84
N ALA A 1184 -41.49 -15.59 -10.15
CA ALA A 1184 -42.58 -14.67 -10.50
C ALA A 1184 -42.35 -13.27 -9.98
N LEU A 1185 -41.35 -13.06 -9.12
CA LEU A 1185 -41.11 -11.73 -8.60
C LEU A 1185 -40.66 -10.81 -9.74
N PRO A 1186 -41.11 -9.57 -9.76
CA PRO A 1186 -40.68 -8.64 -10.81
C PRO A 1186 -39.20 -8.32 -10.67
N GLY A 1187 -38.59 -7.99 -11.81
CA GLY A 1187 -37.25 -7.44 -11.79
C GLY A 1187 -36.15 -8.47 -11.97
N PRO A 1188 -35.11 -8.39 -11.13
CA PRO A 1188 -33.90 -9.16 -11.40
C PRO A 1188 -34.12 -10.65 -11.19
N LEU A 1189 -33.40 -11.44 -11.98
CA LEU A 1189 -33.33 -12.88 -11.71
C LEU A 1189 -32.57 -13.08 -10.40
N LEU A 1190 -33.10 -13.93 -9.52
CA LEU A 1190 -32.45 -14.15 -8.25
C LEU A 1190 -31.66 -15.45 -8.27
N LEU A 1191 -30.42 -15.39 -7.78
CA LEU A 1191 -29.65 -16.60 -7.56
C LEU A 1191 -30.16 -17.23 -6.27
N VAL A 1192 -30.88 -18.35 -6.42
CA VAL A 1192 -31.56 -19.04 -5.33
C VAL A 1192 -30.72 -20.25 -4.91
N GLN A 1193 -30.58 -20.43 -3.61
CA GLN A 1193 -29.96 -21.63 -3.05
C GLN A 1193 -30.97 -22.30 -2.14
N ALA A 1194 -31.16 -23.60 -2.31
CA ALA A 1194 -32.13 -24.33 -1.54
C ALA A 1194 -31.46 -25.47 -0.80
N ALA A 1195 -32.05 -25.83 0.33
CA ALA A 1195 -31.57 -26.98 1.10
C ALA A 1195 -32.71 -27.54 1.93
N SER A 1196 -32.67 -28.84 2.16
CA SER A 1196 -33.60 -29.42 3.11
C SER A 1196 -33.15 -29.13 4.53
N SER A 1197 -34.08 -29.30 5.48
CA SER A 1197 -33.69 -29.20 6.88
C SER A 1197 -32.56 -30.17 7.22
N GLY A 1198 -32.64 -31.39 6.71
CA GLY A 1198 -31.61 -32.38 7.01
C GLY A 1198 -30.26 -31.99 6.42
N GLU A 1199 -30.27 -31.42 5.21
CA GLU A 1199 -29.04 -30.94 4.58
C GLU A 1199 -28.41 -29.84 5.42
N ILE A 1200 -29.24 -28.93 5.94
CA ILE A 1200 -28.71 -27.88 6.81
C ILE A 1200 -28.06 -28.50 8.04
N ALA A 1201 -28.66 -29.55 8.58
CA ALA A 1201 -28.09 -30.21 9.76
C ALA A 1201 -26.81 -30.93 9.41
N ARG A 1202 -26.74 -31.54 8.22
CA ARG A 1202 -25.61 -32.40 7.87
C ARG A 1202 -24.45 -31.61 7.24
N ASN A 1203 -24.75 -30.58 6.46
CA ASN A 1203 -23.73 -29.93 5.64
C ASN A 1203 -23.56 -28.48 6.05
N PRO A 1204 -22.45 -28.13 6.70
CA PRO A 1204 -22.21 -26.72 7.04
C PRO A 1204 -22.22 -25.81 5.82
N ASP A 1205 -21.96 -26.35 4.64
CA ASP A 1205 -21.95 -25.57 3.40
C ASP A 1205 -23.23 -25.75 2.60
N ALA A 1206 -24.32 -26.15 3.26
CA ALA A 1206 -25.59 -26.34 2.55
C ALA A 1206 -25.93 -25.11 1.73
N TYR A 1207 -25.71 -23.92 2.29
CA TYR A 1207 -25.77 -22.68 1.55
C TYR A 1207 -24.34 -22.19 1.30
N CYS A 1208 -23.96 -22.05 0.04
CA CYS A 1208 -22.59 -21.73 -0.31
C CYS A 1208 -22.40 -20.22 -0.26
N LEU A 1209 -21.40 -19.78 0.51
CA LEU A 1209 -21.21 -18.33 0.67
C LEU A 1209 -20.65 -17.65 -0.58
N ASN A 1210 -20.12 -18.42 -1.53
CA ASN A 1210 -19.65 -17.84 -2.80
C ASN A 1210 -20.75 -17.03 -3.48
N TRP A 1211 -22.00 -17.51 -3.40
CA TRP A 1211 -23.09 -16.91 -4.15
C TRP A 1211 -23.86 -15.88 -3.34
N LEU A 1212 -23.40 -15.56 -2.14
CA LEU A 1212 -24.00 -14.53 -1.32
C LEU A 1212 -23.17 -13.25 -1.25
N VAL A 1213 -22.04 -13.19 -1.95
CA VAL A 1213 -21.30 -11.96 -2.15
C VAL A 1213 -21.41 -11.55 -3.60
N GLU A 1214 -21.06 -10.31 -3.86
CA GLU A 1214 -21.16 -9.70 -5.17
C GLU A 1214 -19.76 -9.29 -5.60
N GLU A 1215 -19.37 -9.69 -6.80
CA GLU A 1215 -18.06 -9.31 -7.30
C GLU A 1215 -18.12 -7.94 -7.94
N VAL A 1216 -17.12 -7.13 -7.69
CA VAL A 1216 -16.99 -5.83 -8.34
C VAL A 1216 -15.58 -5.73 -8.91
N SER A 1217 -15.50 -5.38 -10.17
CA SER A 1217 -14.23 -5.12 -10.84
C SER A 1217 -14.11 -3.62 -11.06
N ALA A 1218 -12.93 -3.07 -10.78
CA ALA A 1218 -12.69 -1.66 -11.04
C ALA A 1218 -11.37 -1.51 -11.81
N SER A 1219 -11.43 -0.82 -12.93
CA SER A 1219 -10.25 -0.58 -13.76
C SER A 1219 -9.97 0.91 -13.78
N ILE A 1220 -8.81 1.30 -13.26
CA ILE A 1220 -8.42 2.69 -13.13
C ILE A 1220 -7.26 2.95 -14.08
N ASN A 1221 -7.45 3.90 -15.00
CA ASN A 1221 -6.38 4.32 -15.89
C ASN A 1221 -5.46 5.26 -15.13
N THR A 1222 -4.35 4.73 -14.62
CA THR A 1222 -3.45 5.53 -13.82
C THR A 1222 -2.50 6.36 -14.67
N ALA A 1223 -2.54 6.22 -15.99
CA ALA A 1223 -1.77 7.06 -16.90
C ALA A 1223 -2.57 8.25 -17.40
N ALA A 1224 -3.78 8.45 -16.89
CA ALA A 1224 -4.68 9.46 -17.45
C ALA A 1224 -4.12 10.87 -17.28
N ALA A 1225 -3.30 11.10 -16.26
CA ALA A 1225 -2.76 12.44 -16.03
C ALA A 1225 -1.67 12.81 -17.02
N GLY A 1226 -1.25 11.89 -17.89
CA GLY A 1226 -0.29 12.19 -18.93
C GLY A 1226 0.96 11.36 -18.88
N GLY A 1227 1.14 10.55 -17.85
CA GLY A 1227 2.28 9.66 -17.78
C GLY A 1227 2.06 8.62 -16.70
N ASN A 1228 3.09 7.79 -16.51
CA ASN A 1228 3.03 6.63 -15.64
C ASN A 1228 4.07 6.79 -14.54
N ALA A 1229 3.60 6.96 -13.31
CA ALA A 1229 4.53 7.15 -12.18
C ALA A 1229 5.38 5.90 -11.94
N SER A 1230 4.77 4.72 -12.03
CA SER A 1230 5.54 3.50 -11.80
C SER A 1230 6.68 3.36 -12.79
N LEU A 1231 6.40 3.62 -14.07
CA LEU A 1231 7.44 3.49 -15.09
C LEU A 1231 8.48 4.60 -15.02
N MET A 1232 8.20 5.70 -14.31
CA MET A 1232 9.21 6.74 -14.16
C MET A 1232 10.45 6.23 -13.42
N ALA A 1233 10.29 5.21 -12.60
CA ALA A 1233 11.41 4.60 -11.87
C ALA A 1233 12.09 3.49 -12.65
N ILE A 1234 11.69 3.22 -13.89
CA ILE A 1234 12.20 2.11 -14.67
C ILE A 1234 13.00 2.67 -15.85
N GLY A 1235 14.29 2.38 -15.87
CA GLY A 1235 15.17 2.80 -16.94
C GLY A 1235 16.30 1.80 -17.14
N ALA B 16 21.08 5.18 56.64
CA ALA B 16 20.52 5.23 55.29
C ALA B 16 21.60 5.42 54.24
N PRO B 17 21.63 4.54 53.24
CA PRO B 17 22.64 4.66 52.18
C PRO B 17 22.57 6.01 51.47
N ALA B 18 23.74 6.58 51.20
CA ALA B 18 23.78 7.84 50.50
C ALA B 18 23.19 7.67 49.10
N PRO B 19 22.41 8.65 48.62
CA PRO B 19 21.77 8.50 47.31
C PRO B 19 22.79 8.22 46.21
N PHE B 20 22.53 7.18 45.42
CA PHE B 20 23.32 6.81 44.25
C PHE B 20 24.73 6.39 44.59
N ALA B 21 25.04 6.11 45.86
CA ALA B 21 26.38 5.67 46.22
C ALA B 21 26.73 4.32 45.62
N ASP B 22 25.74 3.55 45.19
CA ASP B 22 25.99 2.25 44.58
C ASP B 22 25.21 2.12 43.30
N PHE B 23 25.16 3.18 42.50
CA PHE B 23 24.21 3.19 41.39
C PHE B 23 24.54 2.11 40.37
N ALA B 24 25.75 2.12 39.86
CA ALA B 24 26.10 1.17 38.81
C ALA B 24 27.60 0.96 38.76
N PRO B 25 28.22 0.52 39.86
CA PRO B 25 29.66 0.28 39.84
C PRO B 25 30.01 -0.77 38.81
N PRO B 26 31.08 -0.57 38.03
CA PRO B 26 31.48 -1.58 37.06
C PRO B 26 32.01 -2.83 37.76
N VAL B 27 31.93 -3.94 37.03
CA VAL B 27 32.43 -5.21 37.55
C VAL B 27 33.91 -5.08 37.93
N ARG B 28 34.69 -4.40 37.11
CA ARG B 28 36.11 -4.21 37.38
C ARG B 28 36.51 -2.84 36.86
N PRO B 29 37.59 -2.26 37.41
CA PRO B 29 38.12 -1.03 36.81
C PRO B 29 38.43 -1.23 35.33
N GLN B 30 38.05 -0.26 34.53
CA GLN B 30 38.17 -0.40 33.08
C GLN B 30 39.60 -0.10 32.65
N SER B 31 40.28 -1.11 32.12
CA SER B 31 41.62 -0.95 31.57
C SER B 31 41.60 -0.02 30.37
N THR B 32 42.81 0.34 29.93
CA THR B 32 42.96 1.13 28.70
C THR B 32 42.29 0.43 27.52
N LEU B 33 42.55 -0.87 27.37
CA LEU B 33 41.95 -1.60 26.25
C LEU B 33 40.43 -1.70 26.39
N ARG B 34 39.92 -1.89 27.60
CA ARG B 34 38.46 -1.91 27.78
C ARG B 34 37.86 -0.54 27.49
N ARG B 35 38.54 0.54 27.91
CA ARG B 35 38.01 1.88 27.64
C ARG B 35 38.00 2.16 26.14
N ALA B 36 38.97 1.63 25.40
CA ALA B 36 38.99 1.86 23.95
C ALA B 36 37.82 1.16 23.26
N ILE B 37 37.40 0.00 23.78
CA ILE B 37 36.19 -0.64 23.27
C ILE B 37 34.99 0.27 23.50
N THR B 38 34.78 0.68 24.75
CA THR B 38 33.61 1.49 25.07
C THR B 38 33.59 2.78 24.26
N ALA B 39 34.77 3.38 24.06
CA ALA B 39 34.85 4.63 23.30
C ALA B 39 34.29 4.48 21.89
N ALA B 40 34.34 3.28 21.32
CA ALA B 40 33.91 3.06 19.95
C ALA B 40 32.44 2.68 19.83
N TYR B 41 31.73 2.57 20.95
CA TYR B 41 30.42 1.92 20.98
C TYR B 41 29.51 2.44 19.87
N ARG B 42 29.35 3.76 19.77
CA ARG B 42 28.48 4.38 18.77
C ARG B 42 29.23 5.41 17.93
N ARG B 43 30.49 5.12 17.65
CA ARG B 43 31.32 6.03 16.87
C ARG B 43 30.69 6.26 15.50
N PRO B 44 30.69 7.49 14.99
CA PRO B 44 30.13 7.74 13.66
C PRO B 44 30.72 6.80 12.60
N GLU B 45 29.85 6.35 11.70
CA GLU B 45 30.27 5.43 10.66
C GLU B 45 31.41 6.01 9.83
N THR B 46 31.37 7.32 9.55
CA THR B 46 32.46 7.91 8.78
C THR B 46 33.78 7.90 9.54
N GLU B 47 33.75 7.84 10.87
CA GLU B 47 35.03 7.70 11.57
C GLU B 47 35.50 6.25 11.63
N CYS B 48 34.57 5.29 11.66
CA CYS B 48 34.98 3.89 11.80
C CYS B 48 35.65 3.38 10.54
N LEU B 49 35.18 3.79 9.39
CA LEU B 49 35.55 3.06 8.19
C LEU B 49 36.98 3.30 7.69
N PRO B 50 37.53 4.52 7.72
CA PRO B 50 38.86 4.73 7.13
C PRO B 50 39.93 3.82 7.72
N PRO B 51 40.03 3.65 9.04
CA PRO B 51 41.05 2.72 9.55
C PRO B 51 40.78 1.27 9.19
N LEU B 52 39.51 0.87 9.06
CA LEU B 52 39.22 -0.48 8.60
C LEU B 52 39.62 -0.67 7.15
N VAL B 53 39.33 0.32 6.29
CA VAL B 53 39.79 0.26 4.90
C VAL B 53 41.30 0.06 4.85
N GLU B 54 42.04 0.84 5.66
CA GLU B 54 43.49 0.72 5.67
C GLU B 54 43.92 -0.68 6.10
N ALA B 55 43.30 -1.20 7.16
CA ALA B 55 43.66 -2.54 7.64
C ALA B 55 43.24 -3.63 6.66
N ALA B 56 42.18 -3.40 5.89
CA ALA B 56 41.67 -4.40 4.97
C ALA B 56 42.38 -4.38 3.62
N THR B 57 43.29 -3.44 3.40
CA THR B 57 43.95 -3.31 2.11
C THR B 57 44.86 -4.50 1.84
N GLN B 58 44.79 -5.02 0.61
CA GLN B 58 45.68 -6.08 0.16
C GLN B 58 46.27 -5.70 -1.19
N SER B 59 47.44 -6.27 -1.48
CA SER B 59 48.14 -5.97 -2.73
C SER B 59 47.30 -6.36 -3.94
N LYS B 60 47.67 -5.82 -5.10
CA LYS B 60 46.97 -6.15 -6.33
C LYS B 60 47.07 -7.65 -6.63
N GLU B 61 48.24 -8.24 -6.37
CA GLU B 61 48.43 -9.66 -6.62
C GLU B 61 47.46 -10.50 -5.81
N ILE B 62 47.38 -10.23 -4.50
CA ILE B 62 46.46 -10.98 -3.64
C ILE B 62 45.01 -10.75 -4.06
N ARG B 63 44.66 -9.50 -4.36
CA ARG B 63 43.29 -9.20 -4.76
C ARG B 63 42.91 -9.90 -6.05
N ASP B 64 43.81 -9.90 -7.04
CA ASP B 64 43.53 -10.65 -8.27
C ASP B 64 43.39 -12.14 -7.97
N ALA B 65 44.29 -12.70 -7.17
CA ALA B 65 44.22 -14.13 -6.87
C ALA B 65 42.96 -14.47 -6.10
N ALA B 66 42.56 -13.60 -5.18
CA ALA B 66 41.34 -13.84 -4.40
C ALA B 66 40.10 -13.74 -5.29
N ALA B 67 40.10 -12.80 -6.24
CA ALA B 67 38.98 -12.68 -7.16
C ALA B 67 38.82 -13.93 -8.00
N SER B 68 39.93 -14.55 -8.42
CA SER B 68 39.85 -15.80 -9.17
C SER B 68 39.40 -16.94 -8.28
N THR B 69 39.94 -17.03 -7.07
CA THR B 69 39.49 -18.06 -6.13
C THR B 69 38.00 -17.93 -5.85
N ALA B 70 37.51 -16.70 -5.63
CA ALA B 70 36.09 -16.51 -5.38
C ALA B 70 35.26 -16.91 -6.58
N ARG B 71 35.71 -16.55 -7.79
CA ARG B 71 34.98 -16.94 -9.00
C ARG B 71 34.87 -18.46 -9.09
N LYS B 72 35.97 -19.17 -8.84
CA LYS B 72 35.97 -20.62 -8.88
C LYS B 72 34.98 -21.19 -7.86
N LEU B 73 34.97 -20.64 -6.64
CA LEU B 73 34.01 -21.07 -5.64
C LEU B 73 32.57 -20.83 -6.10
N ILE B 74 32.31 -19.66 -6.67
CA ILE B 74 30.95 -19.25 -7.00
C ILE B 74 30.42 -20.06 -8.19
N GLU B 75 31.28 -20.29 -9.19
CA GLU B 75 30.87 -21.12 -10.32
C GLU B 75 30.59 -22.55 -9.88
N ALA B 76 31.42 -23.09 -8.99
CA ALA B 76 31.12 -24.39 -8.38
C ALA B 76 29.77 -24.35 -7.68
N LEU B 77 29.54 -23.33 -6.86
CA LEU B 77 28.27 -23.23 -6.13
C LEU B 77 27.09 -23.15 -7.08
N ARG B 78 27.14 -22.25 -8.07
CA ARG B 78 26.02 -22.11 -8.99
C ARG B 78 25.89 -23.30 -9.92
N GLY B 79 26.98 -24.00 -10.18
CA GLY B 79 26.94 -25.12 -11.10
C GLY B 79 26.28 -26.35 -10.51
N LYS B 80 26.59 -26.64 -9.25
CA LYS B 80 26.01 -27.79 -8.58
C LYS B 80 24.64 -27.50 -8.00
N HIS B 81 24.21 -26.24 -8.01
CA HIS B 81 22.85 -25.93 -7.59
C HIS B 81 21.86 -26.63 -8.50
N SER B 82 21.15 -27.61 -7.97
CA SER B 82 20.02 -28.23 -8.68
C SER B 82 18.75 -27.49 -8.30
N GLY B 83 18.29 -27.68 -7.07
CA GLY B 83 17.15 -26.97 -6.54
C GLY B 83 17.06 -27.20 -5.05
N SER B 84 15.84 -27.24 -4.51
CA SER B 84 15.62 -27.59 -3.11
C SER B 84 14.43 -28.53 -3.02
N GLY B 85 14.24 -29.09 -1.83
CA GLY B 85 13.11 -29.99 -1.64
C GLY B 85 11.79 -29.27 -1.75
N VAL B 86 11.65 -28.12 -1.09
CA VAL B 86 10.39 -27.39 -1.12
C VAL B 86 10.08 -26.91 -2.53
N GLU B 87 11.10 -26.39 -3.22
CA GLU B 87 10.90 -25.92 -4.59
C GLU B 87 10.38 -27.02 -5.50
N GLY B 88 10.94 -28.23 -5.37
CA GLY B 88 10.48 -29.34 -6.18
C GLY B 88 9.09 -29.82 -5.80
N LEU B 89 8.76 -29.76 -4.52
CA LEU B 89 7.41 -30.08 -4.07
C LEU B 89 6.40 -29.09 -4.66
N VAL B 90 6.72 -27.80 -4.60
CA VAL B 90 5.84 -26.77 -5.12
C VAL B 90 5.62 -26.96 -6.62
N GLN B 91 6.70 -27.27 -7.35
CA GLN B 91 6.56 -27.47 -8.79
C GLN B 91 5.77 -28.74 -9.12
N GLU B 92 6.03 -29.83 -8.40
CA GLU B 92 5.36 -31.10 -8.70
C GLU B 92 3.84 -30.98 -8.54
N TYR B 93 3.39 -30.29 -7.50
CA TYR B 93 1.97 -30.18 -7.23
C TYR B 93 1.41 -28.82 -7.60
N SER B 94 2.19 -27.99 -8.32
CA SER B 94 1.71 -26.70 -8.82
C SER B 94 1.14 -25.85 -7.68
N LEU B 95 1.85 -25.84 -6.56
CA LEU B 95 1.40 -25.11 -5.39
C LEU B 95 1.63 -23.61 -5.55
N SER B 96 0.67 -22.83 -5.08
CA SER B 96 0.95 -21.43 -4.84
C SER B 96 1.85 -21.30 -3.62
N SER B 97 2.37 -20.08 -3.41
CA SER B 97 3.16 -19.82 -2.22
C SER B 97 2.36 -20.12 -0.96
N GLN B 98 1.16 -19.55 -0.85
CA GLN B 98 0.33 -19.79 0.33
C GLN B 98 0.01 -21.27 0.50
N GLU B 99 -0.21 -21.98 -0.60
CA GLU B 99 -0.43 -23.42 -0.49
C GLU B 99 0.82 -24.12 0.03
N GLY B 100 1.99 -23.73 -0.47
CA GLY B 100 3.23 -24.29 0.05
C GLY B 100 3.40 -24.03 1.53
N VAL B 101 3.10 -22.80 1.97
CA VAL B 101 3.22 -22.46 3.38
C VAL B 101 2.22 -23.26 4.20
N ALA B 102 0.96 -23.28 3.76
CA ALA B 102 -0.08 -24.02 4.47
C ALA B 102 0.30 -25.50 4.58
N LEU B 103 0.84 -26.08 3.51
CA LEU B 103 1.19 -27.48 3.53
C LEU B 103 2.29 -27.75 4.55
N MET B 104 3.30 -26.87 4.62
CA MET B 104 4.37 -27.08 5.59
C MET B 104 3.86 -26.94 7.01
N CYS B 105 2.93 -26.01 7.23
CA CYS B 105 2.28 -25.87 8.53
C CYS B 105 1.56 -27.16 8.92
N LEU B 106 0.77 -27.70 7.99
CA LEU B 106 0.12 -28.98 8.24
C LEU B 106 1.13 -30.06 8.52
N ALA B 107 2.21 -30.11 7.73
CA ALA B 107 3.24 -31.12 7.94
C ALA B 107 3.87 -30.97 9.33
N GLU B 108 4.16 -29.74 9.74
CA GLU B 108 4.68 -29.49 11.09
C GLU B 108 3.75 -30.07 12.15
N ALA B 109 2.44 -29.81 12.01
CA ALA B 109 1.49 -30.31 13.00
C ALA B 109 1.43 -31.83 13.00
N LEU B 110 1.43 -32.44 11.81
CA LEU B 110 1.39 -33.90 11.74
C LEU B 110 2.62 -34.53 12.35
N LEU B 111 3.77 -33.87 12.24
CA LEU B 111 4.99 -34.42 12.82
C LEU B 111 5.01 -34.30 14.34
N ARG B 112 4.17 -33.46 14.93
CA ARG B 112 4.03 -33.47 16.37
C ARG B 112 3.33 -34.72 16.87
N ILE B 113 2.73 -35.51 15.99
CA ILE B 113 2.20 -36.82 16.36
C ILE B 113 3.36 -37.81 16.33
N PRO B 114 3.77 -38.34 17.49
CA PRO B 114 5.02 -39.14 17.53
C PRO B 114 4.88 -40.51 16.90
N ASP B 115 3.71 -41.14 17.00
CA ASP B 115 3.51 -42.49 16.51
C ASP B 115 3.25 -42.43 15.01
N THR B 116 4.17 -43.00 14.22
CA THR B 116 4.04 -42.97 12.77
C THR B 116 2.74 -43.58 12.30
N ALA B 117 2.30 -44.67 12.95
CA ALA B 117 1.07 -45.33 12.52
C ALA B 117 -0.15 -44.48 12.77
N THR B 118 -0.19 -43.78 13.92
CA THR B 118 -1.33 -42.91 14.20
C THR B 118 -1.34 -41.72 13.25
N ARG B 119 -0.15 -41.20 12.93
CA ARG B 119 -0.07 -40.06 12.02
C ARG B 119 -0.53 -40.44 10.62
N ASP B 120 0.00 -41.54 10.08
CA ASP B 120 -0.42 -42.02 8.77
C ASP B 120 -1.90 -42.37 8.74
N ALA B 121 -2.46 -42.86 9.86
CA ALA B 121 -3.89 -43.14 9.90
C ALA B 121 -4.70 -41.86 9.88
N LEU B 122 -4.29 -40.85 10.66
CA LEU B 122 -4.97 -39.57 10.64
C LEU B 122 -4.95 -38.95 9.25
N ILE B 123 -3.81 -39.08 8.56
CA ILE B 123 -3.69 -38.54 7.21
C ILE B 123 -4.67 -39.21 6.27
N ARG B 124 -4.66 -40.55 6.26
CA ARG B 124 -5.47 -41.30 5.30
C ARG B 124 -6.96 -41.23 5.63
N ASP B 125 -7.33 -41.15 6.91
CA ASP B 125 -8.73 -41.25 7.30
C ASP B 125 -9.39 -39.93 7.61
N LYS B 126 -8.65 -38.92 8.08
CA LYS B 126 -9.23 -37.65 8.45
C LYS B 126 -8.76 -36.50 7.57
N ILE B 127 -7.46 -36.37 7.34
CA ILE B 127 -6.93 -35.18 6.69
C ILE B 127 -7.18 -35.22 5.19
N ALA B 128 -6.86 -36.33 4.53
CA ALA B 128 -6.98 -36.42 3.08
C ALA B 128 -8.41 -36.20 2.60
N ASP B 129 -9.40 -36.34 3.49
CA ASP B 129 -10.78 -36.05 3.19
C ASP B 129 -11.18 -34.63 3.55
N GLY B 130 -10.20 -33.72 3.67
CA GLY B 130 -10.46 -32.32 3.91
C GLY B 130 -10.83 -31.96 5.33
N ASN B 131 -11.33 -32.91 6.13
CA ASN B 131 -11.74 -32.60 7.49
C ASN B 131 -10.55 -32.27 8.37
N TRP B 132 -9.66 -31.40 7.87
CA TRP B 132 -8.41 -31.11 8.59
C TRP B 132 -8.62 -30.12 9.72
N LYS B 133 -9.61 -29.24 9.61
CA LYS B 133 -9.79 -28.19 10.61
C LYS B 133 -10.04 -28.77 12.00
N SER B 134 -10.84 -29.82 12.08
CA SER B 134 -11.27 -30.39 13.35
C SER B 134 -10.45 -31.62 13.74
N HIS B 135 -9.15 -31.61 13.50
CA HIS B 135 -8.34 -32.75 13.91
C HIS B 135 -6.90 -32.40 14.25
N LEU B 136 -6.49 -31.14 14.13
CA LEU B 136 -5.15 -30.74 14.54
C LEU B 136 -5.21 -29.39 15.25
N ARG B 140 -5.19 -24.46 19.08
CA ARG B 140 -3.98 -23.86 18.52
C ARG B 140 -4.03 -23.91 16.99
N SER B 141 -3.93 -22.72 16.38
CA SER B 141 -3.98 -22.63 14.93
C SER B 141 -2.90 -23.51 14.32
N LEU B 142 -3.26 -24.17 13.21
CA LEU B 142 -2.27 -24.88 12.42
C LEU B 142 -1.15 -23.95 11.96
N PHE B 143 -1.45 -22.66 11.81
CA PHE B 143 -0.59 -21.74 11.10
C PHE B 143 0.21 -20.83 12.04
N VAL B 144 0.34 -21.20 13.31
CA VAL B 144 1.08 -20.39 14.29
C VAL B 144 2.48 -20.03 13.77
N ASN B 145 3.16 -20.99 13.15
CA ASN B 145 4.52 -20.77 12.70
C ASN B 145 4.62 -20.48 11.20
N ALA B 146 3.54 -19.97 10.61
CA ALA B 146 3.54 -19.79 9.16
C ALA B 146 4.51 -18.70 8.70
N ALA B 147 4.79 -17.70 9.55
CA ALA B 147 5.81 -16.73 9.16
C ALA B 147 7.14 -17.43 8.89
N THR B 148 7.46 -18.43 9.71
CA THR B 148 8.70 -19.18 9.52
C THR B 148 8.66 -19.98 8.22
N TRP B 149 7.55 -20.69 7.96
CA TRP B 149 7.46 -21.45 6.72
C TRP B 149 7.34 -20.54 5.51
N GLY B 150 6.79 -19.34 5.70
CA GLY B 150 6.78 -18.37 4.61
C GLY B 150 8.18 -17.98 4.18
N LEU B 151 9.09 -17.84 5.14
CA LEU B 151 10.49 -17.64 4.80
C LEU B 151 11.03 -18.83 4.02
N VAL B 152 10.74 -20.04 4.49
CA VAL B 152 11.23 -21.24 3.83
C VAL B 152 10.72 -21.33 2.39
N VAL B 153 9.44 -21.04 2.19
CA VAL B 153 8.82 -21.24 0.88
C VAL B 153 9.13 -20.08 -0.07
N THR B 154 9.04 -18.84 0.43
CA THR B 154 9.14 -17.67 -0.44
C THR B 154 10.42 -16.88 -0.25
N GLY B 155 11.14 -17.07 0.85
CA GLY B 155 12.28 -16.22 1.15
C GLY B 155 11.94 -14.87 1.71
N LYS B 156 10.66 -14.54 1.85
CA LYS B 156 10.23 -13.26 2.40
C LYS B 156 9.55 -13.47 3.75
N LEU B 157 9.72 -12.50 4.62
CA LEU B 157 9.14 -12.56 5.96
C LEU B 157 7.87 -11.72 5.98
N THR B 158 6.78 -12.33 6.42
CA THR B 158 5.54 -11.61 6.71
C THR B 158 5.34 -11.71 8.22
N SER B 159 5.20 -10.55 8.88
CA SER B 159 5.27 -10.50 10.34
C SER B 159 4.08 -11.20 10.99
N THR B 160 2.90 -11.10 10.39
CA THR B 160 1.74 -11.81 10.89
C THR B 160 1.22 -12.75 9.81
N VAL B 161 0.28 -13.61 10.21
CA VAL B 161 -0.14 -14.75 9.41
C VAL B 161 -1.53 -14.45 8.89
N ASN B 162 -1.71 -14.52 7.56
CA ASN B 162 -3.07 -14.46 7.03
C ASN B 162 -3.68 -15.86 7.15
N ASP B 163 -4.29 -16.11 8.30
CA ASP B 163 -4.79 -17.45 8.56
C ASP B 163 -6.02 -17.79 7.72
N ARG B 164 -6.78 -16.81 7.26
CA ARG B 164 -7.89 -17.12 6.37
C ARG B 164 -7.37 -17.52 5.00
N SER B 165 -6.33 -16.83 4.51
CA SER B 165 -5.74 -17.20 3.23
C SER B 165 -5.12 -18.59 3.30
N LEU B 166 -4.43 -18.88 4.41
CA LEU B 166 -3.77 -20.17 4.55
C LEU B 166 -4.80 -21.28 4.70
N ALA B 167 -5.87 -21.03 5.45
CA ALA B 167 -6.92 -22.03 5.57
C ALA B 167 -7.55 -22.33 4.21
N ALA B 168 -7.81 -21.27 3.44
CA ALA B 168 -8.31 -21.45 2.09
C ALA B 168 -7.32 -22.24 1.24
N ALA B 169 -6.03 -21.92 1.35
CA ALA B 169 -5.04 -22.60 0.53
C ALA B 169 -4.91 -24.07 0.91
N LEU B 170 -4.97 -24.38 2.21
CA LEU B 170 -4.85 -25.77 2.62
C LEU B 170 -6.04 -26.59 2.15
N THR B 171 -7.25 -26.06 2.33
CA THR B 171 -8.43 -26.70 1.80
C THR B 171 -8.30 -26.91 0.31
N ARG B 172 -7.84 -25.89 -0.41
CA ARG B 172 -7.74 -26.00 -1.85
C ARG B 172 -6.75 -27.09 -2.24
N LEU B 173 -5.57 -27.10 -1.61
CA LEU B 173 -4.57 -28.06 -2.04
C LEU B 173 -4.96 -29.49 -1.68
N ILE B 174 -5.58 -29.69 -0.52
CA ILE B 174 -5.98 -31.05 -0.15
C ILE B 174 -7.11 -31.53 -1.04
N SER B 175 -8.10 -30.67 -1.29
CA SER B 175 -9.21 -31.07 -2.15
C SER B 175 -8.72 -31.33 -3.57
N ARG B 176 -7.66 -30.65 -3.98
CA ARG B 176 -7.14 -30.85 -5.33
C ARG B 176 -6.23 -32.09 -5.42
N CYS B 177 -5.33 -32.26 -4.45
CA CYS B 177 -4.25 -33.23 -4.58
C CYS B 177 -4.31 -34.38 -3.58
N GLY B 178 -5.10 -34.27 -2.52
CA GLY B 178 -5.36 -35.42 -1.67
C GLY B 178 -4.16 -35.89 -0.85
N GLU B 179 -4.21 -37.17 -0.51
CA GLU B 179 -3.17 -37.75 0.34
C GLU B 179 -1.76 -37.63 -0.24
N PRO B 180 -1.53 -37.84 -1.54
CA PRO B 180 -0.13 -37.76 -2.02
C PRO B 180 0.57 -36.45 -1.69
N VAL B 181 -0.11 -35.31 -1.76
CA VAL B 181 0.61 -34.07 -1.47
C VAL B 181 0.85 -33.95 0.03
N ILE B 182 -0.05 -34.48 0.86
CA ILE B 182 0.16 -34.44 2.30
C ILE B 182 1.36 -35.29 2.68
N ARG B 183 1.43 -36.51 2.12
CA ARG B 183 2.55 -37.41 2.36
C ARG B 183 3.87 -36.76 1.95
N ARG B 184 3.91 -36.11 0.78
CA ARG B 184 5.13 -35.45 0.33
C ARG B 184 5.50 -34.27 1.22
N GLY B 185 4.50 -33.51 1.66
CA GLY B 185 4.79 -32.42 2.59
C GLY B 185 5.38 -32.91 3.90
N VAL B 186 4.78 -33.97 4.46
CA VAL B 186 5.26 -34.52 5.73
C VAL B 186 6.70 -35.00 5.59
N ASP B 187 6.97 -35.78 4.55
CA ASP B 187 8.32 -36.29 4.35
C ASP B 187 9.30 -35.14 4.13
N MET B 188 8.86 -34.08 3.47
CA MET B 188 9.72 -32.91 3.25
C MET B 188 10.01 -32.20 4.57
N ALA B 189 8.98 -31.92 5.36
CA ALA B 189 9.19 -31.24 6.64
C ALA B 189 10.00 -32.11 7.60
N MET B 190 9.75 -33.41 7.58
CA MET B 190 10.54 -34.33 8.41
C MET B 190 12.03 -34.20 8.09
N ARG B 191 12.36 -34.14 6.80
CA ARG B 191 13.77 -34.03 6.40
C ARG B 191 14.35 -32.69 6.81
N MET B 192 13.64 -31.60 6.52
CA MET B 192 14.14 -30.27 6.85
C MET B 192 14.34 -30.14 8.36
N MET B 193 13.35 -30.54 9.14
CA MET B 193 13.39 -30.33 10.58
C MET B 193 14.21 -31.37 11.31
N GLY B 194 14.59 -32.47 10.65
CA GLY B 194 15.38 -33.49 11.29
C GLY B 194 16.83 -33.52 10.83
N GLU B 195 17.10 -32.92 9.64
CA GLU B 195 18.39 -33.06 8.98
C GLU B 195 18.98 -31.77 8.43
N GLN B 196 18.19 -30.75 8.10
CA GLN B 196 18.70 -29.51 7.53
C GLN B 196 18.82 -28.40 8.57
N PHE B 197 17.75 -28.12 9.29
CA PHE B 197 17.82 -27.06 10.28
C PHE B 197 18.60 -27.51 11.51
N VAL B 198 18.63 -28.82 11.78
CA VAL B 198 19.43 -29.38 12.85
C VAL B 198 20.29 -30.49 12.25
N THR B 199 21.46 -30.69 12.85
CA THR B 199 22.25 -31.86 12.53
C THR B 199 21.58 -33.11 13.06
N GLY B 200 20.90 -33.00 14.19
CA GLY B 200 20.18 -34.12 14.76
C GLY B 200 19.23 -33.64 15.82
N GLU B 201 18.29 -34.52 16.17
CA GLU B 201 17.33 -34.18 17.22
C GLU B 201 17.98 -34.23 18.60
N THR B 202 18.88 -35.18 18.80
CA THR B 202 19.62 -35.36 20.04
C THR B 202 21.10 -35.32 19.74
N ILE B 203 21.90 -35.20 20.79
CA ILE B 203 23.35 -35.16 20.60
C ILE B 203 23.85 -36.51 20.09
N ARG B 204 23.21 -37.60 20.49
CA ARG B 204 23.59 -38.91 19.98
C ARG B 204 23.40 -38.99 18.48
N GLU B 205 22.26 -38.49 18.00
CA GLU B 205 22.01 -38.49 16.55
C GLU B 205 22.96 -37.54 15.84
N ALA B 206 23.23 -36.38 16.43
CA ALA B 206 24.10 -35.40 15.78
C ALA B 206 25.52 -35.91 15.71
N LEU B 207 26.02 -36.52 16.79
CA LEU B 207 27.37 -37.09 16.77
C LEU B 207 27.50 -38.20 15.73
N LYS B 208 26.47 -39.05 15.61
CA LYS B 208 26.53 -40.12 14.64
C LYS B 208 26.59 -39.57 13.21
N ARG B 209 25.80 -38.55 12.93
CA ARG B 209 25.77 -37.96 11.60
C ARG B 209 27.00 -37.12 11.31
N SER B 210 27.84 -36.85 12.31
CA SER B 210 28.99 -35.98 12.08
C SER B 210 30.20 -36.70 11.52
N LYS B 211 30.24 -38.03 11.65
CA LYS B 211 31.43 -38.78 11.25
C LYS B 211 31.72 -38.59 9.76
N GLU B 212 30.68 -38.57 8.93
CA GLU B 212 30.87 -38.52 7.48
C GLU B 212 31.71 -37.32 7.08
N LEU B 213 31.34 -36.13 7.56
CA LEU B 213 32.10 -34.93 7.19
C LEU B 213 33.39 -34.81 7.99
N GLU B 214 33.43 -35.31 9.22
CA GLU B 214 34.70 -35.32 9.95
C GLU B 214 35.75 -36.14 9.22
N GLU B 215 35.34 -37.28 8.62
CA GLU B 215 36.29 -38.08 7.86
C GLU B 215 36.84 -37.34 6.66
N LYS B 216 36.12 -36.34 6.15
CA LYS B 216 36.58 -35.51 5.05
C LYS B 216 37.45 -34.35 5.50
N GLY B 217 37.51 -34.06 6.80
CA GLY B 217 38.31 -32.98 7.33
C GLY B 217 37.53 -31.86 7.95
N PHE B 218 36.21 -31.95 8.02
CA PHE B 218 35.42 -30.99 8.77
C PHE B 218 35.52 -31.27 10.26
N SER B 219 35.16 -30.28 11.06
CA SER B 219 35.00 -30.43 12.50
C SER B 219 33.66 -29.85 12.88
N TYR B 220 33.32 -29.94 14.16
CA TYR B 220 31.98 -29.55 14.60
C TYR B 220 32.03 -28.72 15.86
N SER B 221 31.04 -27.84 15.99
CA SER B 221 30.75 -27.15 17.23
C SER B 221 29.24 -27.25 17.44
N TYR B 222 28.82 -27.98 18.47
CA TYR B 222 27.40 -28.28 18.65
C TYR B 222 26.67 -27.15 19.38
N ASP B 223 25.48 -26.82 18.86
CA ASP B 223 24.64 -25.76 19.39
C ASP B 223 23.37 -26.39 19.94
N MET B 224 23.23 -26.44 21.27
CA MET B 224 22.09 -27.14 21.84
C MET B 224 20.81 -26.31 21.80
N LEU B 225 20.87 -25.12 21.22
CA LEU B 225 19.71 -24.28 20.88
C LEU B 225 19.06 -23.63 22.11
N GLY B 226 19.78 -23.55 23.22
CA GLY B 226 19.30 -22.79 24.37
C GLY B 226 19.61 -21.31 24.20
N GLU B 227 18.70 -20.47 24.66
CA GLU B 227 18.97 -19.04 24.72
C GLU B 227 17.82 -18.35 25.44
N ALA B 228 18.13 -17.16 25.95
CA ALA B 228 17.14 -16.28 26.54
C ALA B 228 16.29 -17.03 27.57
N ALA B 229 16.97 -17.57 28.59
CA ALA B 229 16.25 -18.05 29.76
C ALA B 229 15.31 -16.96 30.25
N THR B 230 14.05 -17.34 30.51
CA THR B 230 13.07 -16.44 31.10
C THR B 230 12.95 -16.60 32.61
N THR B 231 13.18 -17.81 33.10
CA THR B 231 13.00 -18.13 34.50
C THR B 231 14.26 -18.83 35.03
N ALA B 232 14.35 -18.91 36.36
CA ALA B 232 15.45 -19.68 36.95
C ALA B 232 15.43 -21.13 36.47
N ALA B 233 14.24 -21.72 36.35
CA ALA B 233 14.15 -23.11 35.90
C ALA B 233 14.66 -23.27 34.47
N ASP B 234 14.38 -22.28 33.60
CA ASP B 234 14.94 -22.30 32.24
C ASP B 234 16.46 -22.36 32.28
N ALA B 235 17.06 -21.44 33.04
CA ALA B 235 18.51 -21.34 33.06
C ALA B 235 19.14 -22.59 33.63
N GLU B 236 18.54 -23.14 34.69
CA GLU B 236 19.08 -24.34 35.28
C GLU B 236 18.99 -25.52 34.32
N ARG B 237 17.88 -25.60 33.57
CA ARG B 237 17.73 -26.66 32.60
C ARG B 237 18.76 -26.52 31.48
N TYR B 238 18.88 -25.32 30.92
CA TYR B 238 19.86 -25.09 29.86
C TYR B 238 21.26 -25.44 30.33
N TYR B 239 21.58 -25.08 31.58
CA TYR B 239 22.87 -25.44 32.15
C TYR B 239 23.07 -26.96 32.16
N ARG B 240 22.07 -27.69 32.67
CA ARG B 240 22.20 -29.13 32.73
C ARG B 240 22.23 -29.74 31.34
N ASP B 241 21.51 -29.14 30.39
CA ASP B 241 21.55 -29.64 29.01
C ASP B 241 22.94 -29.44 28.40
N TYR B 242 23.58 -28.30 28.66
CA TYR B 242 24.95 -28.09 28.19
C TYR B 242 25.89 -29.09 28.85
N GLU B 243 25.76 -29.27 30.16
CA GLU B 243 26.63 -30.18 30.89
C GLU B 243 26.53 -31.58 30.31
N SER B 244 25.30 -32.06 30.08
CA SER B 244 25.10 -33.37 29.48
CA SER B 244 25.11 -33.37 29.48
C SER B 244 25.70 -33.44 28.09
N ALA B 245 25.51 -32.40 27.29
CA ALA B 245 26.09 -32.39 25.95
C ALA B 245 27.61 -32.42 26.00
N ILE B 246 28.22 -31.69 26.93
CA ILE B 246 29.68 -31.70 27.00
C ILE B 246 30.20 -33.11 27.27
N HIS B 247 29.54 -33.84 28.16
CA HIS B 247 29.96 -35.23 28.39
C HIS B 247 29.87 -36.04 27.12
N ALA B 248 28.79 -35.86 26.35
CA ALA B 248 28.64 -36.65 25.13
C ALA B 248 29.67 -36.23 24.09
N ILE B 249 29.81 -34.93 23.87
CA ILE B 249 30.77 -34.42 22.89
C ILE B 249 32.19 -34.77 23.31
N GLY B 250 32.49 -34.64 24.60
CA GLY B 250 33.83 -34.92 25.08
C GLY B 250 34.21 -36.38 24.91
N LYS B 251 33.29 -37.29 25.24
CA LYS B 251 33.58 -38.71 25.04
C LYS B 251 33.76 -39.02 23.56
N ALA B 252 32.90 -38.45 22.71
CA ALA B 252 33.05 -38.66 21.27
C ALA B 252 34.37 -38.09 20.77
N SER B 253 34.79 -36.94 21.29
CA SER B 253 36.07 -36.37 20.89
C SER B 253 37.20 -37.37 21.07
N ALA B 254 37.19 -38.08 22.20
CA ALA B 254 38.11 -39.20 22.45
C ALA B 254 39.57 -38.76 22.30
N GLY B 255 39.88 -37.58 22.83
CA GLY B 255 41.25 -37.11 22.80
C GLY B 255 41.72 -36.49 21.51
N ARG B 256 40.81 -36.21 20.57
CA ARG B 256 41.22 -35.57 19.32
C ARG B 256 41.68 -34.13 19.50
N GLY B 257 41.41 -33.51 20.64
CA GLY B 257 41.83 -32.14 20.87
C GLY B 257 40.87 -31.12 20.28
N ILE B 258 41.19 -29.85 20.53
CA ILE B 258 40.25 -28.78 20.24
C ILE B 258 40.15 -28.42 18.76
N TYR B 259 41.12 -28.85 17.92
CA TYR B 259 41.10 -28.49 16.50
C TYR B 259 40.44 -29.57 15.64
N GLU B 260 40.97 -30.80 15.70
CA GLU B 260 40.33 -31.88 14.95
C GLU B 260 39.01 -32.28 15.59
N GLY B 261 38.96 -32.27 16.92
CA GLY B 261 37.81 -32.79 17.63
C GLY B 261 36.70 -31.77 17.75
N PRO B 262 35.51 -32.26 18.10
CA PRO B 262 34.34 -31.39 18.20
C PRO B 262 34.38 -30.53 19.44
N GLY B 263 33.62 -29.44 19.39
CA GLY B 263 33.43 -28.59 20.54
C GLY B 263 31.96 -28.27 20.76
N ILE B 264 31.70 -27.33 21.64
CA ILE B 264 30.34 -26.89 21.93
C ILE B 264 30.30 -25.37 21.92
N SER B 265 29.13 -24.84 21.60
CA SER B 265 28.86 -23.41 21.66
C SER B 265 27.73 -23.16 22.65
N ILE B 266 27.86 -22.11 23.44
CA ILE B 266 26.83 -21.76 24.41
C ILE B 266 26.45 -20.30 24.20
N LYS B 267 25.27 -19.96 24.69
CA LYS B 267 24.82 -18.58 24.78
C LYS B 267 24.68 -18.21 26.25
N LEU B 268 25.34 -17.13 26.66
CA LEU B 268 25.22 -16.72 28.06
C LEU B 268 23.78 -16.40 28.43
N SER B 269 22.96 -15.94 27.47
CA SER B 269 21.56 -15.64 27.80
C SER B 269 20.77 -16.87 28.18
N ALA B 270 21.25 -18.07 27.81
CA ALA B 270 20.60 -19.29 28.25
C ALA B 270 20.86 -19.59 29.72
N LEU B 271 21.92 -19.01 30.30
CA LEU B 271 22.41 -19.47 31.58
C LEU B 271 21.95 -18.59 32.73
N HIS B 272 21.20 -17.53 32.46
CA HIS B 272 20.67 -16.72 33.55
C HIS B 272 19.49 -15.95 33.04
N PRO B 273 18.41 -15.81 33.83
CA PRO B 273 17.25 -15.06 33.35
C PRO B 273 17.44 -13.55 33.34
N ARG B 274 18.50 -13.03 33.95
CA ARG B 274 18.75 -11.59 34.00
C ARG B 274 20.16 -11.30 33.49
N TYR B 275 20.47 -11.83 32.32
CA TYR B 275 21.79 -11.59 31.74
C TYR B 275 21.80 -10.20 31.11
N SER B 276 22.25 -9.21 31.89
CA SER B 276 22.25 -7.84 31.42
C SER B 276 23.19 -7.01 32.29
N ARG B 277 23.66 -5.91 31.72
CA ARG B 277 24.51 -5.01 32.49
C ARG B 277 23.80 -4.50 33.74
N ALA B 278 22.47 -4.32 33.68
CA ALA B 278 21.76 -3.83 34.84
C ALA B 278 21.87 -4.79 36.02
N GLN B 279 22.08 -6.08 35.75
CA GLN B 279 22.20 -7.07 36.80
C GLN B 279 23.59 -7.69 36.80
N ALA B 280 24.60 -6.87 36.53
CA ALA B 280 25.96 -7.38 36.38
C ALA B 280 26.39 -8.15 37.61
N ALA B 281 26.03 -7.68 38.81
CA ALA B 281 26.47 -8.39 40.00
C ALA B 281 25.91 -9.80 40.03
N ARG B 282 24.63 -9.97 39.70
CA ARG B 282 24.05 -11.31 39.66
C ARG B 282 24.68 -12.13 38.54
N VAL B 283 25.01 -11.50 37.41
CA VAL B 283 25.67 -12.21 36.33
C VAL B 283 27.02 -12.76 36.80
N MET B 284 27.83 -11.92 37.44
CA MET B 284 29.12 -12.41 37.90
C MET B 284 28.97 -13.42 39.04
N GLY B 285 27.94 -13.24 39.87
CA GLY B 285 27.78 -14.12 41.03
C GLY B 285 27.14 -15.45 40.73
N GLU B 286 26.27 -15.50 39.72
CA GLU B 286 25.43 -16.65 39.44
C GLU B 286 25.63 -17.25 38.07
N LEU B 287 25.81 -16.43 37.04
CA LEU B 287 26.01 -16.94 35.70
C LEU B 287 27.45 -17.44 35.52
N LEU B 288 28.42 -16.62 35.90
CA LEU B 288 29.82 -16.99 35.73
C LEU B 288 30.17 -18.35 36.34
N PRO B 289 29.76 -18.69 37.57
CA PRO B 289 30.07 -20.04 38.07
C PRO B 289 29.55 -21.15 37.19
N ARG B 290 28.41 -20.94 36.53
CA ARG B 290 27.90 -21.96 35.62
C ARG B 290 28.81 -22.12 34.42
N VAL B 291 29.23 -20.99 33.82
CA VAL B 291 30.14 -21.08 32.68
C VAL B 291 31.44 -21.73 33.11
N LYS B 292 31.96 -21.32 34.27
CA LYS B 292 33.20 -21.93 34.75
C LYS B 292 33.06 -23.45 34.88
N ALA B 293 31.92 -23.91 35.40
CA ALA B 293 31.73 -25.35 35.56
C ALA B 293 31.72 -26.04 34.20
N LEU B 294 31.02 -25.46 33.22
CA LEU B 294 31.02 -26.03 31.89
C LEU B 294 32.42 -26.00 31.30
N ALA B 295 33.12 -24.88 31.46
CA ALA B 295 34.47 -24.77 30.92
C ALA B 295 35.39 -25.81 31.54
N LEU B 296 35.24 -26.05 32.84
CA LEU B 296 36.07 -27.07 33.49
C LEU B 296 35.82 -28.45 32.91
N LEU B 297 34.56 -28.76 32.59
CA LEU B 297 34.26 -30.02 31.91
C LEU B 297 34.85 -30.06 30.52
N ALA B 298 34.70 -28.98 29.75
CA ALA B 298 35.30 -28.90 28.44
C ALA B 298 36.81 -29.08 28.52
N LYS B 299 37.43 -28.44 29.51
CA LYS B 299 38.86 -28.62 29.73
C LYS B 299 39.20 -30.09 29.97
N ASN B 300 38.45 -30.75 30.83
CA ASN B 300 38.78 -32.12 31.20
C ASN B 300 38.71 -33.05 30.00
N TYR B 301 37.81 -32.77 29.06
CA TYR B 301 37.74 -33.55 27.82
C TYR B 301 38.61 -32.98 26.72
N ASP B 302 39.22 -31.82 26.95
CA ASP B 302 40.00 -31.08 25.95
C ASP B 302 39.21 -30.87 24.66
N ILE B 303 38.04 -30.25 24.81
CA ILE B 303 37.25 -29.78 23.69
C ILE B 303 37.14 -28.26 23.78
N GLY B 304 36.76 -27.66 22.65
CA GLY B 304 36.49 -26.23 22.63
C GLY B 304 35.12 -25.91 23.21
N LEU B 305 35.04 -24.80 23.92
CA LEU B 305 33.77 -24.28 24.42
C LEU B 305 33.71 -22.82 23.99
N ASN B 306 32.73 -22.49 23.16
CA ASN B 306 32.65 -21.18 22.52
C ASN B 306 31.47 -20.41 23.07
N ILE B 307 31.70 -19.15 23.42
CA ILE B 307 30.63 -18.25 23.84
C ILE B 307 30.14 -17.49 22.62
N ASP B 308 28.92 -17.80 22.19
CA ASP B 308 28.30 -17.10 21.07
C ASP B 308 28.10 -15.64 21.43
N ALA B 309 28.15 -14.78 20.42
CA ALA B 309 27.92 -13.36 20.64
C ALA B 309 26.46 -13.02 20.34
N GLU B 310 25.86 -12.20 21.20
CA GLU B 310 24.44 -11.94 21.10
C GLU B 310 24.21 -10.45 20.88
N GLU B 311 23.31 -9.83 21.63
CA GLU B 311 22.96 -8.44 21.39
C GLU B 311 24.11 -7.50 21.75
N ALA B 312 24.11 -6.32 21.12
CA ALA B 312 25.22 -5.39 21.31
C ALA B 312 25.38 -4.97 22.77
N ASP B 313 24.26 -4.86 23.54
CA ASP B 313 24.41 -4.42 24.93
C ASP B 313 24.83 -5.55 25.87
N ARG B 314 25.20 -6.72 25.33
CA ARG B 314 25.80 -7.78 26.11
C ARG B 314 27.26 -8.00 25.80
N LEU B 315 27.81 -7.30 24.79
CA LEU B 315 29.18 -7.56 24.36
C LEU B 315 30.16 -7.30 25.50
N GLU B 316 30.16 -6.10 26.06
CA GLU B 316 31.20 -5.76 27.02
C GLU B 316 31.01 -6.52 28.32
N LEU B 317 29.76 -6.74 28.73
CA LEU B 317 29.49 -7.60 29.89
C LEU B 317 30.13 -8.97 29.71
N SER B 318 29.98 -9.56 28.52
CA SER B 318 30.54 -10.89 28.32
C SER B 318 32.05 -10.89 28.47
N LEU B 319 32.72 -9.77 28.17
CA LEU B 319 34.16 -9.72 28.32
C LEU B 319 34.59 -9.87 29.77
N ASP B 320 33.76 -9.43 30.72
CA ASP B 320 34.11 -9.59 32.12
C ASP B 320 34.12 -11.06 32.51
N LEU B 321 33.27 -11.87 31.89
CA LEU B 321 33.32 -13.30 32.13
C LEU B 321 34.52 -13.93 31.44
N LEU B 322 34.80 -13.51 30.21
CA LEU B 322 35.97 -14.02 29.49
C LEU B 322 37.25 -13.76 30.28
N GLU B 323 37.37 -12.55 30.82
CA GLU B 323 38.53 -12.19 31.64
C GLU B 323 38.73 -13.18 32.78
N VAL B 324 37.67 -13.43 33.56
CA VAL B 324 37.81 -14.30 34.73
C VAL B 324 38.17 -15.72 34.30
N LEU B 325 37.53 -16.22 33.25
CA LEU B 325 37.79 -17.59 32.80
C LEU B 325 39.24 -17.77 32.37
N CYS B 326 39.79 -16.77 31.66
CA CYS B 326 41.16 -16.93 31.16
C CYS B 326 42.20 -16.83 32.28
N LEU B 327 41.86 -16.17 33.39
CA LEU B 327 42.76 -16.08 34.54
C LEU B 327 42.51 -17.17 35.58
N ASP B 328 41.51 -18.03 35.36
CA ASP B 328 41.14 -19.05 36.34
C ASP B 328 42.12 -20.20 36.23
N GLY B 329 42.95 -20.39 37.26
CA GLY B 329 43.95 -21.44 37.22
C GLY B 329 43.39 -22.84 37.07
N ASP B 330 42.12 -23.06 37.44
CA ASP B 330 41.52 -24.37 37.23
C ASP B 330 41.47 -24.75 35.75
N LEU B 331 41.51 -23.77 34.85
CA LEU B 331 41.52 -24.01 33.41
C LEU B 331 42.91 -23.94 32.81
N SER B 332 43.95 -24.02 33.65
CA SER B 332 45.34 -23.89 33.22
C SER B 332 45.65 -24.72 31.97
N GLY B 333 46.30 -24.07 30.99
CA GLY B 333 46.76 -24.76 29.80
C GLY B 333 45.70 -25.16 28.79
N TRP B 334 44.42 -24.91 29.08
CA TRP B 334 43.34 -25.24 28.17
C TRP B 334 43.22 -24.13 27.12
N ASN B 335 43.39 -24.48 25.85
CA ASN B 335 43.28 -23.50 24.78
C ASN B 335 41.95 -23.56 24.07
N GLY B 336 40.96 -24.22 24.67
CA GLY B 336 39.68 -24.36 24.05
C GLY B 336 38.67 -23.29 24.34
N MET B 337 38.99 -22.28 25.15
CA MET B 337 38.05 -21.18 25.34
C MET B 337 37.82 -20.44 24.03
N GLY B 338 36.56 -20.38 23.62
CA GLY B 338 36.19 -19.73 22.37
C GLY B 338 35.29 -18.54 22.62
N PHE B 339 35.37 -17.55 21.73
CA PHE B 339 34.65 -16.31 21.92
C PHE B 339 34.36 -15.68 20.57
N VAL B 340 33.11 -15.36 20.34
CA VAL B 340 32.67 -14.77 19.09
C VAL B 340 32.79 -13.26 19.17
N VAL B 341 33.23 -12.65 18.09
CA VAL B 341 33.20 -11.21 17.91
C VAL B 341 32.51 -10.93 16.59
N GLN B 342 31.69 -9.88 16.57
CA GLN B 342 30.79 -9.59 15.45
C GLN B 342 31.36 -8.41 14.67
N ALA B 343 31.75 -8.67 13.41
CA ALA B 343 32.37 -7.65 12.59
C ALA B 343 31.39 -6.54 12.19
N TYR B 344 30.08 -6.77 12.30
CA TYR B 344 29.19 -5.65 12.04
C TYR B 344 29.19 -4.64 13.17
N GLY B 345 29.90 -4.90 14.26
CA GLY B 345 29.91 -4.01 15.40
C GLY B 345 31.10 -3.06 15.34
N LYS B 346 30.83 -1.80 15.72
CA LYS B 346 31.86 -0.78 15.62
C LYS B 346 33.01 -1.03 16.59
N ARG B 347 32.79 -1.82 17.63
CA ARG B 347 33.83 -2.07 18.61
C ARG B 347 34.72 -3.25 18.25
N CYS B 348 34.39 -3.98 17.17
CA CYS B 348 35.03 -5.26 16.88
C CYS B 348 36.56 -5.23 16.86
N PRO B 349 37.24 -4.35 16.12
CA PRO B 349 38.71 -4.35 16.19
C PRO B 349 39.23 -4.07 17.58
N PHE B 350 38.55 -3.23 18.36
CA PHE B 350 39.03 -2.93 19.71
C PHE B 350 38.77 -4.10 20.66
N VAL B 351 37.68 -4.83 20.46
CA VAL B 351 37.45 -6.05 21.24
C VAL B 351 38.53 -7.08 20.93
N LEU B 352 38.92 -7.19 19.66
CA LEU B 352 39.98 -8.11 19.28
C LEU B 352 41.31 -7.70 19.93
N ASP B 353 41.61 -6.40 19.97
CA ASP B 353 42.79 -5.93 20.68
C ASP B 353 42.74 -6.38 22.13
N PHE B 354 41.58 -6.24 22.77
CA PHE B 354 41.43 -6.65 24.17
C PHE B 354 41.65 -8.16 24.32
N ILE B 355 41.06 -8.95 23.41
CA ILE B 355 41.15 -10.41 23.50
C ILE B 355 42.58 -10.87 23.25
N ILE B 356 43.23 -10.32 22.22
CA ILE B 356 44.60 -10.72 21.92
C ILE B 356 45.50 -10.42 23.10
N ASP B 357 45.32 -9.26 23.73
CA ASP B 357 46.13 -8.92 24.90
C ASP B 357 45.83 -9.86 26.06
N LEU B 358 44.54 -10.15 26.30
CA LEU B 358 44.16 -11.10 27.33
C LEU B 358 44.82 -12.45 27.11
N ALA B 359 44.85 -12.90 25.85
CA ALA B 359 45.47 -14.19 25.57
C ALA B 359 46.95 -14.17 25.93
N ARG B 360 47.65 -13.10 25.52
CA ARG B 360 49.07 -12.96 25.84
C ARG B 360 49.31 -12.93 27.34
N ARG B 361 48.56 -12.08 28.04
CA ARG B 361 48.64 -11.93 29.49
C ARG B 361 48.48 -13.26 30.20
N SER B 362 47.51 -14.05 29.77
CA SER B 362 47.05 -15.19 30.55
C SER B 362 47.65 -16.51 30.10
N GLY B 363 48.42 -16.53 29.03
CA GLY B 363 48.97 -17.79 28.58
C GLY B 363 47.89 -18.74 28.09
N ARG B 364 46.85 -18.20 27.47
CA ARG B 364 45.77 -18.98 26.89
C ARG B 364 45.70 -18.62 25.42
N ARG B 365 45.71 -19.62 24.55
CA ARG B 365 45.31 -19.37 23.18
C ARG B 365 43.79 -19.35 23.15
N ILE B 366 43.21 -18.23 22.74
CA ILE B 366 41.77 -18.06 22.72
C ILE B 366 41.29 -18.30 21.30
N MET B 367 40.27 -19.14 21.15
CA MET B 367 39.66 -19.36 19.85
C MET B 367 38.70 -18.22 19.57
N VAL B 368 38.91 -17.49 18.48
CA VAL B 368 38.10 -16.31 18.19
C VAL B 368 37.30 -16.58 16.93
N ARG B 369 35.98 -16.70 17.07
CA ARG B 369 35.11 -16.85 15.92
C ARG B 369 34.73 -15.46 15.45
N LEU B 370 35.19 -15.10 14.26
CA LEU B 370 34.81 -13.84 13.64
C LEU B 370 33.57 -14.09 12.80
N VAL B 371 32.47 -13.43 13.15
CA VAL B 371 31.24 -13.48 12.38
C VAL B 371 30.91 -12.07 11.94
N LYS B 372 29.94 -11.95 11.03
CA LYS B 372 29.47 -10.60 10.72
C LYS B 372 28.47 -10.11 11.77
N GLY B 373 27.43 -10.89 12.05
CA GLY B 373 26.53 -10.55 13.14
C GLY B 373 25.09 -10.91 12.81
N ALA B 374 24.36 -11.51 13.76
CA ALA B 374 23.06 -12.11 13.47
C ALA B 374 21.88 -11.25 13.90
N TYR B 375 22.11 -10.08 14.49
CA TYR B 375 21.03 -9.34 15.12
C TYR B 375 20.84 -7.96 14.50
N TRP B 376 21.19 -7.81 13.21
CA TRP B 376 21.33 -6.47 12.63
C TRP B 376 20.04 -5.66 12.72
N ASP B 377 18.92 -6.20 12.20
CA ASP B 377 17.75 -5.33 12.19
CA ASP B 377 17.65 -5.46 12.20
C ASP B 377 17.26 -5.02 13.60
N ALA B 378 17.47 -5.91 14.58
CA ALA B 378 17.08 -5.59 15.94
C ALA B 378 17.97 -4.52 16.52
N GLU B 379 19.24 -4.48 16.12
CA GLU B 379 20.12 -3.43 16.64
C GLU B 379 19.71 -2.08 16.08
N ILE B 380 19.27 -2.04 14.81
CA ILE B 380 18.79 -0.77 14.24
C ILE B 380 17.56 -0.30 15.00
N LYS B 381 16.58 -1.18 15.18
CA LYS B 381 15.36 -0.79 15.85
C LYS B 381 15.65 -0.32 17.27
N ARG B 382 16.53 -1.02 17.97
CA ARG B 382 16.74 -0.72 19.38
C ARG B 382 17.38 0.65 19.56
N ALA B 383 18.36 0.98 18.72
CA ALA B 383 19.02 2.27 18.86
C ALA B 383 18.04 3.40 18.54
N GLN B 384 17.14 3.18 17.56
CA GLN B 384 16.13 4.18 17.27
C GLN B 384 15.15 4.32 18.42
N LEU B 385 14.65 3.20 18.95
CA LEU B 385 13.72 3.26 20.08
C LEU B 385 14.33 4.02 21.24
N ASP B 386 15.62 3.78 21.51
CA ASP B 386 16.25 4.35 22.68
C ASP B 386 16.83 5.75 22.44
N GLY B 387 16.69 6.29 21.23
CA GLY B 387 17.17 7.63 20.93
C GLY B 387 18.65 7.82 21.19
N LEU B 388 19.45 6.83 20.88
CA LEU B 388 20.87 6.92 21.22
C LEU B 388 21.65 7.59 20.09
N ALA B 389 22.91 7.90 20.37
CA ALA B 389 23.66 8.81 19.50
C ALA B 389 23.86 8.23 18.11
N ASP B 390 24.06 6.93 18.02
CA ASP B 390 24.30 6.28 16.74
C ASP B 390 24.01 4.81 16.94
N PHE B 391 24.17 4.03 15.87
CA PHE B 391 24.02 2.59 15.98
C PHE B 391 25.30 1.96 16.50
N PRO B 392 25.21 0.81 17.17
CA PRO B 392 26.41 0.06 17.54
C PRO B 392 26.86 -0.90 16.46
N VAL B 393 26.20 -0.86 15.31
CA VAL B 393 26.53 -1.67 14.16
C VAL B 393 26.61 -0.73 12.97
N PHE B 394 27.26 -1.21 11.91
CA PHE B 394 27.25 -0.49 10.64
C PHE B 394 25.87 -0.56 10.01
N THR B 395 25.61 0.36 9.10
CA THR B 395 24.32 0.43 8.42
C THR B 395 24.39 0.11 6.94
N ARG B 396 25.59 0.07 6.34
CA ARG B 396 25.76 -0.44 4.98
C ARG B 396 26.42 -1.81 5.07
N LYS B 397 25.88 -2.76 4.31
CA LYS B 397 26.40 -4.13 4.40
C LYS B 397 27.87 -4.20 4.01
N ILE B 398 28.29 -3.43 3.00
CA ILE B 398 29.68 -3.49 2.58
C ILE B 398 30.61 -2.99 3.69
N HIS B 399 30.10 -2.13 4.59
CA HIS B 399 30.92 -1.71 5.71
C HIS B 399 31.24 -2.89 6.63
N THR B 400 30.23 -3.71 6.91
CA THR B 400 30.47 -4.91 7.70
C THR B 400 31.48 -5.82 7.00
N ASP B 401 31.41 -5.90 5.66
CA ASP B 401 32.36 -6.73 4.92
C ASP B 401 33.79 -6.21 5.06
N VAL B 402 33.97 -4.88 4.95
CA VAL B 402 35.29 -4.32 5.13
C VAL B 402 35.76 -4.53 6.56
N SER B 403 34.87 -4.32 7.53
CA SER B 403 35.20 -4.56 8.93
C SER B 403 35.67 -6.00 9.14
N TYR B 404 34.99 -6.96 8.53
CA TYR B 404 35.37 -8.36 8.66
C TYR B 404 36.78 -8.61 8.13
N ILE B 405 37.07 -8.08 6.94
CA ILE B 405 38.37 -8.32 6.33
C ILE B 405 39.47 -7.65 7.14
N ALA B 406 39.21 -6.43 7.63
CA ALA B 406 40.18 -5.73 8.48
C ALA B 406 40.44 -6.49 9.77
N CYS B 407 39.38 -7.04 10.36
CA CYS B 407 39.54 -7.80 11.60
C CYS B 407 40.22 -9.15 11.34
N ALA B 408 39.99 -9.75 10.17
CA ALA B 408 40.73 -10.95 9.81
C ALA B 408 42.21 -10.66 9.67
N ALA B 409 42.57 -9.49 9.13
CA ALA B 409 43.97 -9.12 9.04
C ALA B 409 44.60 -9.06 10.42
N LYS B 410 43.88 -8.46 11.38
CA LYS B 410 44.37 -8.37 12.75
C LYS B 410 44.51 -9.76 13.36
N LEU B 411 43.54 -10.63 13.12
CA LEU B 411 43.60 -11.99 13.68
C LEU B 411 44.71 -12.79 13.03
N LEU B 412 44.82 -12.74 11.70
CA LEU B 412 45.85 -13.50 11.01
C LEU B 412 47.25 -13.07 11.40
N ALA B 413 47.42 -11.84 11.90
CA ALA B 413 48.71 -11.41 12.40
C ALA B 413 48.98 -11.85 13.83
N ALA B 414 48.01 -12.50 14.49
CA ALA B 414 48.15 -12.86 15.89
C ALA B 414 47.89 -14.35 16.10
N THR B 415 48.10 -15.17 15.06
CA THR B 415 47.79 -16.59 15.18
C THR B 415 48.63 -17.31 16.22
N ASP B 416 49.65 -16.64 16.77
CA ASP B 416 50.46 -17.23 17.82
C ASP B 416 49.76 -17.20 19.18
N VAL B 417 48.87 -16.24 19.43
CA VAL B 417 48.18 -16.17 20.71
C VAL B 417 46.67 -16.35 20.59
N VAL B 418 46.09 -16.33 19.39
CA VAL B 418 44.68 -16.63 19.22
C VAL B 418 44.51 -17.55 18.02
N PHE B 419 43.42 -18.32 18.05
CA PHE B 419 43.06 -19.23 16.97
C PHE B 419 41.91 -18.61 16.18
N PRO B 420 42.17 -17.99 15.04
CA PRO B 420 41.11 -17.33 14.29
C PRO B 420 40.20 -18.34 13.62
N GLN B 421 38.89 -18.13 13.75
CA GLN B 421 37.88 -18.99 13.16
C GLN B 421 36.97 -18.11 12.32
N PHE B 422 37.08 -18.22 11.00
CA PHE B 422 36.41 -17.29 10.10
C PHE B 422 35.08 -17.88 9.67
N ALA B 423 34.01 -17.48 10.36
CA ALA B 423 32.66 -17.99 10.12
C ALA B 423 31.97 -17.11 9.10
N THR B 424 31.79 -17.64 7.89
CA THR B 424 31.13 -16.90 6.84
C THR B 424 30.74 -17.87 5.72
N HIS B 425 29.64 -17.55 5.05
CA HIS B 425 29.22 -18.28 3.85
C HIS B 425 29.49 -17.49 2.59
N ASN B 426 30.17 -16.35 2.72
CA ASN B 426 30.43 -15.44 1.60
C ASN B 426 31.72 -15.89 0.92
N ALA B 427 31.61 -16.34 -0.34
CA ALA B 427 32.77 -16.85 -1.06
C ALA B 427 33.80 -15.76 -1.31
N GLN B 428 33.35 -14.53 -1.54
CA GLN B 428 34.29 -13.42 -1.73
C GLN B 428 35.06 -13.15 -0.45
N THR B 429 34.34 -13.06 0.68
CA THR B 429 35.01 -12.92 1.97
C THR B 429 36.01 -14.03 2.21
N LEU B 430 35.61 -15.27 1.95
CA LEU B 430 36.46 -16.42 2.18
C LEU B 430 37.73 -16.33 1.34
N ALA B 431 37.58 -16.08 0.04
CA ALA B 431 38.74 -16.02 -0.84
C ALA B 431 39.72 -14.95 -0.38
N ALA B 432 39.20 -13.79 0.03
CA ALA B 432 40.05 -12.69 0.49
C ALA B 432 40.92 -13.13 1.66
N ILE B 433 40.34 -13.88 2.60
CA ILE B 433 41.09 -14.31 3.78
C ILE B 433 41.98 -15.49 3.46
N TYR B 434 41.51 -16.38 2.57
CA TYR B 434 42.33 -17.51 2.15
C TYR B 434 43.66 -17.04 1.60
N HIS B 435 43.64 -16.00 0.77
CA HIS B 435 44.87 -15.47 0.20
C HIS B 435 45.60 -14.56 1.18
N MET B 436 44.86 -13.79 1.97
CA MET B 436 45.47 -12.97 3.02
C MET B 436 46.31 -13.81 3.97
N ALA B 437 45.90 -15.05 4.23
CA ALA B 437 46.60 -15.89 5.19
C ALA B 437 47.92 -16.42 4.65
N GLY B 438 48.12 -16.38 3.33
CA GLY B 438 49.38 -16.82 2.76
C GLY B 438 49.42 -18.31 2.48
N LYS B 439 50.59 -18.74 2.01
CA LYS B 439 50.77 -20.12 1.58
C LYS B 439 51.09 -21.08 2.72
N ASP B 440 51.60 -20.58 3.84
CA ASP B 440 51.99 -21.43 4.95
C ASP B 440 50.76 -21.76 5.79
N PHE B 441 50.27 -22.99 5.71
CA PHE B 441 49.12 -23.39 6.50
C PHE B 441 49.37 -24.72 7.19
N HIS B 442 48.79 -24.85 8.38
CA HIS B 442 48.70 -26.10 9.09
C HIS B 442 47.42 -26.09 9.90
N VAL B 443 46.87 -27.27 10.16
CA VAL B 443 45.71 -27.35 11.04
C VAL B 443 46.12 -26.84 12.42
N GLY B 444 45.35 -25.91 12.97
CA GLY B 444 45.69 -25.23 14.19
C GLY B 444 46.11 -23.79 14.00
N LYS B 445 46.44 -23.39 12.76
CA LYS B 445 46.77 -22.00 12.51
C LYS B 445 45.50 -21.15 12.53
N TYR B 446 44.53 -21.51 11.71
CA TYR B 446 43.22 -20.87 11.68
C TYR B 446 42.27 -21.87 11.04
N GLU B 447 40.98 -21.56 11.07
CA GLU B 447 40.02 -22.39 10.39
C GLU B 447 38.91 -21.52 9.84
N PHE B 448 38.13 -22.09 8.94
CA PHE B 448 36.85 -21.50 8.57
C PHE B 448 35.73 -22.17 9.37
N GLN B 449 34.57 -21.55 9.35
CA GLN B 449 33.40 -22.13 9.99
C GLN B 449 32.17 -21.85 9.13
N CYS B 450 31.17 -22.73 9.25
CA CYS B 450 29.92 -22.56 8.54
C CYS B 450 28.79 -23.14 9.38
N LEU B 451 27.57 -22.75 9.03
CA LEU B 451 26.38 -23.33 9.65
C LEU B 451 26.02 -24.65 8.99
N HIS B 452 25.56 -25.59 9.80
CA HIS B 452 25.11 -26.87 9.29
C HIS B 452 24.05 -26.67 8.22
N GLY B 453 24.15 -27.46 7.15
CA GLY B 453 23.17 -27.43 6.09
C GLY B 453 23.48 -26.37 5.06
N MET B 454 23.43 -25.10 5.47
CA MET B 454 23.56 -24.00 4.54
C MET B 454 25.01 -23.79 4.07
N GLY B 455 26.00 -24.13 4.89
CA GLY B 455 27.37 -23.83 4.52
C GLY B 455 28.12 -24.95 3.80
N GLU B 456 27.59 -26.16 3.83
CA GLU B 456 28.30 -27.29 3.22
C GLU B 456 28.59 -27.09 1.74
N PRO B 457 27.66 -26.61 0.90
CA PRO B 457 27.99 -26.44 -0.52
C PRO B 457 29.24 -25.61 -0.76
N LEU B 458 29.41 -24.50 -0.03
CA LEU B 458 30.61 -23.70 -0.20
C LEU B 458 31.84 -24.45 0.29
N TYR B 459 31.78 -25.00 1.49
CA TYR B 459 32.99 -25.55 2.07
C TYR B 459 33.32 -26.94 1.54
N GLU B 460 32.40 -27.58 0.81
CA GLU B 460 32.78 -28.73 0.00
C GLU B 460 33.89 -28.37 -0.98
N GLU B 461 33.89 -27.12 -1.44
CA GLU B 461 34.90 -26.59 -2.35
C GLU B 461 36.13 -26.05 -1.64
N VAL B 462 36.25 -26.30 -0.32
CA VAL B 462 37.32 -25.71 0.47
C VAL B 462 38.07 -26.80 1.21
N VAL B 463 37.35 -27.65 1.95
CA VAL B 463 38.00 -28.70 2.73
C VAL B 463 38.51 -29.81 1.81
N GLY B 464 39.73 -30.25 2.06
CA GLY B 464 40.28 -31.40 1.37
C GLY B 464 41.46 -31.04 0.49
N ARG B 465 42.36 -32.02 0.30
CA ARG B 465 43.56 -31.81 -0.49
C ARG B 465 43.22 -31.40 -1.92
N GLY B 466 42.13 -31.94 -2.47
CA GLY B 466 41.69 -31.57 -3.79
C GLY B 466 40.97 -30.24 -3.89
N LYS B 467 40.80 -29.53 -2.77
CA LYS B 467 40.11 -28.24 -2.79
C LYS B 467 41.12 -27.19 -2.33
N LEU B 468 40.82 -26.41 -1.30
CA LEU B 468 41.78 -25.44 -0.79
C LEU B 468 42.59 -25.97 0.38
N ASP B 469 42.31 -27.20 0.81
CA ASP B 469 43.00 -27.83 1.94
C ASP B 469 42.98 -26.93 3.17
N ARG B 470 41.79 -26.40 3.46
CA ARG B 470 41.54 -25.61 4.65
C ARG B 470 40.39 -26.21 5.45
N PRO B 471 40.49 -26.22 6.77
CA PRO B 471 39.46 -26.86 7.59
C PRO B 471 38.25 -25.97 7.76
N CYS B 472 37.14 -26.60 8.07
CA CYS B 472 35.89 -25.89 8.34
C CYS B 472 35.18 -26.57 9.50
N ARG B 473 34.87 -25.79 10.54
CA ARG B 473 34.09 -26.27 11.66
C ARG B 473 32.63 -25.94 11.43
N ILE B 474 31.77 -26.94 11.57
CA ILE B 474 30.35 -26.78 11.30
C ILE B 474 29.64 -26.47 12.61
N TYR B 475 29.00 -25.32 12.66
CA TYR B 475 28.11 -24.98 13.76
C TYR B 475 26.83 -25.80 13.61
N ALA B 476 26.62 -26.75 14.51
CA ALA B 476 25.65 -27.82 14.31
C ALA B 476 24.54 -27.73 15.34
N PRO B 477 23.37 -27.22 14.97
CA PRO B 477 22.25 -27.19 15.91
C PRO B 477 21.76 -28.59 16.22
N VAL B 478 21.34 -28.75 17.48
CA VAL B 478 20.87 -30.03 17.98
C VAL B 478 19.60 -29.76 18.76
N GLY B 479 18.49 -30.32 18.34
CA GLY B 479 17.28 -30.09 19.10
C GLY B 479 16.06 -30.62 18.38
N THR B 480 14.96 -30.58 19.12
CA THR B 480 13.64 -30.98 18.65
C THR B 480 13.06 -29.90 17.74
N HIS B 481 11.96 -30.28 17.06
CA HIS B 481 11.26 -29.32 16.21
C HIS B 481 10.91 -28.05 16.96
N GLU B 482 10.43 -28.18 18.20
CA GLU B 482 9.98 -27.01 18.94
C GLU B 482 11.12 -26.04 19.24
N THR B 483 12.24 -26.55 19.75
CA THR B 483 13.35 -25.66 20.10
C THR B 483 13.99 -25.08 18.86
N LEU B 484 13.95 -25.82 17.76
CA LEU B 484 14.53 -25.34 16.51
C LEU B 484 13.72 -24.19 15.95
N LEU B 485 12.40 -24.29 15.99
CA LEU B 485 11.53 -23.27 15.42
C LEU B 485 11.53 -21.98 16.21
N ALA B 486 11.94 -22.03 17.49
CA ALA B 486 11.79 -20.86 18.37
C ALA B 486 12.50 -19.64 17.80
N TYR B 487 13.67 -19.83 17.21
CA TYR B 487 14.44 -18.71 16.68
C TYR B 487 14.99 -19.00 15.28
N LEU B 488 14.43 -20.00 14.58
CA LEU B 488 14.90 -20.36 13.24
C LEU B 488 14.79 -19.20 12.26
N VAL B 489 13.82 -18.31 12.48
CA VAL B 489 13.66 -17.15 11.60
C VAL B 489 14.96 -16.36 11.50
N ARG B 490 15.64 -16.19 12.65
CA ARG B 490 16.90 -15.46 12.65
C ARG B 490 17.88 -16.03 11.65
N ARG B 491 17.93 -17.37 11.54
CA ARG B 491 18.81 -18.00 10.56
C ARG B 491 18.28 -17.85 9.13
N LEU B 492 16.97 -18.02 8.94
CA LEU B 492 16.40 -17.93 7.60
C LEU B 492 16.30 -16.49 7.11
N LEU B 493 16.08 -15.55 8.03
CA LEU B 493 16.00 -14.14 7.67
C LEU B 493 17.24 -13.72 6.90
N GLU B 494 18.40 -14.16 7.38
CA GLU B 494 19.67 -13.84 6.75
C GLU B 494 19.66 -14.20 5.26
N ASN B 495 19.14 -15.39 4.93
CA ASN B 495 19.19 -15.87 3.55
C ASN B 495 18.34 -15.03 2.60
N GLY B 496 17.30 -14.36 3.11
CA GLY B 496 16.39 -13.64 2.25
C GLY B 496 16.65 -12.17 2.03
N ALA B 497 17.69 -11.62 2.66
CA ALA B 497 17.97 -10.19 2.53
C ALA B 497 18.60 -9.88 1.17
N ASN B 498 18.20 -8.76 0.57
CA ASN B 498 18.69 -8.41 -0.75
C ASN B 498 20.21 -8.30 -0.78
N SER B 499 20.79 -7.76 0.29
CA SER B 499 22.24 -7.53 0.35
C SER B 499 23.03 -8.77 0.72
N SER B 500 22.37 -9.88 1.05
CA SER B 500 23.07 -11.04 1.56
C SER B 500 23.66 -11.86 0.41
N PHE B 501 24.80 -12.49 0.70
CA PHE B 501 25.47 -13.30 -0.32
C PHE B 501 24.60 -14.47 -0.77
N VAL B 502 23.96 -15.15 0.20
CA VAL B 502 23.13 -16.32 -0.14
C VAL B 502 22.02 -15.92 -1.10
N HIS B 503 21.34 -14.82 -0.81
CA HIS B 503 20.27 -14.36 -1.70
C HIS B 503 20.81 -13.92 -3.05
N ARG B 504 22.03 -13.37 -3.08
CA ARG B 504 22.56 -12.84 -4.32
C ARG B 504 23.08 -13.94 -5.24
N ILE B 505 23.64 -15.00 -4.67
CA ILE B 505 24.17 -16.06 -5.52
C ILE B 505 23.04 -16.91 -6.11
N ASN B 506 21.87 -16.88 -5.49
CA ASN B 506 20.68 -17.53 -6.05
C ASN B 506 19.85 -16.60 -6.90
N ASP B 507 20.37 -15.42 -7.23
CA ASP B 507 19.69 -14.46 -8.10
C ASP B 507 20.38 -14.47 -9.47
N PRO B 508 19.74 -15.01 -10.51
CA PRO B 508 20.39 -15.04 -11.83
C PRO B 508 20.72 -13.67 -12.38
N LYS B 509 19.99 -12.63 -11.95
CA LYS B 509 20.28 -11.28 -12.40
C LYS B 509 21.62 -10.76 -11.87
N VAL B 510 22.18 -11.40 -10.86
CA VAL B 510 23.43 -10.96 -10.25
C VAL B 510 24.58 -11.73 -10.88
N SER B 511 25.54 -11.00 -11.45
CA SER B 511 26.66 -11.63 -12.13
C SER B 511 27.72 -12.08 -11.14
N ILE B 512 28.55 -13.02 -11.59
CA ILE B 512 29.66 -13.47 -10.75
C ILE B 512 30.68 -12.35 -10.61
N ASP B 513 30.82 -11.49 -11.63
CA ASP B 513 31.62 -10.27 -11.48
C ASP B 513 31.14 -9.45 -10.30
N GLU B 514 29.83 -9.23 -10.20
CA GLU B 514 29.28 -8.47 -9.07
C GLU B 514 29.56 -9.17 -7.75
N LEU B 515 29.50 -10.51 -7.73
CA LEU B 515 29.66 -11.24 -6.48
C LEU B 515 31.12 -11.24 -6.01
N ILE B 516 32.07 -11.13 -6.93
CA ILE B 516 33.49 -11.10 -6.55
C ILE B 516 34.01 -9.67 -6.40
N ALA B 517 33.15 -8.67 -6.55
CA ALA B 517 33.54 -7.29 -6.29
C ALA B 517 34.17 -7.17 -4.91
N ASP B 518 35.27 -6.43 -4.84
CA ASP B 518 36.02 -6.24 -3.61
C ASP B 518 35.37 -5.14 -2.80
N PRO B 519 34.74 -5.44 -1.66
CA PRO B 519 34.09 -4.39 -0.88
C PRO B 519 35.06 -3.33 -0.39
N VAL B 520 36.32 -3.70 -0.16
CA VAL B 520 37.30 -2.75 0.33
C VAL B 520 37.53 -1.64 -0.68
N GLU B 521 37.67 -2.01 -1.96
CA GLU B 521 37.89 -1.01 -3.00
C GLU B 521 36.61 -0.22 -3.30
N VAL B 522 35.45 -0.86 -3.20
CA VAL B 522 34.20 -0.13 -3.37
C VAL B 522 34.07 0.95 -2.30
N VAL B 523 34.31 0.59 -1.05
CA VAL B 523 34.21 1.57 0.04
C VAL B 523 35.26 2.67 -0.14
N ARG B 524 36.49 2.28 -0.50
CA ARG B 524 37.58 3.24 -0.59
C ARG B 524 37.25 4.36 -1.57
N ALA B 525 36.54 4.03 -2.65
CA ALA B 525 36.27 4.96 -3.73
C ALA B 525 34.98 5.75 -3.56
N MET B 526 34.25 5.52 -2.47
CA MET B 526 33.05 6.30 -2.21
C MET B 526 33.40 7.78 -2.00
N PRO B 527 32.51 8.70 -2.42
CA PRO B 527 32.81 10.13 -2.21
C PRO B 527 33.03 10.47 -0.74
N VAL B 528 32.24 9.88 0.14
CA VAL B 528 32.39 10.02 1.58
C VAL B 528 32.57 8.62 2.15
N VAL B 529 33.81 8.29 2.52
CA VAL B 529 34.09 6.95 3.02
C VAL B 529 33.28 6.71 4.29
N GLY B 530 32.51 5.62 4.29
CA GLY B 530 31.78 5.20 5.46
C GLY B 530 30.53 5.97 5.77
N ALA B 531 29.90 6.61 4.79
CA ALA B 531 28.64 7.30 5.07
C ALA B 531 27.56 6.31 5.50
N LYS B 532 26.71 6.77 6.41
CA LYS B 532 25.55 6.00 6.84
C LYS B 532 24.68 5.64 5.65
N HIS B 533 24.00 4.50 5.73
CA HIS B 533 22.99 4.16 4.73
C HIS B 533 22.01 5.30 4.55
N ASP B 534 21.73 5.65 3.28
CA ASP B 534 20.83 6.77 3.00
C ASP B 534 19.42 6.53 3.49
N ARG B 535 19.01 5.28 3.65
CA ARG B 535 17.63 4.94 3.95
C ARG B 535 17.42 4.49 5.38
N ILE B 536 18.41 4.67 6.26
CA ILE B 536 18.28 4.33 7.66
C ILE B 536 18.51 5.60 8.47
N ALA B 537 17.51 6.01 9.24
CA ALA B 537 17.62 7.27 9.96
C ALA B 537 18.40 7.06 11.25
N LEU B 538 19.34 7.98 11.53
CA LEU B 538 19.88 8.07 12.89
C LEU B 538 18.73 8.25 13.86
N PRO B 539 18.86 7.76 15.08
CA PRO B 539 17.75 7.94 16.04
C PRO B 539 17.32 9.39 16.17
N ALA B 540 18.26 10.33 16.15
CA ALA B 540 17.91 11.74 16.27
C ALA B 540 17.05 12.21 15.10
N GLU B 541 17.07 11.51 13.97
CA GLU B 541 16.50 12.01 12.74
C GLU B 541 15.25 11.24 12.31
N LEU B 542 14.63 10.50 13.23
CA LEU B 542 13.43 9.73 12.89
C LEU B 542 12.32 10.58 12.27
N PHE B 543 12.24 11.85 12.65
CA PHE B 543 11.16 12.73 12.19
C PHE B 543 11.63 13.69 11.11
N GLY B 544 12.84 13.50 10.60
CA GLY B 544 13.32 14.30 9.48
C GLY B 544 13.31 15.78 9.81
N ASP B 545 12.84 16.58 8.86
CA ASP B 545 12.87 18.04 8.99
C ASP B 545 11.84 18.56 9.99
N ALA B 546 10.89 17.73 10.42
CA ALA B 546 9.84 18.22 11.31
C ALA B 546 10.40 18.62 12.66
N ARG B 547 11.27 17.80 13.24
CA ARG B 547 11.80 18.08 14.56
C ARG B 547 12.90 17.07 14.87
N THR B 548 13.68 17.39 15.89
CA THR B 548 14.76 16.54 16.35
C THR B 548 14.22 15.61 17.43
N ASN B 549 14.43 14.30 17.25
CA ASN B 549 14.01 13.34 18.25
C ASN B 549 14.76 13.57 19.55
N SER B 550 14.07 13.38 20.67
CA SER B 550 14.78 13.40 21.94
C SER B 550 15.83 12.30 21.98
N ALA B 551 16.90 12.54 22.72
CA ALA B 551 17.96 11.56 22.91
C ALA B 551 17.87 10.94 24.29
N GLY B 552 18.17 9.66 24.37
CA GLY B 552 18.26 8.96 25.62
C GLY B 552 19.70 8.86 26.10
N LEU B 553 19.94 7.90 26.98
CA LEU B 553 21.26 7.62 27.52
C LEU B 553 21.44 6.12 27.53
N ASP B 554 22.63 5.65 27.18
CA ASP B 554 22.90 4.22 27.04
C ASP B 554 23.38 3.66 28.38
N LEU B 555 22.50 2.99 29.10
CA LEU B 555 22.85 2.45 30.42
C LEU B 555 23.66 1.15 30.31
N SER B 556 24.10 0.77 29.11
CA SER B 556 25.09 -0.29 28.96
C SER B 556 26.47 0.26 28.66
N ASN B 557 26.61 1.58 28.56
CA ASN B 557 27.87 2.22 28.25
C ASN B 557 28.55 2.62 29.56
N GLU B 558 29.74 2.08 29.82
CA GLU B 558 30.41 2.34 31.09
C GLU B 558 30.78 3.81 31.25
N GLU B 559 31.14 4.50 30.17
CA GLU B 559 31.41 5.92 30.30
C GLU B 559 30.14 6.64 30.73
N THR B 560 29.03 6.30 30.10
CA THR B 560 27.75 6.90 30.47
C THR B 560 27.40 6.60 31.92
N LEU B 561 27.59 5.35 32.34
CA LEU B 561 27.24 5.00 33.72
C LEU B 561 28.12 5.75 34.71
N ALA B 562 29.39 5.94 34.38
CA ALA B 562 30.28 6.64 35.30
C ALA B 562 29.94 8.12 35.38
N SER B 563 29.66 8.76 34.24
CA SER B 563 29.31 10.18 34.29
C SER B 563 27.92 10.37 34.88
N LEU B 564 26.98 9.48 34.54
CA LEU B 564 25.65 9.55 35.15
C LEU B 564 25.72 9.38 36.66
N THR B 565 26.50 8.39 37.14
CA THR B 565 26.68 8.24 38.58
C THR B 565 27.05 9.56 39.23
N GLU B 566 28.02 10.27 38.65
CA GLU B 566 28.46 11.52 39.27
C GLU B 566 27.38 12.58 39.19
N ALA B 567 26.70 12.69 38.06
CA ALA B 567 25.62 13.67 37.94
C ALA B 567 24.49 13.35 38.90
N LEU B 568 24.20 12.07 39.10
CA LEU B 568 23.12 11.68 40.01
C LEU B 568 23.48 12.01 41.46
N ARG B 569 24.69 11.65 41.88
CA ARG B 569 25.16 12.02 43.21
C ARG B 569 25.09 13.52 43.41
N GLU B 570 25.56 14.28 42.42
CA GLU B 570 25.57 15.72 42.54
C GLU B 570 24.14 16.25 42.63
N SER B 571 23.21 15.62 41.92
CA SER B 571 21.82 16.05 41.97
C SER B 571 21.26 15.93 43.36
N ALA B 572 21.70 14.91 44.10
CA ALA B 572 21.19 14.74 45.46
C ALA B 572 21.77 15.76 46.43
N ALA B 573 22.87 16.42 46.08
CA ALA B 573 23.42 17.46 46.95
C ALA B 573 22.79 18.84 46.73
N MET B 574 21.99 19.00 45.69
CA MET B 574 21.38 20.28 45.41
C MET B 574 20.23 20.56 46.36
N LYS B 575 20.01 21.83 46.65
CA LYS B 575 18.83 22.24 47.42
C LYS B 575 17.65 22.38 46.46
N TRP B 576 16.77 21.38 46.47
CA TRP B 576 15.60 21.37 45.61
C TRP B 576 14.42 21.97 46.34
N THR B 577 13.81 22.98 45.74
CA THR B 577 12.67 23.66 46.32
C THR B 577 11.59 23.80 45.26
N ALA B 578 10.37 24.00 45.75
CA ALA B 578 9.24 24.34 44.88
C ALA B 578 8.43 25.36 45.65
N LEU B 579 8.17 26.51 45.04
CA LEU B 579 7.51 27.63 45.67
C LEU B 579 6.34 28.07 44.82
N PRO B 580 5.37 28.78 45.40
CA PRO B 580 4.38 29.47 44.58
C PRO B 580 5.07 30.59 43.82
N GLN B 581 5.32 30.36 42.55
CA GLN B 581 6.07 31.29 41.70
C GLN B 581 5.04 32.11 40.94
N LEU B 582 4.66 33.24 41.51
CA LEU B 582 3.75 34.17 40.85
C LEU B 582 4.54 35.10 39.94
N ALA B 583 3.81 35.88 39.13
CA ALA B 583 4.47 36.77 38.17
C ALA B 583 5.33 37.80 38.88
N THR B 584 4.95 38.16 40.10
CA THR B 584 5.67 39.17 40.86
C THR B 584 6.75 38.57 41.75
N GLY B 585 6.96 37.25 41.69
CA GLY B 585 7.96 36.61 42.50
C GLY B 585 7.36 35.50 43.33
N PRO B 586 8.19 34.81 44.11
CA PRO B 586 7.68 33.71 44.94
C PRO B 586 6.88 34.23 46.11
N ALA B 587 5.81 33.52 46.42
CA ALA B 587 4.94 33.86 47.53
C ALA B 587 5.24 32.99 48.74
N ALA B 588 4.97 33.54 49.92
CA ALA B 588 5.05 32.77 51.15
C ALA B 588 3.92 31.75 51.22
N GLY B 589 4.16 30.70 51.98
CA GLY B 589 3.14 29.68 52.17
C GLY B 589 3.58 28.64 53.17
N GLU B 590 2.74 27.61 53.31
CA GLU B 590 3.04 26.50 54.21
C GLU B 590 4.08 25.59 53.58
N THR B 591 5.15 25.31 54.32
CA THR B 591 6.28 24.56 53.78
C THR B 591 6.39 23.20 54.46
N ARG B 592 6.71 22.17 53.68
CA ARG B 592 6.99 20.85 54.20
C ARG B 592 8.08 20.20 53.35
N THR B 593 8.63 19.10 53.87
CA THR B 593 9.63 18.35 53.14
C THR B 593 8.98 17.43 52.12
N VAL B 594 9.76 17.11 51.10
CA VAL B 594 9.42 16.11 50.09
C VAL B 594 10.34 14.94 50.32
N LEU B 595 9.76 13.76 50.58
CA LEU B 595 10.53 12.58 50.96
C LEU B 595 10.51 11.55 49.83
N ASN B 596 11.62 10.84 49.70
CA ASN B 596 11.74 9.75 48.74
C ASN B 596 10.71 8.69 49.06
N PRO B 597 9.78 8.36 48.15
CA PRO B 597 8.78 7.33 48.48
C PRO B 597 9.38 5.97 48.74
N GLY B 598 10.58 5.70 48.23
CA GLY B 598 11.24 4.44 48.51
C GLY B 598 12.06 4.42 49.77
N ASP B 599 12.20 5.56 50.44
CA ASP B 599 12.95 5.64 51.69
C ASP B 599 12.67 7.00 52.29
N HIS B 600 11.74 7.07 53.24
CA HIS B 600 11.34 8.35 53.79
C HIS B 600 12.46 9.05 54.56
N ARG B 601 13.56 8.34 54.84
CA ARG B 601 14.70 8.98 55.47
C ARG B 601 15.44 9.87 54.50
N ASP B 602 15.20 9.70 53.19
CA ASP B 602 15.89 10.45 52.15
C ASP B 602 15.06 11.68 51.84
N VAL B 603 15.46 12.83 52.38
CA VAL B 603 14.76 14.08 52.11
C VAL B 603 15.21 14.59 50.75
N VAL B 604 14.25 14.71 49.83
CA VAL B 604 14.60 15.17 48.48
C VAL B 604 14.61 16.68 48.41
N GLY B 605 13.68 17.34 49.09
CA GLY B 605 13.65 18.79 49.01
C GLY B 605 12.50 19.33 49.81
N SER B 606 12.10 20.55 49.48
CA SER B 606 11.08 21.26 50.27
C SER B 606 10.10 21.93 49.31
N VAL B 607 8.82 21.90 49.67
CA VAL B 607 7.79 22.53 48.89
C VAL B 607 7.05 23.54 49.76
N THR B 608 6.86 24.74 49.23
CA THR B 608 6.01 25.75 49.83
C THR B 608 4.72 25.79 49.02
N GLU B 609 3.60 25.51 49.66
CA GLU B 609 2.36 25.34 48.93
C GLU B 609 1.57 26.65 48.91
N THR B 610 0.69 26.75 47.92
CA THR B 610 0.03 28.00 47.55
C THR B 610 -1.24 28.19 48.36
N SER B 611 -1.43 29.38 48.92
CA SER B 611 -2.72 29.68 49.52
C SER B 611 -3.76 29.85 48.42
N GLU B 612 -5.02 29.56 48.76
CA GLU B 612 -6.09 29.78 47.80
C GLU B 612 -6.16 31.23 47.35
N GLU B 613 -5.84 32.16 48.27
CA GLU B 613 -5.82 33.57 47.88
C GLU B 613 -4.74 33.84 46.83
N ASP B 614 -3.56 33.25 46.99
CA ASP B 614 -2.51 33.47 46.00
C ASP B 614 -2.80 32.74 44.71
N ALA B 615 -3.51 31.62 44.78
CA ALA B 615 -3.98 30.96 43.56
C ALA B 615 -4.85 31.91 42.75
N ARG B 616 -5.79 32.58 43.41
CA ARG B 616 -6.64 33.54 42.70
C ARG B 616 -5.83 34.72 42.22
N ARG B 617 -4.88 35.19 43.03
CA ARG B 617 -4.04 36.30 42.59
C ARG B 617 -3.28 35.94 41.33
N ALA B 618 -2.76 34.71 41.27
CA ALA B 618 -2.01 34.26 40.09
C ALA B 618 -2.88 34.32 38.83
N VAL B 619 -4.14 33.88 38.94
CA VAL B 619 -5.01 33.91 37.77
C VAL B 619 -5.23 35.34 37.32
N ARG B 620 -5.36 36.27 38.27
CA ARG B 620 -5.50 37.67 37.90
C ARG B 620 -4.25 38.18 37.20
N LEU B 621 -3.07 37.83 37.73
CA LEU B 621 -1.82 38.22 37.09
C LEU B 621 -1.71 37.63 35.69
N ALA B 622 -2.17 36.39 35.52
CA ALA B 622 -2.17 35.77 34.19
C ALA B 622 -3.09 36.54 33.24
N ALA B 623 -4.28 36.90 33.71
CA ALA B 623 -5.20 37.66 32.88
C ALA B 623 -4.58 38.98 32.46
N ASP B 624 -3.93 39.67 33.41
CA ASP B 624 -3.33 40.96 33.12
C ASP B 624 -2.32 40.85 31.98
N ALA B 625 -1.53 39.78 31.98
CA ALA B 625 -0.46 39.61 31.02
C ALA B 625 -0.88 38.83 29.79
N ALA B 626 -2.12 38.35 29.73
CA ALA B 626 -2.53 37.56 28.59
C ALA B 626 -2.34 38.28 27.25
N PRO B 627 -2.67 39.56 27.09
CA PRO B 627 -2.43 40.18 25.77
C PRO B 627 -0.96 40.23 25.38
N ASP B 628 -0.05 40.49 26.32
CA ASP B 628 1.36 40.56 25.97
C ASP B 628 1.89 39.22 25.48
N TRP B 629 1.45 38.12 26.11
CA TRP B 629 1.94 36.82 25.67
C TRP B 629 1.30 36.41 24.35
N ALA B 630 0.00 36.72 24.18
CA ALA B 630 -0.65 36.43 22.90
C ALA B 630 0.06 37.14 21.75
N ALA B 631 0.63 38.32 22.02
CA ALA B 631 1.27 39.09 20.97
C ALA B 631 2.68 38.60 20.62
N VAL B 632 3.24 37.67 21.39
CA VAL B 632 4.50 37.06 20.99
C VAL B 632 4.17 36.15 19.82
N PRO B 633 4.81 36.31 18.66
CA PRO B 633 4.43 35.53 17.47
C PRO B 633 4.53 34.04 17.75
N PRO B 634 3.61 33.26 17.19
CA PRO B 634 3.67 31.80 17.39
C PRO B 634 5.03 31.19 17.13
N SER B 635 5.74 31.62 16.07
CA SER B 635 7.06 31.06 15.82
C SER B 635 8.01 31.33 16.96
N GLU B 636 7.88 32.49 17.61
CA GLU B 636 8.77 32.80 18.72
C GLU B 636 8.34 32.09 19.99
N ARG B 637 7.03 31.91 20.20
CA ARG B 637 6.61 31.07 21.30
C ARG B 637 7.12 29.65 21.11
N ALA B 638 7.08 29.15 19.86
CA ALA B 638 7.61 27.83 19.57
C ALA B 638 9.11 27.77 19.82
N ALA B 639 9.84 28.85 19.49
CA ALA B 639 11.27 28.87 19.73
C ALA B 639 11.58 28.75 21.22
N CYS B 640 10.72 29.31 22.09
CA CYS B 640 10.88 29.11 23.52
C CYS B 640 10.77 27.63 23.87
N LEU B 641 9.79 26.95 23.29
CA LEU B 641 9.64 25.53 23.56
C LEU B 641 10.86 24.76 23.11
N ASP B 642 11.38 25.09 21.92
CA ASP B 642 12.56 24.37 21.43
C ASP B 642 13.77 24.64 22.32
N ARG B 643 13.90 25.87 22.82
CA ARG B 643 15.01 26.16 23.72
C ARG B 643 14.88 25.38 25.01
N ALA B 644 13.66 25.29 25.53
CA ALA B 644 13.45 24.53 26.76
C ALA B 644 13.81 23.07 26.55
N ALA B 645 13.50 22.53 25.36
CA ALA B 645 13.85 21.14 25.07
C ALA B 645 15.35 20.94 25.05
N GLU B 646 16.09 21.89 24.45
CA GLU B 646 17.55 21.82 24.46
C GLU B 646 18.08 21.80 25.89
N LEU B 647 17.49 22.61 26.77
CA LEU B 647 17.94 22.64 28.15
C LEU B 647 17.63 21.34 28.87
N MET B 648 16.42 20.79 28.68
CA MET B 648 16.10 19.53 29.32
C MET B 648 16.99 18.40 28.79
N GLN B 649 17.31 18.44 27.50
CA GLN B 649 18.22 17.43 26.94
C GLN B 649 19.60 17.51 27.60
N ALA B 650 20.15 18.72 27.70
CA ALA B 650 21.48 18.88 28.25
C ALA B 650 21.53 18.58 29.73
N ARG B 651 20.43 18.83 30.43
CA ARG B 651 20.36 18.62 31.87
C ARG B 651 19.68 17.31 32.23
N MET B 652 19.43 16.44 31.26
CA MET B 652 18.76 15.18 31.54
C MET B 652 19.40 14.40 32.71
N PRO B 653 20.72 14.29 32.84
CA PRO B 653 21.25 13.51 33.98
C PRO B 653 20.80 14.04 35.32
N THR B 654 20.81 15.37 35.50
CA THR B 654 20.34 15.96 36.74
C THR B 654 18.83 15.78 36.91
N LEU B 655 18.05 16.00 35.85
CA LEU B 655 16.61 15.79 35.96
C LEU B 655 16.29 14.35 36.30
N LEU B 656 17.03 13.40 35.73
CA LEU B 656 16.85 11.98 36.06
C LEU B 656 16.98 11.76 37.55
N GLY B 657 18.04 12.30 38.14
CA GLY B 657 18.27 12.09 39.56
C GLY B 657 17.12 12.58 40.42
N LEU B 658 16.56 13.74 40.07
CA LEU B 658 15.44 14.23 40.85
C LEU B 658 14.22 13.34 40.67
N ILE B 659 13.94 12.94 39.43
CA ILE B 659 12.76 12.12 39.18
C ILE B 659 12.89 10.78 39.88
N ILE B 660 14.09 10.19 39.85
CA ILE B 660 14.31 8.91 40.52
C ILE B 660 13.95 9.00 42.00
N ARG B 661 14.41 10.06 42.66
CA ARG B 661 14.24 10.16 44.10
C ARG B 661 12.89 10.75 44.50
N GLU B 662 12.31 11.62 43.68
CA GLU B 662 11.05 12.23 44.09
C GLU B 662 9.87 11.35 43.74
N ALA B 663 9.93 10.64 42.61
CA ALA B 663 8.75 9.96 42.12
C ALA B 663 8.89 8.43 42.06
N GLY B 664 9.93 7.87 42.67
CA GLY B 664 10.07 6.41 42.68
C GLY B 664 10.38 5.77 41.34
N LYS B 665 10.99 6.52 40.43
CA LYS B 665 11.24 5.98 39.10
C LYS B 665 12.61 5.34 39.01
N SER B 666 12.71 4.28 38.21
CA SER B 666 14.02 3.76 37.86
C SER B 666 14.69 4.70 36.87
N ALA B 667 16.00 4.48 36.68
CA ALA B 667 16.76 5.29 35.73
C ALA B 667 16.16 5.20 34.32
N LEU B 668 15.82 3.98 33.87
CA LEU B 668 15.26 3.85 32.52
C LEU B 668 13.96 4.62 32.39
N ASN B 669 13.11 4.54 33.41
CA ASN B 669 11.83 5.23 33.32
C ASN B 669 11.99 6.72 33.49
N ALA B 670 12.99 7.15 34.26
CA ALA B 670 13.26 8.58 34.35
C ALA B 670 13.79 9.14 33.03
N ILE B 671 14.64 8.38 32.34
CA ILE B 671 15.07 8.77 30.99
C ILE B 671 13.87 8.93 30.08
N ALA B 672 12.98 7.93 30.05
CA ALA B 672 11.79 8.01 29.22
C ALA B 672 10.95 9.24 29.57
N GLU B 673 10.84 9.52 30.87
CA GLU B 673 10.09 10.68 31.33
C GLU B 673 10.66 11.99 30.75
N VAL B 674 11.96 12.19 30.88
CA VAL B 674 12.56 13.43 30.37
C VAL B 674 12.49 13.47 28.85
N ARG B 675 12.75 12.34 28.17
CA ARG B 675 12.62 12.32 26.72
C ARG B 675 11.22 12.74 26.28
N GLU B 676 10.19 12.25 26.97
CA GLU B 676 8.81 12.58 26.58
C GLU B 676 8.55 14.07 26.74
N ALA B 677 9.05 14.67 27.83
CA ALA B 677 8.91 16.12 28.00
C ALA B 677 9.57 16.86 26.83
N ILE B 678 10.80 16.47 26.47
CA ILE B 678 11.50 17.07 25.33
C ILE B 678 10.67 16.90 24.06
N ASP B 679 10.13 15.70 23.85
CA ASP B 679 9.35 15.45 22.64
C ASP B 679 8.08 16.30 22.63
N PHE B 680 7.38 16.42 23.76
CA PHE B 680 6.23 17.31 23.80
C PHE B 680 6.63 18.73 23.37
N LEU B 681 7.69 19.25 23.97
CA LEU B 681 8.13 20.61 23.64
C LEU B 681 8.38 20.76 22.15
N ARG B 682 9.16 19.85 21.57
CA ARG B 682 9.50 20.00 20.16
C ARG B 682 8.33 19.71 19.25
N TYR B 683 7.46 18.78 19.63
CA TYR B 683 6.29 18.48 18.82
C TYR B 683 5.30 19.64 18.80
N TYR B 684 4.97 20.19 19.98
CA TYR B 684 4.02 21.29 19.97
C TYR B 684 4.63 22.53 19.31
N ALA B 685 5.96 22.69 19.38
CA ALA B 685 6.61 23.77 18.65
C ALA B 685 6.42 23.59 17.16
N GLU B 686 6.71 22.39 16.65
CA GLU B 686 6.54 22.17 15.21
C GLU B 686 5.08 22.27 14.80
N GLN B 687 4.16 21.70 15.59
CA GLN B 687 2.76 21.79 15.22
C GLN B 687 2.31 23.24 15.18
N THR B 688 2.84 24.06 16.10
CA THR B 688 2.57 25.49 16.05
C THR B 688 3.07 26.11 14.75
N ARG B 689 4.32 25.82 14.39
CA ARG B 689 4.87 26.37 13.16
C ARG B 689 4.08 25.94 11.93
N ARG B 690 3.42 24.79 11.99
CA ARG B 690 2.63 24.32 10.87
CA ARG B 690 2.61 24.30 10.87
C ARG B 690 1.23 24.93 10.81
N THR B 691 0.74 25.53 11.90
CA THR B 691 -0.68 25.87 11.92
C THR B 691 -1.03 27.29 12.36
N LEU B 692 -0.47 27.80 13.44
CA LEU B 692 -1.09 28.94 14.11
C LEU B 692 -0.84 30.25 13.38
N GLY B 693 -1.93 31.00 13.15
CA GLY B 693 -1.89 32.28 12.51
C GLY B 693 -2.69 33.28 13.30
N PRO B 694 -2.84 34.49 12.74
CA PRO B 694 -3.43 35.59 13.53
C PRO B 694 -4.87 35.33 13.94
N GLY B 695 -5.65 34.59 13.14
CA GLY B 695 -7.03 34.30 13.50
C GLY B 695 -7.23 33.19 14.49
N HIS B 696 -6.15 32.58 14.99
CA HIS B 696 -6.24 31.52 15.99
C HIS B 696 -5.91 32.11 17.36
N GLY B 697 -6.86 32.87 17.88
CA GLY B 697 -6.67 33.59 19.12
C GLY B 697 -6.62 32.66 20.31
N PRO B 698 -5.85 33.03 21.34
CA PRO B 698 -5.79 32.20 22.53
C PRO B 698 -7.06 32.28 23.34
N LEU B 699 -7.25 31.27 24.20
CA LEU B 699 -8.36 31.29 25.14
C LEU B 699 -8.16 32.36 26.20
N GLY B 700 -6.94 32.45 26.73
CA GLY B 700 -6.67 33.27 27.90
C GLY B 700 -6.00 32.39 28.94
N PRO B 701 -6.02 32.79 30.21
CA PRO B 701 -5.33 32.00 31.23
C PRO B 701 -5.82 30.55 31.25
N ILE B 702 -4.89 29.62 31.16
CA ILE B 702 -5.21 28.19 31.20
CA ILE B 702 -5.19 28.18 31.19
C ILE B 702 -4.63 27.59 32.48
N VAL B 703 -5.46 26.84 33.19
CA VAL B 703 -5.03 26.15 34.39
C VAL B 703 -4.63 24.75 33.98
N CYS B 704 -3.39 24.38 34.27
CA CYS B 704 -2.85 23.08 33.91
C CYS B 704 -2.65 22.30 35.19
N ILE B 705 -3.41 21.21 35.35
CA ILE B 705 -3.40 20.39 36.55
C ILE B 705 -2.93 19.00 36.12
N SER B 706 -1.87 18.51 36.77
CA SER B 706 -1.15 17.36 36.28
C SER B 706 -1.04 16.28 37.36
N PRO B 707 -0.88 15.03 36.96
CA PRO B 707 -0.80 13.91 37.91
C PRO B 707 0.64 13.73 38.41
N TRP B 708 0.77 12.96 39.49
CA TRP B 708 2.10 12.73 40.03
C TRP B 708 2.90 11.72 39.20
N ASN B 709 2.24 10.82 38.46
CA ASN B 709 2.93 9.61 38.03
C ASN B 709 3.82 9.83 36.82
N PHE B 710 3.54 10.85 36.01
CA PHE B 710 4.44 11.32 34.96
C PHE B 710 4.74 12.78 35.31
N PRO B 711 5.58 13.00 36.33
CA PRO B 711 5.63 14.31 36.99
C PRO B 711 6.37 15.38 36.20
N LEU B 712 7.12 15.02 35.17
CA LEU B 712 7.69 16.00 34.25
C LEU B 712 7.04 15.97 32.89
N ALA B 713 6.75 14.78 32.35
CA ALA B 713 6.33 14.66 30.96
C ALA B 713 4.94 15.26 30.75
N ILE B 714 3.93 14.80 31.49
CA ILE B 714 2.59 15.33 31.29
C ILE B 714 2.53 16.77 31.80
N PHE B 715 3.20 17.04 32.92
CA PHE B 715 3.32 18.41 33.40
C PHE B 715 3.79 19.34 32.30
N THR B 716 4.88 18.98 31.63
CA THR B 716 5.46 19.82 30.58
C THR B 716 4.58 19.85 29.34
N GLY B 717 4.05 18.69 28.95
CA GLY B 717 3.19 18.64 27.76
C GLY B 717 2.02 19.61 27.83
N GLN B 718 1.28 19.59 28.94
CA GLN B 718 0.09 20.43 29.00
C GLN B 718 0.48 21.90 28.96
N ILE B 719 1.47 22.25 29.77
CA ILE B 719 1.92 23.63 29.87
C ILE B 719 2.47 24.13 28.54
N ALA B 720 3.29 23.30 27.88
CA ALA B 720 3.91 23.71 26.63
C ALA B 720 2.85 23.99 25.58
N ALA B 721 1.85 23.13 25.49
CA ALA B 721 0.81 23.28 24.49
C ALA B 721 0.00 24.56 24.76
N ALA B 722 -0.41 24.76 26.00
CA ALA B 722 -1.15 25.98 26.35
C ALA B 722 -0.32 27.22 26.04
N LEU B 723 0.96 27.22 26.44
CA LEU B 723 1.81 28.37 26.22
C LEU B 723 1.98 28.66 24.73
N VAL B 724 2.32 27.63 23.95
CA VAL B 724 2.64 27.90 22.56
C VAL B 724 1.39 28.28 21.77
N ALA B 725 0.22 27.87 22.24
CA ALA B 725 -1.03 28.36 21.66
C ALA B 725 -1.34 29.80 22.05
N GLY B 726 -0.51 30.45 22.87
CA GLY B 726 -0.66 31.86 23.16
C GLY B 726 -1.32 32.15 24.49
N ASN B 727 -1.46 31.14 25.37
CA ASN B 727 -2.17 31.29 26.64
C ASN B 727 -1.18 31.35 27.80
N PRO B 728 -1.31 32.30 28.71
CA PRO B 728 -0.55 32.23 29.95
C PRO B 728 -1.07 31.07 30.78
N VAL B 729 -0.19 30.49 31.57
CA VAL B 729 -0.46 29.22 32.24
C VAL B 729 -0.32 29.35 33.75
N LEU B 730 -1.28 28.77 34.46
CA LEU B 730 -1.19 28.52 35.89
C LEU B 730 -0.92 27.02 36.04
N ALA B 731 0.26 26.67 36.50
CA ALA B 731 0.69 25.27 36.52
C ALA B 731 0.56 24.75 37.95
N LYS B 732 -0.34 23.78 38.15
CA LYS B 732 -0.60 23.20 39.46
C LYS B 732 -0.16 21.74 39.43
N PRO B 733 1.06 21.44 39.85
CA PRO B 733 1.54 20.06 39.84
C PRO B 733 0.91 19.27 40.98
N ALA B 734 0.93 17.95 40.82
CA ALA B 734 0.46 17.08 41.88
C ALA B 734 1.21 17.37 43.18
N GLU B 735 0.51 17.20 44.30
CA GLU B 735 1.12 17.49 45.60
C GLU B 735 2.29 16.56 45.89
N GLU B 736 2.30 15.37 45.30
CA GLU B 736 3.36 14.41 45.58
C GLU B 736 4.69 14.78 44.92
N THR B 737 4.64 15.49 43.80
CA THR B 737 5.84 15.65 42.95
C THR B 737 6.03 17.11 42.55
N PRO B 738 6.12 18.03 43.50
CA PRO B 738 6.31 19.45 43.13
C PRO B 738 7.72 19.79 42.68
N LEU B 739 8.74 19.03 43.08
CA LEU B 739 10.10 19.49 42.85
C LEU B 739 10.46 19.44 41.38
N ILE B 740 10.13 18.34 40.69
CA ILE B 740 10.48 18.27 39.28
C ILE B 740 9.63 19.24 38.48
N ALA B 741 8.40 19.50 38.95
CA ALA B 741 7.56 20.50 38.28
C ALA B 741 8.19 21.87 38.37
N ALA B 742 8.68 22.24 39.57
CA ALA B 742 9.35 23.52 39.74
C ALA B 742 10.55 23.65 38.83
N GLU B 743 11.28 22.55 38.65
CA GLU B 743 12.43 22.56 37.75
C GLU B 743 11.98 22.73 36.30
N GLY B 744 10.88 22.08 35.92
CA GLY B 744 10.35 22.30 34.59
C GLY B 744 10.01 23.76 34.35
N VAL B 745 9.41 24.41 35.36
CA VAL B 745 9.09 25.82 35.21
C VAL B 745 10.36 26.68 35.13
N ARG B 746 11.37 26.36 35.96
CA ARG B 746 12.65 27.06 35.85
C ARG B 746 13.17 27.01 34.43
N ILE B 747 13.11 25.82 33.82
CA ILE B 747 13.70 25.64 32.50
C ILE B 747 12.88 26.39 31.46
N LEU B 748 11.55 26.32 31.55
CA LEU B 748 10.74 27.05 30.59
C LEU B 748 10.94 28.56 30.72
N ARG B 749 11.07 29.06 31.95
CA ARG B 749 11.36 30.49 32.10
C ARG B 749 12.73 30.82 31.56
N GLU B 750 13.71 29.96 31.83
CA GLU B 750 15.06 30.22 31.32
C GLU B 750 15.04 30.26 29.80
N ALA B 751 14.17 29.46 29.19
CA ALA B 751 14.09 29.37 27.74
C ALA B 751 13.33 30.54 27.12
N GLY B 752 12.76 31.42 27.93
CA GLY B 752 12.15 32.63 27.41
C GLY B 752 10.68 32.78 27.74
N ILE B 753 10.05 31.83 28.42
CA ILE B 753 8.66 32.05 28.82
C ILE B 753 8.63 33.09 29.93
N PRO B 754 7.92 34.20 29.76
CA PRO B 754 7.93 35.24 30.80
C PRO B 754 7.31 34.73 32.09
N ALA B 755 7.76 35.30 33.21
CA ALA B 755 7.19 34.91 34.50
C ALA B 755 5.68 35.14 34.54
N SER B 756 5.19 36.18 33.88
CA SER B 756 3.74 36.40 33.90
C SER B 756 3.00 35.40 33.05
N ALA B 757 3.67 34.74 32.12
CA ALA B 757 3.02 33.73 31.29
C ALA B 757 3.07 32.34 31.91
N LEU B 758 3.89 32.10 32.94
CA LEU B 758 4.00 30.75 33.48
C LEU B 758 4.24 30.87 34.98
N GLN B 759 3.20 30.61 35.76
CA GLN B 759 3.28 30.65 37.20
C GLN B 759 3.08 29.25 37.74
N LEU B 760 3.83 28.91 38.79
CA LEU B 760 3.79 27.61 39.44
C LEU B 760 3.07 27.74 40.76
N LEU B 761 2.00 26.96 40.96
CA LEU B 761 1.22 26.97 42.20
C LEU B 761 1.26 25.57 42.80
N PRO B 762 2.28 25.23 43.58
CA PRO B 762 2.28 23.92 44.24
C PRO B 762 1.17 23.83 45.27
N GLY B 763 0.72 22.62 45.51
CA GLY B 763 -0.24 22.37 46.56
C GLY B 763 -1.15 21.22 46.19
N ASP B 764 -2.17 21.02 47.01
CA ASP B 764 -3.01 19.85 46.83
C ASP B 764 -4.21 20.19 45.95
N GLY B 765 -5.24 19.35 46.01
CA GLY B 765 -6.40 19.54 45.16
C GLY B 765 -7.16 20.82 45.44
N ARG B 766 -7.07 21.35 46.67
CA ARG B 766 -7.72 22.62 46.96
C ARG B 766 -7.12 23.75 46.14
N VAL B 767 -5.81 23.67 45.88
CA VAL B 767 -5.18 24.69 45.05
C VAL B 767 -5.65 24.55 43.61
N GLY B 768 -5.71 23.30 43.11
CA GLY B 768 -6.28 23.09 41.78
C GLY B 768 -7.70 23.62 41.68
N ALA B 769 -8.52 23.32 42.68
CA ALA B 769 -9.92 23.75 42.63
C ALA B 769 -10.02 25.26 42.65
N ALA B 770 -9.20 25.92 43.47
CA ALA B 770 -9.22 27.38 43.52
C ALA B 770 -8.81 27.98 42.18
N LEU B 771 -7.85 27.36 41.49
CA LEU B 771 -7.47 27.86 40.17
C LEU B 771 -8.61 27.71 39.17
N VAL B 772 -9.23 26.53 39.15
CA VAL B 772 -10.31 26.25 38.23
C VAL B 772 -11.47 27.22 38.42
N ALA B 773 -11.79 27.54 39.68
CA ALA B 773 -12.94 28.38 39.98
C ALA B 773 -12.69 29.86 39.74
N ALA B 774 -11.45 30.27 39.55
CA ALA B 774 -11.11 31.69 39.44
C ALA B 774 -11.77 32.31 38.21
N ALA B 775 -12.18 33.58 38.37
CA ALA B 775 -13.05 34.22 37.38
C ALA B 775 -12.41 34.28 36.00
N GLU B 776 -11.11 34.50 35.93
CA GLU B 776 -10.46 34.73 34.64
C GLU B 776 -9.91 33.45 33.99
N THR B 777 -10.07 32.29 34.63
CA THR B 777 -9.66 31.05 34.02
C THR B 777 -10.46 30.80 32.76
N ALA B 778 -9.76 30.64 31.63
CA ALA B 778 -10.38 30.52 30.32
C ALA B 778 -10.30 29.10 29.74
N GLY B 779 -9.60 28.20 30.42
CA GLY B 779 -9.57 26.81 30.01
C GLY B 779 -8.83 26.02 31.05
N VAL B 780 -9.09 24.71 31.07
CA VAL B 780 -8.45 23.83 32.02
C VAL B 780 -7.94 22.61 31.28
N MET B 781 -6.68 22.27 31.52
CA MET B 781 -6.07 21.04 31.04
C MET B 781 -5.80 20.17 32.25
N PHE B 782 -6.52 19.07 32.33
CA PHE B 782 -6.47 18.18 33.47
C PHE B 782 -6.05 16.79 33.02
N THR B 783 -5.09 16.21 33.72
CA THR B 783 -4.78 14.80 33.59
C THR B 783 -4.72 14.23 34.99
N GLY B 784 -5.45 13.15 35.23
CA GLY B 784 -5.58 12.61 36.57
C GLY B 784 -6.75 11.65 36.63
N SER B 785 -7.26 11.45 37.84
CA SER B 785 -8.33 10.48 38.02
C SER B 785 -9.65 10.98 37.45
N THR B 786 -10.48 10.03 37.00
CA THR B 786 -11.80 10.38 36.49
C THR B 786 -12.63 11.09 37.56
N GLU B 787 -12.53 10.64 38.82
CA GLU B 787 -13.33 11.23 39.88
C GLU B 787 -13.02 12.72 40.06
N VAL B 788 -11.74 13.09 40.03
CA VAL B 788 -11.36 14.50 40.17
C VAL B 788 -11.78 15.28 38.95
N ALA B 789 -11.65 14.69 37.76
CA ALA B 789 -12.06 15.38 36.55
C ALA B 789 -13.52 15.78 36.62
N ARG B 790 -14.36 14.92 37.21
CA ARG B 790 -15.78 15.25 37.33
C ARG B 790 -16.00 16.46 38.20
N LEU B 791 -15.24 16.57 39.29
CA LEU B 791 -15.38 17.73 40.16
C LEU B 791 -15.01 19.00 39.40
N ILE B 792 -13.93 18.95 38.62
CA ILE B 792 -13.51 20.09 37.82
C ILE B 792 -14.58 20.44 36.80
N GLN B 793 -15.07 19.43 36.11
CA GLN B 793 -16.13 19.63 35.11
C GLN B 793 -17.33 20.33 35.74
N ALA B 794 -17.72 19.91 36.96
CA ALA B 794 -18.85 20.56 37.63
C ALA B 794 -18.57 22.03 37.92
N GLN B 795 -17.35 22.33 38.40
CA GLN B 795 -17.00 23.72 38.68
C GLN B 795 -17.14 24.57 37.42
N LEU B 796 -16.60 24.07 36.31
CA LEU B 796 -16.55 24.85 35.08
C LEU B 796 -17.94 25.06 34.49
N ALA B 797 -18.84 24.09 34.70
CA ALA B 797 -20.17 24.19 34.13
C ALA B 797 -20.97 25.33 34.74
N ASP B 798 -20.56 25.81 35.92
CA ASP B 798 -21.24 26.97 36.50
C ASP B 798 -20.87 28.27 35.81
N ARG B 799 -19.86 28.28 34.96
CA ARG B 799 -19.32 29.52 34.42
C ARG B 799 -19.34 29.51 32.90
N LEU B 800 -19.17 30.71 32.34
CA LEU B 800 -19.04 30.91 30.91
C LEU B 800 -17.90 31.88 30.66
N SER B 801 -17.33 31.80 29.47
CA SER B 801 -16.38 32.79 29.02
C SER B 801 -17.06 34.15 28.93
N PRO B 802 -16.28 35.23 28.86
CA PRO B 802 -16.89 36.55 28.60
C PRO B 802 -17.75 36.56 27.36
N ALA B 803 -17.42 35.76 26.34
CA ALA B 803 -18.23 35.60 25.15
C ALA B 803 -19.43 34.69 25.35
N GLY B 804 -19.66 34.19 26.56
CA GLY B 804 -20.82 33.37 26.81
C GLY B 804 -20.73 31.96 26.26
N ARG B 805 -19.55 31.37 26.28
CA ARG B 805 -19.36 30.01 25.79
C ARG B 805 -18.72 29.13 26.87
N PRO B 806 -18.87 27.81 26.76
CA PRO B 806 -18.31 26.95 27.81
C PRO B 806 -16.81 27.05 27.85
N ILE B 807 -16.26 26.98 29.06
CA ILE B 807 -14.83 26.97 29.31
C ILE B 807 -14.29 25.60 28.88
N PRO B 808 -13.35 25.54 27.93
CA PRO B 808 -12.86 24.23 27.47
C PRO B 808 -12.15 23.46 28.57
N LEU B 809 -12.41 22.17 28.62
CA LEU B 809 -11.75 21.26 29.54
C LEU B 809 -11.20 20.11 28.74
N ILE B 810 -9.89 19.88 28.82
CA ILE B 810 -9.30 18.63 28.35
C ILE B 810 -9.09 17.82 29.61
N ALA B 811 -9.73 16.65 29.68
CA ALA B 811 -9.69 15.84 30.89
C ALA B 811 -9.29 14.44 30.46
N GLU B 812 -8.05 14.08 30.70
CA GLU B 812 -7.46 12.82 30.30
C GLU B 812 -7.29 11.98 31.57
N THR B 813 -8.00 10.87 31.64
CA THR B 813 -8.30 10.25 32.93
C THR B 813 -7.87 8.78 32.91
N GLY B 814 -8.48 7.98 33.77
CA GLY B 814 -7.93 6.67 34.07
C GLY B 814 -8.20 5.63 33.00
N GLY B 815 -7.71 4.41 33.26
CA GLY B 815 -7.92 3.30 32.36
C GLY B 815 -8.18 2.03 33.15
N GLN B 816 -8.71 1.04 32.44
CA GLN B 816 -8.85 -0.33 32.97
C GLN B 816 -8.34 -1.26 31.88
N ASN B 817 -7.03 -1.23 31.64
CA ASN B 817 -6.47 -1.61 30.37
C ASN B 817 -6.24 -3.11 30.30
N ALA B 818 -6.67 -3.71 29.20
CA ALA B 818 -6.57 -5.15 29.00
C ALA B 818 -5.55 -5.49 27.95
N MET B 819 -5.04 -6.71 28.04
CA MET B 819 -4.27 -7.31 26.96
C MET B 819 -4.88 -8.68 26.71
N ILE B 820 -5.19 -8.97 25.46
CA ILE B 820 -5.73 -10.26 25.06
C ILE B 820 -4.62 -11.04 24.38
N VAL B 821 -4.42 -12.28 24.80
CA VAL B 821 -3.36 -13.15 24.33
C VAL B 821 -4.01 -14.44 23.86
N ASP B 822 -3.79 -14.82 22.61
CA ASP B 822 -4.33 -16.09 22.15
C ASP B 822 -3.21 -17.14 22.10
N SER B 823 -3.56 -18.35 21.66
CA SER B 823 -2.61 -19.45 21.70
C SER B 823 -1.55 -19.37 20.61
N SER B 824 -1.64 -18.40 19.70
CA SER B 824 -0.60 -18.25 18.70
C SER B 824 0.52 -17.34 19.17
N ALA B 825 0.31 -16.61 20.27
CA ALA B 825 1.31 -15.69 20.77
C ALA B 825 2.53 -16.44 21.30
N LEU B 826 3.68 -15.78 21.26
CA LEU B 826 4.91 -16.36 21.79
C LEU B 826 5.01 -16.01 23.27
N ALA B 827 5.02 -17.04 24.13
CA ALA B 827 4.89 -16.81 25.57
C ALA B 827 5.98 -15.88 26.09
N GLU B 828 7.22 -16.07 25.64
CA GLU B 828 8.30 -15.23 26.14
C GLU B 828 8.05 -13.76 25.83
N GLN B 829 7.55 -13.47 24.63
CA GLN B 829 7.22 -12.10 24.27
C GLN B 829 6.10 -11.56 25.14
N VAL B 830 5.04 -12.36 25.32
CA VAL B 830 3.93 -11.96 26.17
C VAL B 830 4.44 -11.61 27.56
N VAL B 831 5.25 -12.50 28.14
CA VAL B 831 5.67 -12.32 29.52
C VAL B 831 6.50 -11.05 29.66
N GLY B 832 7.42 -10.80 28.72
CA GLY B 832 8.20 -9.58 28.80
C GLY B 832 7.33 -8.34 28.68
N ASP B 833 6.34 -8.39 27.79
CA ASP B 833 5.47 -7.23 27.62
C ASP B 833 4.51 -7.06 28.79
N VAL B 834 4.12 -8.16 29.43
CA VAL B 834 3.27 -8.06 30.61
C VAL B 834 4.05 -7.47 31.77
N ILE B 835 5.26 -7.96 32.00
CA ILE B 835 6.07 -7.43 33.09
C ILE B 835 6.29 -5.93 32.91
N THR B 836 6.62 -5.52 31.69
CA THR B 836 6.77 -4.10 31.39
C THR B 836 5.46 -3.34 31.62
N SER B 837 4.37 -3.85 31.06
CA SER B 837 3.14 -3.07 31.06
C SER B 837 2.49 -3.04 32.43
N ALA B 838 2.55 -4.15 33.16
CA ALA B 838 1.83 -4.23 34.42
C ALA B 838 2.64 -3.76 35.62
N PHE B 839 3.96 -3.99 35.62
CA PHE B 839 4.72 -3.85 36.86
C PHE B 839 5.83 -2.81 36.80
N ASP B 840 6.30 -2.44 35.63
CA ASP B 840 7.17 -1.28 35.51
CA ASP B 840 7.17 -1.28 35.52
C ASP B 840 6.51 -0.08 36.19
N SER B 841 7.32 0.69 36.91
CA SER B 841 6.84 1.84 37.67
C SER B 841 5.80 1.42 38.70
N ALA B 842 5.90 0.17 39.15
CA ALA B 842 4.94 -0.44 40.07
C ALA B 842 3.50 -0.22 39.57
N GLY B 843 3.32 -0.32 38.25
CA GLY B 843 2.00 -0.19 37.68
C GLY B 843 1.41 1.19 37.78
N GLN B 844 2.22 2.19 38.09
CA GLN B 844 1.73 3.55 38.25
C GLN B 844 1.85 4.34 36.95
N ARG B 845 1.29 3.75 35.90
CA ARG B 845 1.06 4.42 34.63
C ARG B 845 -0.42 4.32 34.31
N CYS B 846 -1.01 5.41 33.81
CA CYS B 846 -2.38 5.31 33.35
C CYS B 846 -2.54 4.22 32.30
N SER B 847 -1.50 3.99 31.51
CA SER B 847 -1.47 2.99 30.44
C SER B 847 -1.22 1.56 30.94
N ALA B 848 -1.00 1.38 32.23
CA ALA B 848 -0.52 0.10 32.73
C ALA B 848 -1.52 -1.02 32.45
N LEU B 849 -0.97 -2.22 32.23
CA LEU B 849 -1.80 -3.39 32.03
C LEU B 849 -2.48 -3.79 33.34
N ARG B 850 -3.81 -3.82 33.32
CA ARG B 850 -4.60 -4.16 34.49
C ARG B 850 -5.24 -5.54 34.41
N VAL B 851 -5.59 -5.99 33.21
CA VAL B 851 -6.31 -7.25 33.03
C VAL B 851 -5.64 -8.02 31.92
N LEU B 852 -4.99 -9.12 32.26
CA LEU B 852 -4.35 -10.00 31.28
C LEU B 852 -5.34 -11.12 30.95
N CYS B 853 -5.75 -11.19 29.68
CA CYS B 853 -6.74 -12.17 29.21
C CYS B 853 -6.02 -13.24 28.39
N LEU B 854 -6.00 -14.46 28.92
CA LEU B 854 -5.21 -15.55 28.35
C LEU B 854 -6.15 -16.62 27.81
N GLN B 855 -5.92 -17.02 26.57
CA GLN B 855 -6.68 -18.14 26.02
C GLN B 855 -6.44 -19.36 26.91
N GLU B 856 -7.53 -20.07 27.20
CA GLU B 856 -7.52 -21.09 28.25
C GLU B 856 -6.40 -22.11 28.04
N ASP B 857 -6.14 -22.48 26.78
CA ASP B 857 -5.21 -23.56 26.48
C ASP B 857 -3.75 -23.18 26.76
N VAL B 858 -3.41 -21.91 26.80
CA VAL B 858 -2.05 -21.49 27.08
C VAL B 858 -1.92 -20.77 28.42
N ALA B 859 -3.03 -20.61 29.15
CA ALA B 859 -2.99 -19.76 30.34
C ALA B 859 -2.00 -20.28 31.38
N ASP B 860 -2.03 -21.59 31.65
CA ASP B 860 -1.17 -22.13 32.71
C ASP B 860 0.30 -21.95 32.38
N ARG B 861 0.71 -22.27 31.14
CA ARG B 861 2.12 -22.16 30.77
C ARG B 861 2.59 -20.71 30.79
N ILE B 862 1.73 -19.79 30.36
CA ILE B 862 2.12 -18.38 30.40
C ILE B 862 2.21 -17.90 31.84
N LEU B 863 1.27 -18.30 32.70
CA LEU B 863 1.31 -17.86 34.08
C LEU B 863 2.53 -18.43 34.80
N THR B 864 2.86 -19.68 34.56
CA THR B 864 4.09 -20.24 35.12
C THR B 864 5.29 -19.40 34.72
N MET B 865 5.40 -19.10 33.43
CA MET B 865 6.52 -18.31 32.94
C MET B 865 6.51 -16.91 33.54
N LEU B 866 5.33 -16.29 33.62
CA LEU B 866 5.23 -14.95 34.18
C LEU B 866 5.69 -14.93 35.62
N LYS B 867 5.25 -15.91 36.41
CA LYS B 867 5.62 -15.94 37.82
C LYS B 867 7.10 -16.19 37.98
N GLY B 868 7.68 -17.01 37.09
CA GLY B 868 9.12 -17.23 37.15
C GLY B 868 9.90 -15.97 36.83
N ALA B 869 9.46 -15.23 35.81
CA ALA B 869 10.10 -13.96 35.49
C ALA B 869 9.92 -12.95 36.61
N LEU B 870 8.75 -12.95 37.27
CA LEU B 870 8.53 -11.97 38.34
C LEU B 870 9.46 -12.24 39.52
N HIS B 871 9.81 -13.50 39.75
CA HIS B 871 10.70 -13.84 40.84
C HIS B 871 12.09 -13.25 40.64
N GLU B 872 12.43 -12.85 39.42
CA GLU B 872 13.76 -12.30 39.13
C GLU B 872 13.80 -10.79 39.24
N LEU B 873 12.69 -10.14 39.56
CA LEU B 873 12.67 -8.69 39.67
C LEU B 873 13.22 -8.23 41.01
N HIS B 874 13.88 -7.08 40.98
CA HIS B 874 14.45 -6.45 42.16
C HIS B 874 13.56 -5.26 42.51
N ILE B 875 12.94 -5.31 43.69
CA ILE B 875 12.06 -4.24 44.19
C ILE B 875 12.81 -3.46 45.26
N GLY B 876 12.88 -2.15 45.12
CA GLY B 876 13.53 -1.38 46.15
C GLY B 876 13.70 0.07 45.75
N ARG B 877 14.51 0.76 46.56
CA ARG B 877 14.80 2.15 46.30
C ARG B 877 15.49 2.27 44.95
N THR B 878 15.05 3.22 44.13
CA THR B 878 15.35 3.22 42.70
C THR B 878 16.68 3.87 42.33
N ASP B 879 17.50 4.25 43.31
CA ASP B 879 18.79 4.84 43.00
C ASP B 879 19.88 3.79 42.79
N ARG B 880 19.49 2.61 42.35
CA ARG B 880 20.40 1.54 41.94
C ARG B 880 19.94 1.04 40.58
N LEU B 881 20.88 0.92 39.63
CA LEU B 881 20.55 0.42 38.30
C LEU B 881 19.92 -0.96 38.36
N SER B 882 20.28 -1.77 39.36
CA SER B 882 19.75 -3.13 39.49
C SER B 882 18.28 -3.17 39.92
N VAL B 883 17.68 -2.04 40.29
CA VAL B 883 16.31 -2.06 40.77
C VAL B 883 15.34 -2.02 39.59
N ASP B 884 14.38 -2.95 39.58
CA ASP B 884 13.39 -3.08 38.52
C ASP B 884 12.08 -2.42 38.86
N VAL B 885 11.60 -2.58 40.09
CA VAL B 885 10.30 -2.07 40.51
C VAL B 885 10.54 -1.16 41.71
N GLY B 886 10.11 0.09 41.61
CA GLY B 886 10.21 1.03 42.68
C GLY B 886 8.99 1.06 43.59
N PRO B 887 8.92 2.08 44.44
CA PRO B 887 7.84 2.17 45.43
C PRO B 887 6.56 2.71 44.83
N VAL B 888 5.48 2.54 45.57
CA VAL B 888 4.28 3.32 45.29
C VAL B 888 4.43 4.69 45.96
N ILE B 889 3.69 5.67 45.45
CA ILE B 889 4.07 7.06 45.68
C ILE B 889 3.85 7.48 47.13
N THR B 890 2.79 6.97 47.78
CA THR B 890 2.46 7.38 49.14
C THR B 890 1.92 6.20 49.92
N SER B 891 1.87 6.39 51.24
CA SER B 891 1.24 5.38 52.08
C SER B 891 -0.25 5.31 51.82
N GLU B 892 -0.89 6.44 51.52
CA GLU B 892 -2.30 6.42 51.13
C GLU B 892 -2.52 5.59 49.88
N ALA B 893 -1.65 5.75 48.87
CA ALA B 893 -1.79 4.94 47.68
C ALA B 893 -1.59 3.47 48.01
N LYS B 894 -0.56 3.17 48.81
CA LYS B 894 -0.34 1.80 49.25
C LYS B 894 -1.58 1.22 49.93
N ASP B 895 -2.19 1.98 50.85
CA ASP B 895 -3.39 1.50 51.53
C ASP B 895 -4.54 1.25 50.55
N ASN B 896 -4.69 2.14 49.56
CA ASN B 896 -5.76 2.00 48.58
C ASN B 896 -5.57 0.73 47.76
N ILE B 897 -4.34 0.47 47.32
CA ILE B 897 -4.04 -0.73 46.56
C ILE B 897 -4.26 -1.97 47.42
N GLU B 898 -3.76 -1.94 48.66
CA GLU B 898 -3.88 -3.11 49.51
C GLU B 898 -5.32 -3.39 49.90
N LYS B 899 -6.13 -2.33 50.05
CA LYS B 899 -7.55 -2.55 50.31
C LYS B 899 -8.20 -3.33 49.18
N HIS B 900 -7.82 -3.04 47.94
CA HIS B 900 -8.37 -3.78 46.81
C HIS B 900 -7.88 -5.23 46.85
N ILE B 901 -6.59 -5.42 47.09
CA ILE B 901 -6.03 -6.76 47.12
C ILE B 901 -6.74 -7.59 48.19
N GLU B 902 -6.93 -6.99 49.37
CA GLU B 902 -7.57 -7.73 50.45
C GLU B 902 -9.05 -7.96 50.18
N ARG B 903 -9.70 -7.05 49.44
CA ARG B 903 -11.09 -7.28 49.06
C ARG B 903 -11.18 -8.48 48.13
N MET B 904 -10.28 -8.56 47.15
CA MET B 904 -10.26 -9.72 46.27
C MET B 904 -9.97 -10.98 47.05
N ARG B 905 -9.02 -10.92 47.98
CA ARG B 905 -8.69 -12.09 48.78
C ARG B 905 -9.90 -12.56 49.57
N GLY B 906 -10.59 -11.62 50.21
CA GLY B 906 -11.76 -11.98 51.00
C GLY B 906 -12.92 -12.52 50.18
N LEU B 907 -12.98 -12.19 48.89
CA LEU B 907 -13.97 -12.77 47.99
C LEU B 907 -13.59 -14.17 47.53
N GLY B 908 -12.44 -14.66 47.96
CA GLY B 908 -11.99 -15.99 47.58
C GLY B 908 -11.22 -16.05 46.29
N ARG B 909 -10.84 -14.90 45.72
CA ARG B 909 -10.06 -14.90 44.49
C ARG B 909 -8.63 -15.30 44.80
N LYS B 910 -8.02 -16.02 43.87
CA LYS B 910 -6.62 -16.39 44.03
C LYS B 910 -5.75 -15.15 43.91
N VAL B 911 -4.99 -14.87 44.97
CA VAL B 911 -4.09 -13.73 45.03
C VAL B 911 -2.69 -14.25 45.28
N GLU B 912 -1.74 -13.83 44.44
CA GLU B 912 -0.34 -14.21 44.60
C GLU B 912 0.52 -12.96 44.53
N GLN B 913 1.45 -12.85 45.49
CA GLN B 913 2.41 -11.75 45.48
C GLN B 913 3.83 -12.29 45.60
N ILE B 914 4.79 -11.54 45.05
CA ILE B 914 6.18 -11.88 45.32
C ILE B 914 6.66 -11.21 46.59
N GLY B 915 7.86 -11.59 47.06
CA GLY B 915 8.36 -11.08 48.31
C GLY B 915 9.04 -9.73 48.15
N LEU B 916 9.14 -9.02 49.28
CA LEU B 916 9.83 -7.74 49.35
C LEU B 916 11.01 -7.85 50.30
N ALA B 917 12.14 -7.27 49.90
CA ALA B 917 13.29 -7.21 50.78
C ALA B 917 12.98 -6.34 51.99
N SER B 918 13.64 -6.64 53.11
CA SER B 918 13.38 -5.90 54.35
C SER B 918 13.70 -4.41 54.19
N GLU B 919 14.61 -4.07 53.29
CA GLU B 919 14.96 -2.67 53.05
C GLU B 919 13.79 -1.85 52.53
N THR B 920 12.69 -2.48 52.13
CA THR B 920 11.53 -1.74 51.66
C THR B 920 10.74 -1.10 52.81
N GLY B 921 10.96 -1.55 54.05
CA GLY B 921 10.18 -1.07 55.18
C GLY B 921 10.32 0.42 55.47
N VAL B 922 11.39 1.05 54.97
CA VAL B 922 11.58 2.49 55.15
C VAL B 922 10.82 3.31 54.11
N GLY B 923 10.27 2.67 53.09
CA GLY B 923 9.47 3.35 52.09
C GLY B 923 8.11 2.70 51.95
N THR B 924 7.39 2.99 50.88
CA THR B 924 6.04 2.48 50.67
C THR B 924 6.06 1.63 49.41
N PHE B 925 6.11 0.31 49.57
CA PHE B 925 6.15 -0.61 48.44
C PHE B 925 4.97 -1.56 48.47
N VAL B 926 4.54 -1.95 47.29
CA VAL B 926 3.60 -3.05 47.07
C VAL B 926 4.28 -3.99 46.08
N PRO B 927 4.37 -5.29 46.38
CA PRO B 927 5.00 -6.20 45.43
C PRO B 927 4.09 -6.48 44.25
N PRO B 928 4.65 -6.81 43.10
CA PRO B 928 3.84 -7.31 41.98
C PRO B 928 2.86 -8.36 42.44
N THR B 929 1.59 -8.16 42.07
CA THR B 929 0.49 -8.94 42.57
C THR B 929 -0.32 -9.44 41.39
N ILE B 930 -0.73 -10.70 41.46
CA ILE B 930 -1.52 -11.33 40.41
C ILE B 930 -2.78 -11.86 41.06
N ILE B 931 -3.93 -11.45 40.53
CA ILE B 931 -5.23 -11.84 41.06
C ILE B 931 -6.01 -12.49 39.93
N GLU B 932 -6.53 -13.69 40.18
CA GLU B 932 -7.30 -14.39 39.17
C GLU B 932 -8.76 -14.02 39.33
N LEU B 933 -9.36 -13.53 38.26
CA LEU B 933 -10.75 -13.14 38.30
C LEU B 933 -11.62 -14.19 37.62
N GLU B 934 -12.86 -14.30 38.08
CA GLU B 934 -13.85 -15.08 37.35
C GLU B 934 -14.40 -14.29 36.17
N LYS B 935 -14.60 -12.99 36.35
CA LYS B 935 -15.18 -12.15 35.31
C LYS B 935 -14.57 -10.77 35.42
N LEU B 936 -14.42 -10.10 34.28
CA LEU B 936 -13.88 -8.75 34.32
C LEU B 936 -14.71 -7.84 35.20
N SER B 937 -16.02 -8.08 35.26
CA SER B 937 -16.90 -7.28 36.10
C SER B 937 -16.58 -7.41 37.59
N ASP B 938 -15.71 -8.35 37.99
CA ASP B 938 -15.19 -8.35 39.35
C ASP B 938 -14.45 -7.06 39.68
N LEU B 939 -13.95 -6.37 38.67
CA LEU B 939 -13.23 -5.11 38.86
C LEU B 939 -14.21 -3.94 38.82
N GLN B 940 -14.14 -3.07 39.84
CA GLN B 940 -15.03 -1.92 39.93
C GLN B 940 -14.36 -0.60 39.61
N ARG B 941 -13.03 -0.53 39.71
CA ARG B 941 -12.35 0.75 39.73
C ARG B 941 -10.92 0.52 39.27
N GLU B 942 -10.34 1.57 38.71
CA GLU B 942 -8.92 1.56 38.40
C GLU B 942 -8.12 1.45 39.69
N VAL B 943 -7.26 0.44 39.78
CA VAL B 943 -6.39 0.23 40.93
C VAL B 943 -4.98 0.57 40.48
N PHE B 944 -4.47 1.70 40.97
CA PHE B 944 -3.29 2.33 40.39
C PHE B 944 -2.04 1.83 41.12
N GLY B 945 -1.71 0.57 40.85
CA GLY B 945 -0.60 -0.06 41.50
C GLY B 945 -0.19 -1.31 40.76
N PRO B 946 0.72 -2.07 41.33
CA PRO B 946 1.28 -3.23 40.59
C PRO B 946 0.40 -4.46 40.75
N VAL B 947 -0.84 -4.36 40.28
CA VAL B 947 -1.82 -5.41 40.53
C VAL B 947 -2.38 -5.85 39.19
N LEU B 948 -1.94 -7.01 38.73
CA LEU B 948 -2.39 -7.59 37.47
C LEU B 948 -3.51 -8.56 37.74
N HIS B 949 -4.61 -8.40 37.01
CA HIS B 949 -5.73 -9.32 37.12
C HIS B 949 -5.70 -10.23 35.91
N VAL B 950 -6.06 -11.50 36.13
CA VAL B 950 -5.95 -12.51 35.08
C VAL B 950 -7.32 -13.09 34.81
N ILE B 951 -7.67 -13.16 33.53
CA ILE B 951 -8.90 -13.76 33.04
C ILE B 951 -8.51 -14.84 32.04
N ARG B 952 -9.14 -16.00 32.14
CA ARG B 952 -8.98 -17.06 31.15
CA ARG B 952 -8.98 -17.05 31.15
C ARG B 952 -10.22 -17.07 30.25
N TYR B 953 -10.01 -17.29 28.96
CA TYR B 953 -11.16 -17.29 28.06
C TYR B 953 -11.04 -18.38 27.02
N ARG B 954 -12.19 -18.86 26.55
CA ARG B 954 -12.23 -19.79 25.43
C ARG B 954 -12.27 -18.99 24.14
N ARG B 955 -11.56 -19.48 23.12
CA ARG B 955 -11.43 -18.70 21.89
C ARG B 955 -12.80 -18.41 21.26
N ASP B 956 -13.77 -19.31 21.42
CA ASP B 956 -15.11 -19.07 20.89
C ASP B 956 -15.79 -17.90 21.57
N ASP B 957 -15.31 -17.50 22.75
CA ASP B 957 -15.89 -16.40 23.50
C ASP B 957 -15.11 -15.10 23.31
N LEU B 958 -14.24 -15.03 22.30
CA LEU B 958 -13.41 -13.84 22.14
C LEU B 958 -14.25 -12.58 21.98
N ASP B 959 -15.29 -12.64 21.16
CA ASP B 959 -16.09 -11.45 20.93
C ASP B 959 -16.74 -10.98 22.22
N ARG B 960 -17.23 -11.93 23.02
CA ARG B 960 -17.80 -11.60 24.32
C ARG B 960 -16.75 -11.00 25.24
N LEU B 961 -15.54 -11.52 25.19
CA LEU B 961 -14.46 -10.97 26.02
C LEU B 961 -14.19 -9.53 25.65
N VAL B 962 -14.19 -9.21 24.36
CA VAL B 962 -13.99 -7.83 23.96
C VAL B 962 -15.10 -6.95 24.51
N ASP B 963 -16.34 -7.43 24.48
CA ASP B 963 -17.43 -6.72 25.14
C ASP B 963 -17.13 -6.50 26.61
N ASP B 964 -16.63 -7.54 27.30
CA ASP B 964 -16.33 -7.39 28.70
C ASP B 964 -15.27 -6.32 28.93
N VAL B 965 -14.26 -6.26 28.07
CA VAL B 965 -13.25 -5.22 28.21
C VAL B 965 -13.89 -3.85 28.02
N ASN B 966 -14.72 -3.70 26.98
CA ASN B 966 -15.36 -2.41 26.72
C ASN B 966 -16.34 -2.03 27.81
N ALA B 967 -16.91 -3.03 28.51
CA ALA B 967 -18.01 -2.77 29.43
C ALA B 967 -17.59 -2.02 30.68
N THR B 968 -16.29 -1.93 30.96
CA THR B 968 -15.85 -1.15 32.12
C THR B 968 -16.17 0.32 31.96
N GLY B 969 -16.36 0.79 30.72
CA GLY B 969 -16.55 2.19 30.45
C GLY B 969 -15.27 2.94 30.18
N TYR B 970 -14.12 2.33 30.47
CA TYR B 970 -12.82 2.89 30.13
C TYR B 970 -12.45 2.57 28.69
N GLY B 971 -11.42 3.25 28.21
CA GLY B 971 -10.95 3.01 26.85
C GLY B 971 -9.64 3.71 26.59
N LEU B 972 -8.61 3.36 27.35
CA LEU B 972 -7.33 4.04 27.23
C LEU B 972 -6.38 3.18 26.41
N THR B 973 -5.64 2.26 27.03
CA THR B 973 -4.75 1.40 26.26
C THR B 973 -5.30 -0.01 26.16
N PHE B 974 -4.84 -0.71 25.13
CA PHE B 974 -5.29 -2.08 24.91
C PHE B 974 -4.22 -2.81 24.11
N GLY B 975 -3.95 -4.06 24.51
CA GLY B 975 -2.95 -4.87 23.84
C GLY B 975 -3.54 -6.16 23.30
N LEU B 976 -2.97 -6.61 22.19
CA LEU B 976 -3.35 -7.88 21.59
C LEU B 976 -2.07 -8.59 21.17
N HIS B 977 -1.89 -9.81 21.65
CA HIS B 977 -0.78 -10.67 21.24
C HIS B 977 -1.36 -11.83 20.47
N THR B 978 -1.10 -11.83 19.17
CA THR B 978 -1.54 -12.90 18.28
C THR B 978 -0.71 -12.79 17.02
N ARG B 979 -0.55 -13.92 16.33
CA ARG B 979 0.07 -13.87 15.02
C ARG B 979 -0.95 -13.91 13.90
N LEU B 980 -2.24 -13.93 14.21
CA LEU B 980 -3.28 -14.29 13.24
C LEU B 980 -4.03 -13.05 12.78
N ASP B 981 -3.98 -12.78 11.47
CA ASP B 981 -4.60 -11.57 10.93
C ASP B 981 -6.10 -11.53 11.19
N GLU B 982 -6.79 -12.66 11.11
CA GLU B 982 -8.22 -12.64 11.39
C GLU B 982 -8.48 -12.16 12.81
N THR B 983 -7.69 -12.63 13.77
CA THR B 983 -7.87 -12.20 15.16
C THR B 983 -7.53 -10.72 15.33
N ILE B 984 -6.49 -10.25 14.65
CA ILE B 984 -6.14 -8.83 14.71
C ILE B 984 -7.30 -7.99 14.16
N ALA B 985 -7.83 -8.36 13.00
CA ALA B 985 -8.91 -7.56 12.41
C ALA B 985 -10.14 -7.59 13.29
N HIS B 986 -10.51 -8.76 13.81
CA HIS B 986 -11.69 -8.86 14.66
C HIS B 986 -11.53 -8.01 15.90
N VAL B 987 -10.45 -8.21 16.62
CA VAL B 987 -10.30 -7.55 17.92
C VAL B 987 -10.15 -6.04 17.74
N THR B 988 -9.31 -5.60 16.80
CA THR B 988 -9.13 -4.17 16.65
C THR B 988 -10.37 -3.49 16.08
N SER B 989 -11.24 -4.21 15.38
CA SER B 989 -12.48 -3.59 14.92
C SER B 989 -13.52 -3.47 16.01
N ARG B 990 -13.42 -4.26 17.08
CA ARG B 990 -14.46 -4.29 18.11
C ARG B 990 -14.04 -3.62 19.41
N ILE B 991 -12.75 -3.55 19.70
CA ILE B 991 -12.29 -2.92 20.92
C ILE B 991 -12.51 -1.41 20.79
N LYS B 992 -12.81 -0.76 21.91
CA LYS B 992 -13.07 0.68 21.91
C LYS B 992 -12.06 1.34 22.85
N ALA B 993 -10.83 1.53 22.37
CA ALA B 993 -9.79 2.15 23.18
C ALA B 993 -8.99 3.11 22.31
N GLY B 994 -8.42 4.13 22.92
CA GLY B 994 -7.71 5.13 22.13
C GLY B 994 -6.33 4.74 21.68
N ASN B 995 -5.69 3.80 22.37
CA ASN B 995 -4.31 3.42 22.07
C ASN B 995 -4.25 1.91 22.04
N LEU B 996 -4.02 1.36 20.87
CA LEU B 996 -3.94 -0.07 20.65
C LEU B 996 -2.50 -0.46 20.37
N TYR B 997 -2.11 -1.66 20.83
CA TYR B 997 -0.75 -2.16 20.69
C TYR B 997 -0.82 -3.61 20.30
N ILE B 998 -0.15 -3.98 19.21
CA ILE B 998 -0.20 -5.34 18.71
CA ILE B 998 -0.19 -5.34 18.68
C ILE B 998 1.20 -5.96 18.85
N ASN B 999 1.26 -7.04 19.62
CA ASN B 999 2.52 -7.81 19.77
C ASN B 999 3.65 -6.97 20.39
N ARG B 1000 3.29 -6.09 21.32
CA ARG B 1000 4.25 -5.28 22.04
C ARG B 1000 3.64 -4.89 23.39
N ASN B 1001 4.40 -4.16 24.19
CA ASN B 1001 3.82 -3.68 25.44
C ASN B 1001 2.78 -2.61 25.14
N ILE B 1002 2.03 -2.21 26.16
CA ILE B 1002 0.94 -1.29 25.96
C ILE B 1002 1.18 0.06 26.63
N ILE B 1003 2.44 0.43 26.86
CA ILE B 1003 2.68 1.68 27.56
C ILE B 1003 3.29 2.73 26.63
N GLY B 1004 3.23 2.49 25.32
CA GLY B 1004 3.79 3.41 24.36
C GLY B 1004 3.01 4.71 24.25
N ALA B 1005 3.65 5.83 24.52
CA ALA B 1005 3.04 7.13 24.32
C ALA B 1005 4.01 8.06 23.61
N VAL B 1006 4.75 7.52 22.64
CA VAL B 1006 5.75 8.34 21.96
C VAL B 1006 5.05 9.48 21.24
N VAL B 1007 5.45 10.71 21.57
CA VAL B 1007 4.80 11.90 21.07
C VAL B 1007 4.83 11.91 19.55
N GLY B 1008 3.68 12.16 18.94
CA GLY B 1008 3.59 12.24 17.49
C GLY B 1008 3.76 10.92 16.77
N VAL B 1009 3.90 9.84 17.52
CA VAL B 1009 4.05 8.50 16.97
C VAL B 1009 2.93 7.58 17.47
N GLN B 1010 2.72 7.54 18.78
CA GLN B 1010 1.46 7.09 19.39
C GLN B 1010 0.81 8.28 20.11
N PRO B 1011 0.15 9.18 19.38
CA PRO B 1011 -0.68 10.19 20.05
C PRO B 1011 -1.53 9.49 21.10
N PHE B 1012 -1.52 10.00 22.32
CA PHE B 1012 -1.96 9.22 23.45
C PHE B 1012 -3.22 9.81 24.06
N GLY B 1013 -4.19 8.96 24.34
CA GLY B 1013 -5.38 9.37 25.06
C GLY B 1013 -6.56 8.54 24.60
N GLY B 1014 -7.54 8.41 25.48
CA GLY B 1014 -8.64 7.53 25.19
C GLY B 1014 -10.01 8.15 25.29
N ARG B 1015 -11.01 7.29 25.43
CA ARG B 1015 -12.40 7.66 25.29
C ARG B 1015 -13.17 7.11 26.49
N GLY B 1016 -14.47 7.40 26.52
CA GLY B 1016 -15.28 6.99 27.65
C GLY B 1016 -14.77 7.60 28.93
N LEU B 1017 -14.66 6.78 29.96
CA LEU B 1017 -14.14 7.22 31.26
C LEU B 1017 -12.67 7.58 31.20
N SER B 1018 -12.00 7.37 30.07
CA SER B 1018 -10.57 7.61 29.97
C SER B 1018 -10.20 8.97 29.38
N GLY B 1019 -11.13 9.71 28.80
CA GLY B 1019 -10.72 10.99 28.27
C GLY B 1019 -11.82 11.71 27.53
N THR B 1020 -11.66 13.04 27.46
CA THR B 1020 -12.40 13.86 26.52
C THR B 1020 -11.73 13.96 25.17
N GLY B 1021 -10.42 13.76 25.12
CA GLY B 1021 -9.64 14.17 23.98
C GLY B 1021 -9.59 15.68 23.94
N PRO B 1022 -8.90 16.24 22.95
CA PRO B 1022 -8.13 15.52 21.95
C PRO B 1022 -6.87 14.91 22.55
N LYS B 1023 -6.20 14.04 21.79
CA LYS B 1023 -5.04 13.34 22.33
C LYS B 1023 -3.86 14.27 22.52
N ALA B 1024 -3.24 14.20 23.68
CA ALA B 1024 -1.92 14.77 23.86
C ALA B 1024 -0.93 14.12 22.89
N GLY B 1025 0.02 14.91 22.41
CA GLY B 1025 1.00 14.37 21.51
C GLY B 1025 0.46 14.04 20.14
N GLY B 1026 -0.70 14.61 19.81
CA GLY B 1026 -1.30 14.43 18.52
C GLY B 1026 -1.70 15.77 17.92
N PRO B 1027 -2.16 15.73 16.66
CA PRO B 1027 -2.28 16.96 15.87
C PRO B 1027 -3.54 17.75 16.15
N LEU B 1028 -4.49 17.22 16.92
CA LEU B 1028 -5.70 17.97 17.24
C LEU B 1028 -5.57 18.78 18.51
N TYR B 1029 -4.49 18.58 19.25
CA TYR B 1029 -4.40 19.07 20.63
C TYR B 1029 -4.40 20.58 20.69
N LEU B 1030 -3.49 21.21 19.94
CA LEU B 1030 -3.32 22.66 20.05
C LEU B 1030 -4.61 23.39 19.67
N GLY B 1031 -5.38 22.83 18.75
CA GLY B 1031 -6.59 23.49 18.29
C GLY B 1031 -7.66 23.64 19.36
N ARG B 1032 -7.56 22.85 20.44
CA ARG B 1032 -8.48 22.98 21.57
C ARG B 1032 -8.15 24.18 22.43
N LEU B 1033 -6.96 24.74 22.27
CA LEU B 1033 -6.43 25.76 23.16
C LEU B 1033 -6.48 27.14 22.53
N VAL B 1034 -7.19 27.30 21.41
CA VAL B 1034 -7.41 28.56 20.75
C VAL B 1034 -8.90 28.69 20.48
N THR B 1035 -9.36 29.91 20.21
CA THR B 1035 -10.80 30.10 20.08
C THR B 1035 -11.32 29.68 18.71
N THR B 1036 -10.45 29.61 17.71
CA THR B 1036 -10.78 29.10 16.40
C THR B 1036 -9.74 28.06 16.04
N ALA B 1037 -10.19 26.81 15.84
CA ALA B 1037 -9.20 25.75 15.64
C ALA B 1037 -8.61 25.82 14.23
N PRO B 1038 -7.31 25.64 14.10
CA PRO B 1038 -6.71 25.53 12.77
C PRO B 1038 -6.98 24.17 12.17
N VAL B 1039 -6.64 24.04 10.89
CA VAL B 1039 -6.65 22.76 10.19
C VAL B 1039 -5.31 22.08 10.46
N PRO B 1040 -5.27 20.98 11.19
CA PRO B 1040 -4.00 20.37 11.51
C PRO B 1040 -3.33 19.79 10.28
N PRO B 1041 -2.01 19.59 10.33
CA PRO B 1041 -1.30 18.90 9.26
C PRO B 1041 -1.95 17.55 8.98
N GLN B 1042 -2.09 17.24 7.70
CA GLN B 1042 -2.58 15.95 7.21
C GLN B 1042 -4.04 15.68 7.57
N HIS B 1043 -4.76 16.67 8.09
CA HIS B 1043 -6.11 16.45 8.62
C HIS B 1043 -7.13 16.64 7.51
N SER B 1044 -7.43 15.56 6.80
CA SER B 1044 -8.47 15.57 5.78
C SER B 1044 -8.85 14.12 5.51
N SER B 1045 -9.94 13.94 4.75
CA SER B 1045 -10.38 12.62 4.36
C SER B 1045 -11.08 12.72 3.01
N VAL B 1046 -10.85 11.76 2.12
CA VAL B 1046 -11.58 11.76 0.86
C VAL B 1046 -12.94 11.10 0.98
N HIS B 1047 -13.27 10.58 2.16
CA HIS B 1047 -14.51 9.85 2.33
C HIS B 1047 -15.62 10.77 2.79
N THR B 1048 -16.81 10.55 2.26
CA THR B 1048 -17.98 11.31 2.66
C THR B 1048 -18.98 10.36 3.31
N ASP B 1049 -19.41 10.72 4.50
CA ASP B 1049 -20.34 9.87 5.21
C ASP B 1049 -21.61 9.69 4.38
N PRO B 1050 -22.08 8.46 4.17
CA PRO B 1050 -23.23 8.28 3.26
C PRO B 1050 -24.53 8.79 3.85
N VAL B 1051 -24.66 8.76 5.18
CA VAL B 1051 -25.88 9.28 5.79
C VAL B 1051 -25.91 10.79 5.70
N LEU B 1052 -24.76 11.45 5.87
CA LEU B 1052 -24.68 12.88 5.60
C LEU B 1052 -25.19 13.18 4.19
N LEU B 1053 -24.76 12.38 3.20
CA LEU B 1053 -25.18 12.63 1.83
C LEU B 1053 -26.70 12.56 1.70
N ASP B 1054 -27.31 11.53 2.29
CA ASP B 1054 -28.76 11.41 2.24
C ASP B 1054 -29.44 12.57 2.95
N PHE B 1055 -28.83 13.05 4.03
CA PHE B 1055 -29.39 14.19 4.75
C PHE B 1055 -29.35 15.44 3.87
N ALA B 1056 -28.24 15.67 3.16
CA ALA B 1056 -28.18 16.84 2.30
C ALA B 1056 -29.24 16.80 1.22
N LYS B 1057 -29.47 15.62 0.62
CA LYS B 1057 -30.50 15.50 -0.40
C LYS B 1057 -31.88 15.80 0.19
N TRP B 1058 -32.16 15.25 1.37
CA TRP B 1058 -33.42 15.54 2.05
C TRP B 1058 -33.59 17.03 2.27
N LEU B 1059 -32.56 17.71 2.78
CA LEU B 1059 -32.62 19.16 2.93
C LEU B 1059 -32.83 19.86 1.60
N ASP B 1060 -32.14 19.41 0.55
CA ASP B 1060 -32.40 19.91 -0.80
C ASP B 1060 -33.89 19.83 -1.14
N GLY B 1061 -34.48 18.65 -0.95
CA GLY B 1061 -35.88 18.46 -1.30
C GLY B 1061 -36.81 19.39 -0.57
N LYS B 1062 -36.48 19.72 0.69
CA LYS B 1062 -37.29 20.62 1.50
C LYS B 1062 -37.07 22.10 1.17
N GLY B 1063 -36.08 22.42 0.34
CA GLY B 1063 -35.78 23.81 0.07
C GLY B 1063 -34.91 24.49 1.10
N ALA B 1064 -34.34 23.74 2.06
CA ALA B 1064 -33.44 24.31 3.06
C ALA B 1064 -32.05 24.43 2.45
N ARG B 1065 -31.91 25.41 1.55
CA ARG B 1065 -30.72 25.47 0.70
C ARG B 1065 -29.47 25.83 1.50
N ALA B 1066 -29.58 26.79 2.42
CA ALA B 1066 -28.42 27.13 3.24
C ALA B 1066 -27.99 25.92 4.06
N GLU B 1067 -28.94 25.20 4.65
CA GLU B 1067 -28.58 24.05 5.47
C GLU B 1067 -27.99 22.92 4.63
N ALA B 1068 -28.58 22.67 3.45
CA ALA B 1068 -28.04 21.65 2.57
C ALA B 1068 -26.61 21.97 2.17
N GLU B 1069 -26.34 23.25 1.86
CA GLU B 1069 -24.98 23.68 1.59
C GLU B 1069 -24.08 23.45 2.79
N ALA B 1070 -24.55 23.80 3.99
CA ALA B 1070 -23.75 23.55 5.18
C ALA B 1070 -23.49 22.06 5.36
N ALA B 1071 -24.48 21.22 5.03
CA ALA B 1071 -24.30 19.79 5.16
C ALA B 1071 -23.24 19.29 4.18
N ARG B 1072 -23.31 19.72 2.91
CA ARG B 1072 -22.29 19.32 1.95
CA ARG B 1072 -22.30 19.32 1.95
C ARG B 1072 -20.92 19.78 2.39
N ASN B 1073 -20.83 21.00 2.90
CA ASN B 1073 -19.55 21.52 3.36
C ASN B 1073 -19.02 20.72 4.54
N ALA B 1074 -19.90 20.34 5.47
CA ALA B 1074 -19.48 19.50 6.58
C ALA B 1074 -19.02 18.14 6.07
N GLY B 1075 -19.75 17.57 5.11
CA GLY B 1075 -19.35 16.27 4.58
C GLY B 1075 -17.95 16.27 4.00
N SER B 1076 -17.58 17.37 3.33
CA SER B 1076 -16.26 17.46 2.73
C SER B 1076 -15.18 17.77 3.75
N SER B 1077 -15.43 18.68 4.68
CA SER B 1077 -14.36 19.08 5.59
C SER B 1077 -14.16 18.10 6.73
N SER B 1078 -15.14 17.26 7.02
CA SER B 1078 -14.97 16.17 7.98
C SER B 1078 -13.74 15.35 7.63
N ALA B 1079 -12.93 15.04 8.64
CA ALA B 1079 -11.79 14.18 8.42
C ALA B 1079 -12.07 12.74 8.85
N LEU B 1080 -13.34 12.41 9.07
CA LEU B 1080 -13.73 11.04 9.35
C LEU B 1080 -13.18 10.11 8.26
N GLY B 1081 -12.50 9.06 8.68
CA GLY B 1081 -11.91 8.13 7.74
C GLY B 1081 -10.44 8.36 7.47
N LEU B 1082 -9.87 9.44 8.00
CA LEU B 1082 -8.43 9.63 7.93
CA LEU B 1082 -8.43 9.63 7.93
C LEU B 1082 -7.73 8.38 8.44
N ASP B 1083 -6.67 7.98 7.74
CA ASP B 1083 -6.02 6.71 8.03
C ASP B 1083 -4.56 6.87 7.60
N LEU B 1084 -3.70 7.17 8.55
CA LEU B 1084 -2.33 7.60 8.29
C LEU B 1084 -1.37 6.65 8.98
N GLU B 1085 -0.19 6.47 8.39
CA GLU B 1085 0.95 5.91 9.10
C GLU B 1085 1.89 7.04 9.50
N LEU B 1086 2.21 7.11 10.79
CA LEU B 1086 3.07 8.17 11.31
C LEU B 1086 4.54 7.72 11.26
N PRO B 1087 5.45 8.65 10.96
CA PRO B 1087 6.88 8.31 10.96
C PRO B 1087 7.33 7.91 12.35
N GLY B 1088 8.16 6.88 12.41
CA GLY B 1088 8.65 6.39 13.68
C GLY B 1088 9.78 5.41 13.47
N PRO B 1089 10.05 4.57 14.47
CA PRO B 1089 11.15 3.61 14.37
C PRO B 1089 10.85 2.50 13.38
N VAL B 1090 11.93 1.93 12.83
CA VAL B 1090 11.78 0.72 12.04
C VAL B 1090 11.24 -0.40 12.91
N GLY B 1091 10.68 -1.41 12.26
CA GLY B 1091 10.17 -2.55 13.01
C GLY B 1091 8.87 -2.28 13.73
N GLU B 1092 8.27 -1.12 13.47
CA GLU B 1092 6.95 -0.77 13.98
C GLU B 1092 6.19 -0.10 12.86
N ARG B 1093 4.87 -0.28 12.89
CA ARG B 1093 3.95 0.52 12.09
C ARG B 1093 3.04 1.25 13.06
N ASN B 1094 3.08 2.56 13.01
CA ASN B 1094 2.35 3.38 13.96
C ASN B 1094 1.27 4.12 13.20
N LEU B 1095 0.03 3.78 13.49
CA LEU B 1095 -1.10 4.19 12.67
C LEU B 1095 -1.99 5.14 13.45
N TYR B 1096 -2.63 6.05 12.73
CA TYR B 1096 -3.46 7.08 13.34
C TYR B 1096 -4.70 7.22 12.48
N THR B 1097 -5.86 7.07 13.10
CA THR B 1097 -7.11 7.00 12.35
CA THR B 1097 -7.12 6.96 12.37
C THR B 1097 -8.18 7.82 13.05
N LEU B 1098 -9.11 8.36 12.25
CA LEU B 1098 -10.21 9.15 12.79
C LEU B 1098 -11.51 8.41 12.53
N HIS B 1099 -12.22 8.13 13.62
CA HIS B 1099 -13.48 7.41 13.62
C HIS B 1099 -14.57 8.33 14.13
N ALA B 1100 -15.81 7.89 13.96
CA ALA B 1100 -16.91 8.58 14.62
C ALA B 1100 -16.73 8.51 16.14
N ARG B 1101 -17.19 9.56 16.83
CA ARG B 1101 -17.18 9.55 18.30
C ARG B 1101 -18.18 8.55 18.86
N GLY B 1102 -19.35 8.44 18.23
CA GLY B 1102 -20.41 7.60 18.76
C GLY B 1102 -21.75 8.30 18.66
N ARG B 1103 -22.49 8.36 19.77
CA ARG B 1103 -23.76 9.06 19.77
C ARG B 1103 -23.59 10.45 20.40
N ILE B 1104 -23.99 11.48 19.66
CA ILE B 1104 -23.83 12.86 20.09
C ILE B 1104 -25.16 13.38 20.61
N LEU B 1105 -25.14 13.99 21.78
CA LEU B 1105 -26.33 14.64 22.32
C LEU B 1105 -26.51 15.98 21.61
N LEU B 1106 -27.67 16.18 20.99
CA LEU B 1106 -28.00 17.41 20.30
C LEU B 1106 -29.00 18.16 21.15
N VAL B 1107 -28.69 19.41 21.48
CA VAL B 1107 -29.60 20.24 22.26
C VAL B 1107 -29.89 21.45 21.39
N PRO B 1108 -30.76 21.33 20.40
CA PRO B 1108 -31.06 22.48 19.53
C PRO B 1108 -32.05 23.41 20.19
N ALA B 1109 -32.12 24.62 19.63
CA ALA B 1109 -33.17 25.59 19.95
C ALA B 1109 -34.08 25.86 18.78
N THR B 1110 -33.53 25.90 17.57
CA THR B 1110 -34.28 26.20 16.36
C THR B 1110 -34.14 25.06 15.36
N GLU B 1111 -35.07 25.05 14.41
CA GLU B 1111 -35.03 24.05 13.34
C GLU B 1111 -33.75 24.15 12.54
N SER B 1112 -33.38 25.37 12.11
CA SER B 1112 -32.13 25.54 11.38
C SER B 1112 -30.94 25.12 12.21
N GLY B 1113 -30.95 25.47 13.50
CA GLY B 1113 -29.89 25.03 14.39
C GLY B 1113 -29.79 23.51 14.44
N LEU B 1114 -30.93 22.83 14.56
CA LEU B 1114 -30.94 21.37 14.57
C LEU B 1114 -30.39 20.79 13.26
N TYR B 1115 -30.80 21.36 12.11
CA TYR B 1115 -30.26 20.90 10.83
C TYR B 1115 -28.74 21.05 10.79
N HIS B 1116 -28.23 22.17 11.29
CA HIS B 1116 -26.79 22.37 11.32
C HIS B 1116 -26.10 21.41 12.27
N GLN B 1117 -26.71 21.15 13.43
CA GLN B 1117 -26.12 20.19 14.36
C GLN B 1117 -26.09 18.81 13.75
N LEU B 1118 -27.20 18.40 13.13
CA LEU B 1118 -27.27 17.11 12.45
C LEU B 1118 -26.20 17.00 11.38
N ALA B 1119 -26.05 18.06 10.56
CA ALA B 1119 -25.05 18.03 9.51
C ALA B 1119 -23.66 17.79 10.08
N ALA B 1120 -23.30 18.52 11.15
CA ALA B 1120 -22.00 18.36 11.77
C ALA B 1120 -21.81 16.94 12.32
N ALA B 1121 -22.83 16.42 13.00
CA ALA B 1121 -22.70 15.10 13.62
C ALA B 1121 -22.71 13.98 12.57
N LEU B 1122 -23.58 14.10 11.56
CA LEU B 1122 -23.67 13.02 10.57
C LEU B 1122 -22.42 13.01 9.70
N ALA B 1123 -21.87 14.18 9.40
CA ALA B 1123 -20.68 14.27 8.56
C ALA B 1123 -19.49 13.58 9.20
N THR B 1124 -19.46 13.53 10.53
CA THR B 1124 -18.39 12.88 11.26
C THR B 1124 -18.75 11.46 11.69
N GLY B 1125 -19.79 10.88 11.08
CA GLY B 1125 -20.10 9.46 11.26
C GLY B 1125 -20.93 9.11 12.46
N ASN B 1126 -21.43 10.11 13.20
CA ASN B 1126 -22.05 9.87 14.48
C ASN B 1126 -23.55 9.61 14.32
N SER B 1127 -24.10 8.93 15.32
CA SER B 1127 -25.53 8.96 15.54
C SER B 1127 -25.84 10.10 16.51
N VAL B 1128 -27.12 10.41 16.70
CA VAL B 1128 -27.49 11.52 17.56
C VAL B 1128 -28.65 11.12 18.45
N ALA B 1129 -28.70 11.75 19.63
CA ALA B 1129 -29.89 11.79 20.46
C ALA B 1129 -30.29 13.25 20.58
N ILE B 1130 -31.47 13.59 20.09
CA ILE B 1130 -31.93 14.97 20.07
C ILE B 1130 -32.80 15.23 21.28
N ASP B 1131 -32.54 16.33 21.97
CA ASP B 1131 -33.34 16.74 23.11
C ASP B 1131 -34.80 16.90 22.72
N ALA B 1132 -35.67 16.02 23.25
CA ALA B 1132 -37.10 16.11 22.96
C ALA B 1132 -37.71 17.41 23.48
N ALA B 1133 -37.13 17.99 24.54
CA ALA B 1133 -37.69 19.23 25.08
C ALA B 1133 -37.52 20.41 24.13
N SER B 1134 -36.72 20.27 23.07
CA SER B 1134 -36.68 21.31 22.05
C SER B 1134 -38.00 21.46 21.32
N GLY B 1135 -38.85 20.43 21.35
CA GLY B 1135 -40.11 20.50 20.62
C GLY B 1135 -39.98 20.52 19.12
N LEU B 1136 -38.82 20.13 18.57
CA LEU B 1136 -38.57 20.24 17.14
C LEU B 1136 -38.88 18.95 16.37
N GLN B 1137 -39.68 18.06 16.93
CA GLN B 1137 -39.90 16.76 16.30
C GLN B 1137 -40.46 16.91 14.89
N ALA B 1138 -41.37 17.86 14.69
CA ALA B 1138 -41.97 18.03 13.36
C ALA B 1138 -40.94 18.45 12.32
N SER B 1139 -39.78 18.95 12.74
CA SER B 1139 -38.77 19.39 11.79
C SER B 1139 -38.13 18.23 11.03
N LEU B 1140 -38.22 17.02 11.55
CA LEU B 1140 -37.63 15.84 10.91
C LEU B 1140 -38.69 14.97 10.26
N LYS B 1141 -39.83 15.55 9.89
CA LYS B 1141 -40.86 14.80 9.20
C LYS B 1141 -40.35 14.31 7.85
N ASN B 1142 -40.61 13.05 7.56
CA ASN B 1142 -40.27 12.41 6.28
C ASN B 1142 -38.76 12.27 6.09
N LEU B 1143 -38.02 12.11 7.18
CA LEU B 1143 -36.59 11.82 7.08
C LEU B 1143 -36.38 10.52 6.32
N PRO B 1144 -35.38 10.44 5.44
CA PRO B 1144 -34.99 9.14 4.90
C PRO B 1144 -34.66 8.16 6.02
N GLN B 1145 -35.05 6.90 5.81
CA GLN B 1145 -34.75 5.87 6.80
C GLN B 1145 -33.26 5.78 7.06
N THR B 1146 -32.42 6.01 6.05
CA THR B 1146 -30.98 6.00 6.27
C THR B 1146 -30.59 7.01 7.34
N VAL B 1147 -31.16 8.22 7.29
CA VAL B 1147 -30.85 9.20 8.32
C VAL B 1147 -31.57 8.84 9.62
N GLY B 1148 -32.83 8.42 9.50
CA GLY B 1148 -33.62 8.15 10.69
C GLY B 1148 -33.00 7.10 11.60
N LEU B 1149 -32.29 6.13 11.03
CA LEU B 1149 -31.66 5.09 11.84
C LEU B 1149 -30.56 5.64 12.73
N ARG B 1150 -30.00 6.79 12.38
CA ARG B 1150 -28.99 7.44 13.20
C ARG B 1150 -29.58 8.41 14.22
N VAL B 1151 -30.89 8.59 14.23
CA VAL B 1151 -31.53 9.66 14.99
C VAL B 1151 -32.41 9.04 16.04
N SER B 1152 -32.25 9.46 17.29
CA SER B 1152 -33.21 9.15 18.33
C SER B 1152 -33.56 10.45 19.03
N TRP B 1153 -34.68 10.45 19.73
CA TRP B 1153 -35.11 11.59 20.52
C TRP B 1153 -35.04 11.19 21.99
N SER B 1154 -34.49 12.05 22.83
CA SER B 1154 -34.30 11.71 24.23
C SER B 1154 -35.10 12.66 25.10
N LYS B 1155 -35.96 12.08 25.95
CA LYS B 1155 -36.62 12.82 27.01
C LYS B 1155 -35.93 12.59 28.36
N ASP B 1156 -34.74 11.99 28.33
CA ASP B 1156 -34.05 11.61 29.57
C ASP B 1156 -32.58 11.42 29.19
N TRP B 1157 -31.82 12.52 29.22
CA TRP B 1157 -30.44 12.45 28.72
C TRP B 1157 -29.62 11.45 29.53
N ALA B 1158 -29.81 11.41 30.84
CA ALA B 1158 -28.95 10.55 31.64
C ALA B 1158 -29.28 9.09 31.42
N ALA B 1159 -30.54 8.76 31.15
CA ALA B 1159 -30.89 7.36 30.90
C ALA B 1159 -30.46 6.91 29.53
N ASP B 1160 -30.36 7.83 28.58
CA ASP B 1160 -30.19 7.50 27.17
C ASP B 1160 -28.74 7.53 26.72
N GLY B 1161 -27.82 7.92 27.59
CA GLY B 1161 -26.40 7.85 27.31
C GLY B 1161 -25.86 6.44 27.45
N PRO B 1162 -24.52 6.30 27.47
CA PRO B 1162 -23.58 7.42 27.42
C PRO B 1162 -23.45 8.01 26.02
N PHE B 1163 -23.20 9.31 25.99
CA PHE B 1163 -22.91 9.98 24.74
C PHE B 1163 -21.41 10.18 24.61
N ALA B 1164 -20.99 10.68 23.44
CA ALA B 1164 -19.58 10.91 23.19
C ALA B 1164 -19.30 12.37 22.86
N GLY B 1165 -20.24 13.25 23.12
CA GLY B 1165 -20.10 14.67 22.83
C GLY B 1165 -21.47 15.30 22.82
N ALA B 1166 -21.50 16.62 22.71
CA ALA B 1166 -22.76 17.33 22.73
C ALA B 1166 -22.63 18.60 21.90
N LEU B 1167 -23.69 18.91 21.15
CA LEU B 1167 -23.82 20.16 20.43
C LEU B 1167 -25.00 20.90 21.03
N VAL B 1168 -24.79 22.16 21.40
CA VAL B 1168 -25.80 22.94 22.09
C VAL B 1168 -26.03 24.23 21.34
N GLU B 1169 -27.30 24.60 21.19
CA GLU B 1169 -27.70 25.87 20.59
C GLU B 1169 -28.49 26.67 21.61
N GLY B 1170 -28.17 27.94 21.77
CA GLY B 1170 -28.96 28.79 22.65
C GLY B 1170 -28.22 30.04 23.04
N ASP B 1171 -28.93 30.89 23.79
CA ASP B 1171 -28.29 32.08 24.31
C ASP B 1171 -27.41 31.71 25.51
N ALA B 1172 -26.74 32.72 26.07
CA ALA B 1172 -25.74 32.46 27.11
C ALA B 1172 -26.34 31.69 28.27
N GLU B 1173 -27.50 32.12 28.78
CA GLU B 1173 -28.03 31.43 29.95
C GLU B 1173 -28.56 30.04 29.61
N ARG B 1174 -29.07 29.85 28.39
CA ARG B 1174 -29.42 28.50 27.95
C ARG B 1174 -28.18 27.61 27.92
N ILE B 1175 -27.09 28.12 27.34
CA ILE B 1175 -25.86 27.33 27.26
C ILE B 1175 -25.38 26.93 28.66
N ARG B 1176 -25.41 27.88 29.61
CA ARG B 1176 -24.96 27.55 30.96
C ARG B 1176 -25.84 26.48 31.60
N ALA B 1177 -27.16 26.62 31.46
CA ALA B 1177 -28.07 25.64 32.03
C ALA B 1177 -27.83 24.25 31.43
N VAL B 1178 -27.64 24.18 30.12
CA VAL B 1178 -27.43 22.89 29.48
C VAL B 1178 -26.08 22.33 29.87
N ASN B 1179 -25.06 23.20 29.92
CA ASN B 1179 -23.72 22.76 30.30
C ASN B 1179 -23.73 22.18 31.70
N LYS B 1180 -24.44 22.83 32.63
CA LYS B 1180 -24.57 22.28 33.97
C LYS B 1180 -25.24 20.93 33.96
N ALA B 1181 -26.32 20.79 33.18
CA ALA B 1181 -27.02 19.51 33.13
C ALA B 1181 -26.12 18.42 32.55
N ILE B 1182 -25.32 18.77 31.53
CA ILE B 1182 -24.42 17.79 30.94
C ILE B 1182 -23.34 17.37 31.92
N ALA B 1183 -22.79 18.34 32.68
CA ALA B 1183 -21.78 17.99 33.66
C ALA B 1183 -22.33 17.03 34.71
N ALA B 1184 -23.63 17.04 34.93
CA ALA B 1184 -24.25 16.12 35.89
C ALA B 1184 -24.63 14.78 35.29
N LEU B 1185 -24.39 14.56 34.01
CA LEU B 1185 -24.70 13.25 33.44
C LEU B 1185 -23.71 12.21 33.98
N PRO B 1186 -24.18 11.00 34.28
CA PRO B 1186 -23.25 9.95 34.68
C PRO B 1186 -22.40 9.51 33.49
N GLY B 1187 -21.30 8.84 33.81
CA GLY B 1187 -20.47 8.25 32.79
C GLY B 1187 -19.40 9.20 32.31
N PRO B 1188 -19.12 9.19 31.01
CA PRO B 1188 -17.98 9.95 30.50
C PRO B 1188 -18.21 11.45 30.55
N LEU B 1189 -17.12 12.19 30.63
CA LEU B 1189 -17.19 13.64 30.54
C LEU B 1189 -17.37 14.00 29.07
N LEU B 1190 -18.42 14.76 28.77
CA LEU B 1190 -18.74 15.05 27.38
C LEU B 1190 -18.02 16.30 26.90
N LEU B 1191 -17.47 16.22 25.71
CA LEU B 1191 -16.90 17.40 25.05
C LEU B 1191 -18.06 18.17 24.44
N VAL B 1192 -18.37 19.32 25.03
CA VAL B 1192 -19.55 20.12 24.68
C VAL B 1192 -19.12 21.26 23.76
N GLN B 1193 -19.87 21.44 22.67
CA GLN B 1193 -19.72 22.60 21.80
C GLN B 1193 -21.03 23.37 21.80
N ALA B 1194 -20.94 24.68 22.01
CA ALA B 1194 -22.13 25.52 22.11
C ALA B 1194 -22.00 26.69 21.16
N ALA B 1195 -23.15 27.12 20.63
CA ALA B 1195 -23.20 28.28 19.75
C ALA B 1195 -24.59 28.89 19.91
N SER B 1196 -24.68 30.19 19.63
CA SER B 1196 -25.97 30.84 19.52
C SER B 1196 -26.58 30.58 18.16
N SER B 1197 -27.89 30.81 18.05
CA SER B 1197 -28.55 30.74 16.75
C SER B 1197 -27.91 31.69 15.75
N GLY B 1198 -27.57 32.91 16.19
CA GLY B 1198 -26.92 33.84 15.30
C GLY B 1198 -25.53 33.36 14.91
N GLU B 1199 -24.81 32.73 15.85
CA GLU B 1199 -23.49 32.20 15.54
C GLU B 1199 -23.57 31.10 14.49
N ILE B 1200 -24.57 30.22 14.61
CA ILE B 1200 -24.76 29.16 13.61
C ILE B 1200 -25.03 29.76 12.25
N ALA B 1201 -25.83 30.82 12.18
CA ALA B 1201 -26.17 31.42 10.91
C ALA B 1201 -24.95 32.10 10.27
N ARG B 1202 -24.10 32.71 11.08
CA ARG B 1202 -23.03 33.56 10.59
C ARG B 1202 -21.73 32.81 10.36
N ASN B 1203 -21.46 31.79 11.15
CA ASN B 1203 -20.15 31.14 11.18
C ASN B 1203 -20.26 29.70 10.71
N PRO B 1204 -19.76 29.36 9.52
CA PRO B 1204 -19.82 27.96 9.07
C PRO B 1204 -19.11 27.00 10.00
N ASP B 1205 -18.18 27.46 10.84
CA ASP B 1205 -17.47 26.61 11.76
C ASP B 1205 -17.92 26.83 13.20
N ALA B 1206 -19.17 27.27 13.41
CA ALA B 1206 -19.69 27.42 14.77
C ALA B 1206 -19.49 26.14 15.57
N TYR B 1207 -19.73 25.00 14.95
CA TYR B 1207 -19.38 23.70 15.52
C TYR B 1207 -18.17 23.15 14.79
N CYS B 1208 -17.15 22.81 15.55
CA CYS B 1208 -15.88 22.33 15.03
C CYS B 1208 -15.93 20.82 14.83
N LEU B 1209 -15.69 20.36 13.60
CA LEU B 1209 -15.72 18.92 13.34
C LEU B 1209 -14.52 18.21 13.95
N ASN B 1210 -13.48 18.94 14.36
CA ASN B 1210 -12.32 18.29 14.97
C ASN B 1210 -12.74 17.51 16.21
N TRP B 1211 -13.75 17.98 16.92
CA TRP B 1211 -14.09 17.37 18.19
C TRP B 1211 -15.17 16.31 18.06
N LEU B 1212 -15.68 16.09 16.85
CA LEU B 1212 -16.77 15.16 16.61
C LEU B 1212 -16.26 13.84 16.03
N VAL B 1213 -14.94 13.68 15.93
CA VAL B 1213 -14.33 12.42 15.57
C VAL B 1213 -13.51 11.95 16.77
N GLU B 1214 -13.28 10.64 16.81
CA GLU B 1214 -12.43 10.02 17.82
C GLU B 1214 -11.12 9.59 17.17
N GLU B 1215 -10.02 9.98 17.79
CA GLU B 1215 -8.70 9.55 17.37
C GLU B 1215 -8.38 8.17 17.92
N VAL B 1216 -7.83 7.32 17.08
CA VAL B 1216 -7.36 6.02 17.52
C VAL B 1216 -5.93 5.84 17.02
N SER B 1217 -5.04 5.51 17.94
CA SER B 1217 -3.66 5.18 17.63
C SER B 1217 -3.47 3.67 17.74
N ALA B 1218 -2.75 3.10 16.79
CA ALA B 1218 -2.43 1.68 16.84
C ALA B 1218 -0.95 1.50 16.53
N SER B 1219 -0.25 0.80 17.41
CA SER B 1219 1.17 0.57 17.23
C SER B 1219 1.40 -0.92 17.07
N ILE B 1220 1.90 -1.33 15.91
CA ILE B 1220 2.09 -2.74 15.57
C ILE B 1220 3.59 -3.01 15.53
N ASN B 1221 4.02 -3.96 16.35
CA ASN B 1221 5.41 -4.42 16.33
C ASN B 1221 5.58 -5.36 15.16
N THR B 1222 6.13 -4.85 14.05
CA THR B 1222 6.25 -5.67 12.86
C THR B 1222 7.50 -6.53 12.88
N ALA B 1223 8.31 -6.42 13.93
CA ALA B 1223 9.47 -7.28 14.12
C ALA B 1223 9.15 -8.49 14.98
N ALA B 1224 7.88 -8.68 15.37
CA ALA B 1224 7.56 -9.68 16.38
C ALA B 1224 7.83 -11.10 15.91
N ALA B 1225 7.82 -11.34 14.58
CA ALA B 1225 8.10 -12.68 14.08
C ALA B 1225 9.58 -13.03 14.13
N GLY B 1226 10.44 -12.09 14.49
CA GLY B 1226 11.85 -12.38 14.66
C GLY B 1226 12.77 -11.63 13.72
N GLY B 1227 12.22 -10.78 12.86
CA GLY B 1227 13.03 -9.98 11.97
C GLY B 1227 12.16 -8.91 11.35
N ASN B 1228 12.77 -8.12 10.47
CA ASN B 1228 12.16 -6.92 9.91
C ASN B 1228 12.18 -7.05 8.39
N ALA B 1229 11.01 -7.29 7.80
CA ALA B 1229 10.92 -7.47 6.35
C ALA B 1229 11.43 -6.24 5.59
N SER B 1230 11.02 -5.05 6.03
CA SER B 1230 11.39 -3.83 5.31
C SER B 1230 12.90 -3.63 5.30
N LEU B 1231 13.58 -3.96 6.40
CA LEU B 1231 15.04 -3.81 6.45
C LEU B 1231 15.77 -4.93 5.72
N MET B 1232 15.10 -6.07 5.47
CA MET B 1232 15.72 -7.10 4.64
C MET B 1232 16.02 -6.57 3.24
N ALA B 1233 15.23 -5.62 2.76
CA ALA B 1233 15.47 -5.01 1.45
C ALA B 1233 16.47 -3.86 1.50
N ILE B 1234 16.97 -3.51 2.68
CA ILE B 1234 17.90 -2.41 2.87
C ILE B 1234 19.28 -2.99 3.18
N GLY B 1235 20.27 -2.61 2.36
CA GLY B 1235 21.64 -3.02 2.58
C GLY B 1235 22.62 -2.00 2.00
PA FAD C . 18.01 11.88 -21.56
O1A FAD C . 19.49 11.63 -21.94
O2A FAD C . 17.62 11.88 -20.16
O5B FAD C . 17.04 10.90 -22.09
C5B FAD C . 15.68 10.76 -21.70
C4B FAD C . 15.00 9.86 -22.73
O4B FAD C . 15.42 8.52 -22.68
C3B FAD C . 13.52 9.75 -22.58
O3B FAD C . 12.89 10.89 -23.02
C2B FAD C . 13.21 8.57 -23.41
O2B FAD C . 13.21 8.86 -24.76
C1B FAD C . 14.38 7.70 -23.11
N9A FAD C . 14.10 6.71 -22.09
C8A FAD C . 13.81 6.90 -20.75
N7A FAD C . 13.65 5.71 -20.17
C5A FAD C . 13.82 4.71 -21.12
C6A FAD C . 13.78 3.33 -21.10
N6A FAD C . 13.51 2.62 -19.89
N1A FAD C . 14.00 2.66 -22.23
C2A FAD C . 14.29 3.26 -23.42
N3A FAD C . 14.34 4.61 -23.48
C4A FAD C . 14.13 5.35 -22.37
N1 FAD C . 10.28 14.02 -28.55
C2 FAD C . 9.46 13.40 -29.53
O2 FAD C . 9.05 12.14 -29.36
N3 FAD C . 9.06 14.08 -30.69
C4 FAD C . 9.49 15.39 -30.90
O4 FAD C . 9.09 16.02 -32.02
C4X FAD C . 10.34 16.07 -29.88
N5 FAD C . 10.70 17.47 -30.00
C5X FAD C . 11.86 17.87 -29.20
C6 FAD C . 12.61 19.09 -29.57
C7 FAD C . 13.74 19.45 -28.81
C7M FAD C . 14.50 20.70 -29.17
C8 FAD C . 14.17 18.64 -27.71
C8M FAD C . 15.40 19.04 -26.90
C9 FAD C . 13.47 17.47 -27.37
C9A FAD C . 12.28 17.10 -28.16
N10 FAD C . 11.56 15.93 -27.78
C10 FAD C . 10.70 15.38 -28.76
C1' FAD C . 11.69 15.28 -26.46
C2' FAD C . 12.81 14.25 -26.49
O2' FAD C . 12.40 13.19 -27.26
C3' FAD C . 13.24 13.71 -25.13
O3' FAD C . 12.16 13.10 -24.51
C4' FAD C . 13.83 14.73 -24.18
O4' FAD C . 14.61 15.64 -24.90
C5' FAD C . 14.70 14.09 -23.12
O5' FAD C . 15.85 13.52 -23.69
P FAD C . 17.30 14.06 -23.26
O1P FAD C . 17.55 15.60 -23.14
O2P FAD C . 18.18 13.25 -24.30
O3P FAD C . 17.40 13.19 -21.88
PA NAD D . -31.12 -12.66 -27.06
O1A NAD D . -31.81 -12.58 -25.71
O2A NAD D . -32.02 -12.09 -28.12
O5B NAD D . -30.68 -14.21 -27.42
C5B NAD D . -29.51 -14.77 -26.82
C4B NAD D . -29.63 -16.33 -27.02
O4B NAD D . -31.01 -16.80 -26.36
C3B NAD D . -29.67 -16.68 -28.28
O3B NAD D . -28.81 -17.88 -28.49
C2B NAD D . -31.15 -17.02 -28.59
O2B NAD D . -31.26 -17.94 -29.60
C1B NAD D . -31.61 -17.59 -27.25
N9A NAD D . -33.03 -17.41 -27.08
C8A NAD D . -33.98 -16.58 -27.51
N7A NAD D . -35.12 -16.97 -26.93
C5A NAD D . -34.86 -18.02 -26.12
C6A NAD D . -35.69 -18.79 -25.30
N6A NAD D . -37.12 -18.48 -25.20
N1A NAD D . -35.18 -19.79 -24.61
C2A NAD D . -33.83 -20.10 -24.70
N3A NAD D . -33.02 -19.37 -25.50
C4A NAD D . -33.55 -18.31 -26.21
O3 NAD D . -29.74 -11.79 -26.97
PN NAD D . -28.74 -11.29 -28.24
O1N NAD D . -29.55 -10.34 -29.14
O2N NAD D . -28.18 -12.45 -29.01
O5D NAD D . -27.56 -10.43 -27.49
C5D NAD D . -27.88 -9.11 -27.06
C4D NAD D . -28.21 -9.03 -25.57
O4D NAD D . -27.14 -9.88 -24.74
C3D NAD D . -28.13 -7.78 -25.12
O3D NAD D . -29.27 -7.49 -24.17
C2D NAD D . -26.83 -7.70 -24.37
O2D NAD D . -26.80 -6.71 -23.38
C1D NAD D . -26.77 -9.13 -23.76
N1N NAD D . -25.36 -9.44 -23.43
C2N NAD D . -24.95 -9.51 -22.11
C3N NAD D . -23.63 -9.80 -21.87
C7N NAD D . -23.10 -9.88 -20.39
O7N NAD D . -21.99 -10.23 -20.17
N7N NAD D . -24.01 -9.49 -19.28
C4N NAD D . -22.75 -10.03 -22.91
C5N NAD D . -23.16 -9.93 -24.21
C6N NAD D . -24.50 -9.65 -24.47
MG MG E . -32.83 -12.26 -30.06
C01 T2C F . 7.61 16.99 -28.07
C02 T2C F . 8.31 18.20 -30.03
C03 T2C F . 9.59 18.21 -29.19
C04 T2C F . 6.40 17.28 -27.19
N01 T2C F . 7.31 17.32 -29.45
O01 T2C F . 6.40 16.89 -26.00
O02 T2C F . 5.42 17.93 -27.65
S01 T2C F . 8.99 17.99 -27.49
C1 PEG G . -13.92 -3.03 0.10
O1 PEG G . -12.89 -3.96 0.31
C2 PEG G . -15.26 -3.78 0.06
O2 PEG G . -15.33 -4.75 1.06
C3 PEG G . -16.64 -5.11 1.38
C4 PEG G . -16.77 -5.35 2.87
O4 PEG G . -16.50 -4.18 3.58
S SO4 H . -3.55 -18.62 -3.31
O1 SO4 H . -4.27 -17.78 -2.35
O2 SO4 H . -2.38 -17.92 -3.79
O3 SO4 H . -3.11 -19.86 -2.67
O4 SO4 H . -4.45 -18.94 -4.42
S SO4 I . 32.93 13.45 -9.40
O1 SO4 I . 31.54 13.73 -9.06
O2 SO4 I . 33.57 14.70 -9.84
O3 SO4 I . 33.65 12.96 -8.23
O4 SO4 I . 33.02 12.45 -10.46
S SO4 J . -22.26 23.23 -12.03
O1 SO4 J . -21.40 24.13 -11.26
O2 SO4 J . -23.32 23.99 -12.67
O3 SO4 J . -22.83 22.25 -11.10
O4 SO4 J . -21.45 22.56 -13.04
S SO4 K . -33.38 -34.87 4.25
O1 SO4 K . -34.23 -33.82 4.85
O2 SO4 K . -32.40 -34.29 3.33
O3 SO4 K . -32.67 -35.55 5.33
O4 SO4 K . -34.22 -35.80 3.51
PA FAD L . 27.11 -12.10 4.12
O1A FAD L . 28.42 -11.80 3.35
O2A FAD L . 25.88 -12.11 3.38
O5B FAD L . 26.79 -11.11 5.22
C5B FAD L . 25.51 -10.94 5.79
C4B FAD L . 25.68 -10.10 7.08
O4B FAD L . 25.98 -8.76 6.79
C3B FAD L . 24.48 -10.02 7.95
O3B FAD L . 24.30 -11.14 8.71
C2B FAD L . 24.78 -8.82 8.78
O2B FAD L . 25.69 -9.09 9.79
C1B FAD L . 25.46 -7.95 7.80
N9A FAD L . 24.56 -6.97 7.22
C8A FAD L . 23.44 -7.16 6.43
N7A FAD L . 22.92 -5.98 6.10
C5A FAD L . 23.69 -4.97 6.66
C6A FAD L . 23.65 -3.58 6.64
N6A FAD L . 22.61 -2.91 5.93
N1A FAD L . 24.59 -2.89 7.31
C2A FAD L . 25.57 -3.49 7.99
N3A FAD L . 25.67 -4.85 8.02
C4A FAD L . 24.75 -5.59 7.38
N1 FAD L . 26.21 -14.33 14.42
C2 FAD L . 26.31 -13.73 15.72
O2 FAD L . 25.90 -12.46 15.88
N3 FAD L . 26.81 -14.42 16.83
C4 FAD L . 27.24 -15.74 16.70
O4 FAD L . 27.72 -16.38 17.80
C4X FAD L . 27.14 -16.40 15.36
N5 FAD L . 27.44 -17.81 15.19
C5X FAD L . 27.79 -18.18 13.84
C6 FAD L . 28.63 -19.38 13.62
C7 FAD L . 28.93 -19.75 12.29
C7M FAD L . 29.78 -20.98 12.05
C8 FAD L . 28.45 -19.00 11.18
C8M FAD L . 28.75 -19.37 9.75
C9 FAD L . 27.65 -17.86 11.40
C9A FAD L . 27.33 -17.48 12.78
N10 FAD L . 26.56 -16.27 13.00
C10 FAD L . 26.65 -15.70 14.28
C1' FAD L . 25.80 -15.59 11.93
C2' FAD L . 26.69 -14.56 11.23
O2' FAD L . 26.93 -13.50 12.08
C3' FAD L . 26.06 -14.01 9.97
O3' FAD L . 24.84 -13.40 10.28
C4' FAD L . 25.87 -15.04 8.85
O4' FAD L . 26.96 -15.90 8.80
C5' FAD L . 25.74 -14.38 7.49
O5' FAD L . 26.95 -13.76 7.14
P FAD L . 27.71 -14.28 5.83
O1P FAD L . 27.72 -15.84 5.58
O2P FAD L . 29.09 -13.54 6.01
O3P FAD L . 26.88 -13.43 4.72
PA NAD M . -5.39 12.67 40.93
O1A NAD M . -6.77 12.73 40.30
O2A NAD M . -5.38 12.14 42.33
O5B NAD M . -4.76 14.21 40.99
C5B NAD M . -4.37 14.78 39.75
C4B NAD M . -4.13 16.29 39.99
O4B NAD M . -5.55 16.95 40.33
C3B NAD M . -3.35 16.56 41.03
O3B NAD M . -2.56 17.78 40.69
C2B NAD M . -4.30 16.94 42.20
O2B NAD M . -3.76 17.76 43.16
C1B NAD M . -5.41 17.64 41.47
N9A NAD M . -6.63 17.53 42.24
C8A NAD M . -7.10 16.67 43.17
N7A NAD M . -8.34 17.10 43.51
C5A NAD M . -8.63 18.21 42.81
C6A NAD M . -9.77 19.03 42.79
N6A NAD M . -10.93 18.73 43.67
N1A NAD M . -9.81 20.08 41.99
C2A NAD M . -8.73 20.37 41.17
N3A NAD M . -7.64 19.59 41.20
C4A NAD M . -7.58 18.50 42.02
O3 NAD M . -4.42 11.82 39.98
PN NAD M . -2.88 11.27 40.33
O1N NAD M . -2.97 10.31 41.51
O2N NAD M . -1.93 12.45 40.57
O5D NAD M . -2.50 10.46 38.97
C5D NAD M . -3.00 9.15 38.74
C4D NAD M . -4.28 9.15 37.90
O4D NAD M . -4.00 9.98 36.56
C3D NAD M . -4.65 7.93 37.51
O3D NAD M . -6.16 7.86 37.47
C2D NAD M . -4.17 7.81 36.09
O2D NAD M . -4.86 6.88 35.31
C1D NAD M . -4.46 9.26 35.61
N1N NAD M . -3.62 9.51 34.43
C2N NAD M . -4.16 9.64 33.17
C3N NAD M . -3.30 9.84 32.12
C7N NAD M . -3.84 9.99 30.65
O7N NAD M . -3.10 10.37 29.81
N7N NAD M . -5.24 9.65 30.32
C4N NAD M . -1.95 9.96 32.34
C5N NAD M . -1.40 9.77 33.59
C6N NAD M . -2.27 9.57 34.66
MG MG N . -4.70 12.25 44.25
C01 T2C O . 23.95 -17.40 15.91
C02 T2C O . 25.83 -18.53 16.91
C03 T2C O . 26.16 -18.64 15.42
C04 T2C O . 22.46 -17.67 16.04
N01 T2C O . 24.62 -17.73 17.14
O01 T2C O . 22.04 -18.36 17.02
O02 T2C O . 21.66 -17.22 15.18
S01 T2C O . 24.57 -18.45 14.56
C1 PGE P . -10.35 4.00 8.59
O1 PGE P . -9.65 2.81 8.74
C2 PGE P . -11.55 4.07 9.53
O2 PGE P . -12.44 5.06 9.09
C3 PGE P . -13.63 5.18 9.81
C4 PGE P . -14.70 5.79 8.92
O4 PGE P . -14.01 4.48 4.65
C6 PGE P . -15.11 4.48 5.50
C5 PGE P . -14.92 5.55 6.58
O3 PGE P . -14.98 4.94 7.84
S SO4 Q . -0.01 18.57 4.94
O1 SO4 Q . 0.11 18.86 6.37
O2 SO4 Q . -0.11 19.83 4.18
O3 SO4 Q . 1.16 17.83 4.51
O4 SO4 Q . -1.21 17.76 4.78
S SO4 R . -23.93 35.78 20.30
O1 SO4 R . -24.76 36.98 20.37
O2 SO4 R . -22.53 36.13 20.53
O3 SO4 R . -24.36 34.84 21.32
O4 SO4 R . -24.07 35.19 18.98
S SO4 S . 30.00 -13.34 -15.00
O1 SO4 S . 30.65 -12.66 -13.89
O2 SO4 S . 30.06 -12.48 -16.18
O3 SO4 S . 30.69 -14.60 -15.26
O4 SO4 S . 28.61 -13.61 -14.67
S SO4 T . 21.96 -46.19 17.31
O1 SO4 T . 21.40 -45.61 16.10
O2 SO4 T . 23.04 -45.34 17.80
O3 SO4 T . 22.50 -47.52 17.02
O4 SO4 T . 20.91 -46.31 18.32
#